data_6D6W
#
_entry.id   6D6W
#
_cell.length_a   134.175
_cell.length_b   133.920
_cell.length_c   163.436
_cell.angle_alpha   90.00
_cell.angle_beta   100.31
_cell.angle_gamma   90.00
#
_symmetry.space_group_name_H-M   'C 1 2 1'
#
loop_
_entity.id
_entity.type
_entity.pdbx_description
1 polymer Beta-galactosidase/beta-glucuronidase
2 non-polymer 'alpha-D-glucopyranuronic acid'
3 non-polymer GLYCEROL
4 non-polymer 'CHLORIDE ION'
5 water water
#
_entity_poly.entity_id   1
_entity_poly.type   'polypeptide(L)'
_entity_poly.pdbx_seq_one_letter_code
;MKTLLKNSLTFLLMLMPVLAFAQQAPQIMNVSARQTTSLDGQWKTIVDPFENGYYDYRLKPYDGGYAQDKTYSDKTKLQE
YDFETDKLLFVPGDWNTQRPQLYYYEGTVWYRKHFEYSLQPGKRLFLNFGAVNYEAIVWLNGKRLGRHIGGFTPFNFEIT
NLLKEGTNSLVVKVDNKRLPEAVPTVNADWWNFGGITRPVTLIEMPATYIRDYYVQLAKDDKNMIEGWVQLEGSDKEQKI
TLDIPELKVKKEVTTDANGYASFLIKSKPILWTPENPKLYAVNLASETDKVSDEIGFRTIRTEGIKILLNDKEIFCRGIS
IHEETPYYSGRAYSKDHAHTLLSWAKELGCNFVRLAHYPHNEEMVREAERMGFLVWSEIPVYWTIHWENKDTYQNAEQQL
CDMIARDKNRCNIIIWSIANETPHSKTRLTFLSNLANKARSLDSVRLIGAAMEKEEVQPGVLTVNDPLGELLDIISFNEY
VGWYDGDSEKCDRVNWTFDTQKPVFISELGGGALYGHHGSPKERFTEEYQEDLYIRHVNMLKRIPGLAGTTPWILKDFRS
PRRHVPEIQDDFNRKGLVSDKGQKKKAFFVLQKWYKELTEAYK
;
_entity_poly.pdbx_strand_id   A,B,C,D
#
# COMPACT_ATOMS: atom_id res chain seq x y z
N ALA A 25 65.08 -0.45 10.23
CA ALA A 25 65.23 0.85 10.90
C ALA A 25 64.86 2.04 10.00
N PRO A 26 65.27 2.03 8.73
CA PRO A 26 64.87 3.12 7.84
C PRO A 26 63.40 2.99 7.46
N GLN A 27 62.84 4.09 6.94
CA GLN A 27 61.45 4.07 6.53
C GLN A 27 61.27 3.15 5.32
N ILE A 28 60.05 2.59 5.20
CA ILE A 28 59.70 1.71 4.09
C ILE A 28 58.58 2.38 3.29
N MET A 29 58.80 2.54 1.98
CA MET A 29 57.80 3.16 1.13
C MET A 29 56.63 2.20 0.91
N ASN A 30 55.42 2.73 0.98
CA ASN A 30 54.23 2.00 0.55
C ASN A 30 54.09 0.68 1.31
N VAL A 31 54.01 0.79 2.65
CA VAL A 31 53.93 -0.39 3.50
C VAL A 31 52.75 -1.27 3.12
N SER A 32 51.60 -0.66 2.79
CA SER A 32 50.38 -1.45 2.61
C SER A 32 50.50 -2.43 1.45
N ALA A 33 51.39 -2.18 0.50
CA ALA A 33 51.56 -3.04 -0.67
C ALA A 33 52.62 -4.13 -0.47
N ARG A 34 53.19 -4.26 0.73
CA ARG A 34 54.18 -5.29 1.01
C ARG A 34 53.48 -6.52 1.57
N GLN A 35 54.28 -7.55 1.90
CA GLN A 35 53.72 -8.73 2.55
C GLN A 35 53.55 -8.39 4.02
N THR A 36 52.33 -8.08 4.43
CA THR A 36 52.06 -7.58 5.75
C THR A 36 51.23 -8.57 6.55
N THR A 37 51.37 -8.50 7.88
CA THR A 37 50.54 -9.23 8.83
C THR A 37 50.24 -8.29 9.98
N SER A 38 48.97 -8.19 10.37
CA SER A 38 48.59 -7.25 11.41
C SER A 38 48.80 -7.83 12.80
N LEU A 39 49.29 -7.01 13.72
CA LEU A 39 49.34 -7.34 15.14
C LEU A 39 48.27 -6.63 15.94
N ASP A 40 47.30 -6.01 15.28
CA ASP A 40 46.27 -5.24 15.95
C ASP A 40 45.28 -6.16 16.67
N GLY A 41 44.50 -5.54 17.57
CA GLY A 41 43.46 -6.23 18.29
C GLY A 41 43.30 -5.63 19.67
N GLN A 42 43.46 -6.45 20.70
CA GLN A 42 43.48 -6.00 22.08
C GLN A 42 44.73 -6.57 22.75
N TRP A 43 45.50 -5.69 23.39
CA TRP A 43 46.75 -6.07 24.04
C TRP A 43 46.59 -5.91 25.55
N LYS A 44 47.36 -6.66 26.31
CA LYS A 44 47.40 -6.48 27.76
C LYS A 44 48.18 -5.21 28.11
N THR A 45 47.76 -4.53 29.17
CA THR A 45 48.26 -3.18 29.46
C THR A 45 48.41 -2.99 30.96
N ILE A 46 49.35 -2.12 31.33
CA ILE A 46 49.55 -1.68 32.70
C ILE A 46 49.68 -0.16 32.70
N VAL A 47 48.79 0.53 33.40
CA VAL A 47 48.96 1.97 33.63
C VAL A 47 50.00 2.17 34.73
N ASP A 48 50.98 3.05 34.48
CA ASP A 48 52.17 3.15 35.33
C ASP A 48 52.56 4.61 35.52
N PRO A 49 51.77 5.37 36.30
CA PRO A 49 52.01 6.82 36.37
C PRO A 49 53.40 7.20 36.86
N PHE A 50 53.95 6.45 37.82
CA PHE A 50 55.26 6.78 38.39
C PHE A 50 56.38 5.99 37.74
N GLU A 51 56.10 5.27 36.66
CA GLU A 51 57.12 4.54 35.90
C GLU A 51 57.86 3.53 36.79
N ASN A 52 57.10 2.87 37.66
CA ASN A 52 57.65 1.81 38.49
C ASN A 52 58.20 0.66 37.64
N GLY A 53 57.65 0.46 36.45
CA GLY A 53 58.14 -0.59 35.58
C GLY A 53 59.47 -0.29 34.92
N TYR A 54 59.97 0.93 35.07
CA TYR A 54 61.21 1.34 34.43
C TYR A 54 62.28 1.77 35.42
N TYR A 55 61.91 2.45 36.50
CA TYR A 55 62.85 2.97 37.48
C TYR A 55 62.61 2.32 38.83
N ASP A 56 63.69 2.01 39.56
CA ASP A 56 63.56 1.57 40.95
C ASP A 56 63.47 2.80 41.85
N TYR A 57 63.38 2.56 43.17
CA TYR A 57 63.12 3.66 44.09
C TYR A 57 64.30 4.61 44.23
N ARG A 58 65.46 4.27 43.68
CA ARG A 58 66.57 5.22 43.57
C ARG A 58 66.51 5.98 42.24
N LEU A 59 65.41 5.84 41.50
CA LEU A 59 65.23 6.45 40.19
C LEU A 59 66.22 5.91 39.17
N LYS A 60 66.62 4.64 39.31
CA LYS A 60 67.57 4.07 38.37
C LYS A 60 66.93 2.96 37.55
N PRO A 61 67.22 2.90 36.24
CA PRO A 61 66.79 1.73 35.46
C PRO A 61 67.18 0.44 36.17
N TYR A 62 66.35 -0.59 36.01
CA TYR A 62 66.61 -1.86 36.67
C TYR A 62 66.17 -3.00 35.77
N ASP A 63 66.94 -4.08 35.77
CA ASP A 63 66.51 -5.32 35.14
C ASP A 63 65.50 -6.01 36.05
N GLY A 64 64.53 -6.66 35.44
CA GLY A 64 63.36 -7.13 36.15
C GLY A 64 62.18 -6.20 36.02
N GLY A 65 62.33 -5.10 35.32
CA GLY A 65 61.19 -4.28 34.96
C GLY A 65 60.24 -4.97 34.01
N TYR A 66 59.15 -4.27 33.71
CA TYR A 66 58.03 -4.85 32.99
C TYR A 66 58.42 -5.25 31.57
N ALA A 67 59.48 -4.67 30.99
CA ALA A 67 59.88 -5.05 29.64
C ALA A 67 60.17 -6.54 29.52
N GLN A 68 60.47 -7.21 30.64
CA GLN A 68 60.75 -8.63 30.61
C GLN A 68 59.49 -9.47 30.47
N ASP A 69 58.31 -8.90 30.73
CA ASP A 69 57.02 -9.56 30.46
C ASP A 69 56.98 -10.95 31.11
N LYS A 70 57.34 -11.01 32.39
CA LYS A 70 57.37 -12.28 33.12
C LYS A 70 55.98 -12.56 33.67
N THR A 71 55.35 -13.62 33.17
CA THR A 71 54.07 -14.03 33.74
C THR A 71 54.28 -14.47 35.20
N TYR A 72 53.41 -13.99 36.09
CA TYR A 72 53.58 -14.21 37.53
C TYR A 72 52.95 -15.54 37.91
N SER A 73 53.59 -16.60 37.41
CA SER A 73 53.07 -17.95 37.60
C SER A 73 53.47 -18.52 38.97
N ASP A 74 54.68 -18.19 39.43
CA ASP A 74 55.27 -18.80 40.63
C ASP A 74 55.13 -17.83 41.79
N LYS A 75 54.07 -18.01 42.57
CA LYS A 75 53.77 -17.07 43.65
C LYS A 75 54.68 -17.24 44.88
N THR A 76 55.63 -18.18 44.86
CA THR A 76 56.61 -18.18 45.95
C THR A 76 57.68 -17.11 45.76
N LYS A 77 57.73 -16.48 44.60
CA LYS A 77 58.62 -15.35 44.35
C LYS A 77 57.82 -14.04 44.37
N LEU A 78 58.51 -12.95 44.68
CA LEU A 78 57.85 -11.63 44.73
C LEU A 78 57.97 -10.88 43.40
N GLN A 79 56.83 -10.46 42.86
CA GLN A 79 56.71 -9.62 41.68
C GLN A 79 55.62 -8.59 41.93
N GLU A 80 55.70 -7.43 41.25
CA GLU A 80 54.76 -6.34 41.49
C GLU A 80 53.83 -6.08 40.30
N TYR A 81 53.78 -6.98 39.32
CA TYR A 81 52.99 -6.80 38.12
C TYR A 81 52.69 -8.16 37.50
N ASP A 82 51.75 -8.17 36.56
CA ASP A 82 51.45 -9.38 35.77
C ASP A 82 50.63 -8.93 34.54
N PHE A 83 51.30 -8.81 33.39
CA PHE A 83 50.54 -8.52 32.16
C PHE A 83 49.44 -9.56 31.95
N GLU A 84 49.71 -10.82 32.28
CA GLU A 84 48.85 -11.92 31.85
C GLU A 84 47.45 -11.81 32.43
N THR A 85 47.29 -11.22 33.62
CA THR A 85 45.97 -11.06 34.25
C THR A 85 45.52 -9.61 34.31
N ASP A 86 46.18 -8.69 33.58
CA ASP A 86 45.80 -7.29 33.64
C ASP A 86 44.77 -6.96 32.55
N LYS A 87 44.44 -5.69 32.41
CA LYS A 87 43.34 -5.30 31.55
C LYS A 87 43.80 -5.10 30.09
N LEU A 88 42.83 -5.07 29.19
CA LEU A 88 43.06 -4.89 27.76
C LEU A 88 42.92 -3.42 27.32
N LEU A 89 43.61 -3.07 26.23
CA LEU A 89 43.28 -1.90 25.41
C LEU A 89 43.24 -2.29 23.94
N PHE A 90 42.37 -1.62 23.19
CA PHE A 90 42.37 -1.77 21.74
C PHE A 90 43.61 -1.13 21.14
N VAL A 91 44.19 -1.84 20.16
CA VAL A 91 45.30 -1.34 19.36
C VAL A 91 44.89 -1.57 17.91
N PRO A 92 44.84 -0.53 17.06
CA PRO A 92 45.16 0.89 17.34
C PRO A 92 44.08 1.65 18.09
N GLY A 93 44.50 2.74 18.72
CA GLY A 93 43.57 3.65 19.33
C GLY A 93 44.23 4.55 20.35
N ASP A 94 43.63 5.72 20.56
CA ASP A 94 43.94 6.47 21.77
C ASP A 94 43.47 5.67 22.97
N TRP A 95 44.12 5.88 24.12
CA TRP A 95 43.60 5.28 25.35
C TRP A 95 42.53 6.14 26.01
N ASN A 96 42.45 7.42 25.66
CA ASN A 96 41.64 8.35 26.43
C ASN A 96 40.15 8.04 26.33
N THR A 97 39.67 7.66 25.15
CA THR A 97 38.25 7.34 24.99
C THR A 97 37.91 5.91 25.36
N GLN A 98 38.90 5.11 25.80
CA GLN A 98 38.68 3.70 26.10
C GLN A 98 38.29 3.43 27.56
N ARG A 99 38.71 4.27 28.50
CA ARG A 99 38.35 4.12 29.90
C ARG A 99 38.15 5.51 30.48
N PRO A 100 37.09 5.72 31.28
CA PRO A 100 36.98 7.03 31.97
C PRO A 100 38.25 7.42 32.71
N GLN A 101 38.90 6.47 33.38
CA GLN A 101 40.13 6.79 34.12
C GLN A 101 41.24 7.31 33.22
N LEU A 102 41.20 7.02 31.91
CA LEU A 102 42.28 7.46 31.03
C LEU A 102 41.93 8.70 30.22
N TYR A 103 40.74 9.27 30.44
CA TYR A 103 40.28 10.43 29.68
C TYR A 103 41.32 11.56 29.65
N TYR A 104 41.83 11.94 30.82
CA TYR A 104 42.85 12.99 30.95
C TYR A 104 44.27 12.45 31.10
N TYR A 105 44.47 11.15 30.99
CA TYR A 105 45.72 10.58 31.47
C TYR A 105 46.91 11.01 30.62
N GLU A 106 47.92 11.54 31.29
CA GLU A 106 49.21 11.87 30.69
C GLU A 106 50.28 11.14 31.48
N GLY A 107 51.03 10.28 30.82
CA GLY A 107 51.96 9.42 31.54
C GLY A 107 52.22 8.16 30.75
N THR A 108 52.71 7.13 31.44
CA THR A 108 53.10 5.89 30.79
C THR A 108 52.00 4.85 30.89
N VAL A 109 51.72 4.16 29.78
CA VAL A 109 50.99 2.91 29.79
C VAL A 109 51.83 1.86 29.06
N TRP A 110 52.01 0.69 29.68
CA TRP A 110 52.71 -0.43 29.06
C TRP A 110 51.73 -1.25 28.23
N TYR A 111 52.15 -1.62 27.02
CA TYR A 111 51.38 -2.47 26.13
C TYR A 111 52.16 -3.74 25.92
N ARG A 112 51.47 -4.87 25.82
CA ARG A 112 52.14 -6.16 25.67
C ARG A 112 51.34 -7.07 24.73
N LYS A 113 52.03 -7.62 23.72
CA LYS A 113 51.46 -8.54 22.74
C LYS A 113 52.31 -9.81 22.70
N HIS A 114 51.67 -10.98 22.64
CA HIS A 114 52.35 -12.22 22.30
C HIS A 114 52.00 -12.61 20.86
N PHE A 115 52.97 -13.13 20.13
CA PHE A 115 52.67 -13.49 18.75
C PHE A 115 53.64 -14.56 18.29
N GLU A 116 53.22 -15.27 17.24
CA GLU A 116 54.06 -16.25 16.57
C GLU A 116 54.16 -15.87 15.10
N TYR A 117 55.31 -16.17 14.51
CA TYR A 117 55.53 -15.92 13.08
C TYR A 117 56.56 -16.92 12.58
N SER A 118 56.26 -17.55 11.45
CA SER A 118 57.16 -18.52 10.82
C SER A 118 57.86 -17.80 9.66
N LEU A 119 59.13 -17.46 9.87
CA LEU A 119 59.93 -16.75 8.88
C LEU A 119 60.87 -17.73 8.18
N GLN A 120 60.75 -17.85 6.86
CA GLN A 120 61.64 -18.73 6.12
C GLN A 120 63.08 -18.22 6.21
N PRO A 121 64.06 -19.10 6.38
CA PRO A 121 65.46 -18.65 6.42
C PRO A 121 65.79 -17.80 5.20
N GLY A 122 66.47 -16.67 5.43
CA GLY A 122 66.85 -15.76 4.36
C GLY A 122 65.94 -14.56 4.19
N LYS A 123 64.65 -14.70 4.52
CA LYS A 123 63.73 -13.58 4.44
C LYS A 123 63.91 -12.64 5.64
N ARG A 124 63.52 -11.39 5.46
CA ARG A 124 63.67 -10.40 6.53
C ARG A 124 62.30 -9.97 7.06
N LEU A 125 62.29 -9.53 8.31
CA LEU A 125 61.04 -9.19 8.99
C LEU A 125 61.20 -7.85 9.69
N PHE A 126 60.21 -6.98 9.52
CA PHE A 126 60.24 -5.63 10.07
C PHE A 126 58.98 -5.41 10.90
N LEU A 127 59.15 -4.71 12.02
CA LEU A 127 58.04 -4.33 12.87
C LEU A 127 57.77 -2.84 12.65
N ASN A 128 56.60 -2.51 12.12
CA ASN A 128 56.26 -1.15 11.73
C ASN A 128 55.15 -0.62 12.63
N PHE A 129 55.38 0.55 13.22
CA PHE A 129 54.37 1.28 13.97
C PHE A 129 53.89 2.46 13.14
N GLY A 130 52.60 2.49 12.84
CA GLY A 130 52.05 3.62 12.11
C GLY A 130 52.20 4.93 12.85
N ALA A 131 52.10 4.89 14.19
CA ALA A 131 52.25 6.06 15.03
C ALA A 131 52.03 5.68 16.48
N VAL A 132 52.83 6.26 17.39
CA VAL A 132 52.66 6.12 18.84
C VAL A 132 52.91 7.48 19.47
N ASN A 133 51.94 8.00 20.19
CA ASN A 133 52.08 9.30 20.83
C ASN A 133 52.31 9.09 22.33
N TYR A 134 53.42 9.61 22.87
CA TYR A 134 54.40 10.47 22.17
C TYR A 134 55.77 9.81 22.11
N GLU A 135 56.20 9.24 23.22
CA GLU A 135 57.46 8.51 23.29
C GLU A 135 57.16 7.02 23.38
N ALA A 136 57.81 6.24 22.51
CA ALA A 136 57.71 4.79 22.50
C ALA A 136 59.08 4.17 22.75
N ILE A 137 59.14 3.23 23.69
CA ILE A 137 60.30 2.35 23.86
C ILE A 137 59.81 0.92 23.67
N VAL A 138 60.53 0.16 22.85
CA VAL A 138 60.05 -1.12 22.33
C VAL A 138 61.06 -2.19 22.67
N TRP A 139 60.57 -3.31 23.22
CA TRP A 139 61.35 -4.51 23.47
C TRP A 139 60.72 -5.68 22.75
N LEU A 140 61.56 -6.60 22.28
CA LEU A 140 61.12 -7.89 21.79
C LEU A 140 61.88 -8.97 22.55
N ASN A 141 61.16 -9.92 23.13
CA ASN A 141 61.76 -11.00 23.92
C ASN A 141 62.74 -10.45 24.97
N GLY A 142 62.35 -9.37 25.65
CA GLY A 142 63.16 -8.78 26.69
C GLY A 142 64.33 -7.93 26.24
N LYS A 143 64.56 -7.83 24.92
CA LYS A 143 65.68 -7.04 24.38
C LYS A 143 65.15 -5.73 23.82
N ARG A 144 65.82 -4.63 24.15
CA ARG A 144 65.36 -3.31 23.70
C ARG A 144 65.66 -3.16 22.22
N LEU A 145 64.61 -2.90 21.42
CA LEU A 145 64.80 -2.61 20.00
C LEU A 145 65.14 -1.14 19.76
N GLY A 146 64.57 -0.23 20.54
CA GLY A 146 64.90 1.16 20.38
C GLY A 146 63.79 2.04 20.93
N ARG A 147 63.84 3.31 20.52
CA ARG A 147 63.03 4.38 21.09
C ARG A 147 62.66 5.37 19.99
N HIS A 148 61.45 5.94 20.11
CA HIS A 148 60.96 6.89 19.12
C HIS A 148 60.28 8.07 19.80
N ILE A 149 60.47 9.26 19.23
CA ILE A 149 59.83 10.48 19.69
C ILE A 149 59.09 11.10 18.52
N GLY A 150 57.96 11.75 18.82
CA GLY A 150 57.08 12.27 17.78
C GLY A 150 55.87 11.36 17.61
N GLY A 151 54.67 11.87 17.85
CA GLY A 151 53.50 11.02 17.92
C GLY A 151 52.71 10.79 16.64
N PHE A 152 53.17 11.30 15.49
CA PHE A 152 52.35 11.21 14.29
C PHE A 152 53.14 10.71 13.09
N THR A 153 54.30 10.11 13.29
CA THR A 153 55.11 9.64 12.18
C THR A 153 55.53 8.20 12.43
N PRO A 154 55.61 7.40 11.37
CA PRO A 154 55.82 5.96 11.54
C PRO A 154 57.27 5.67 11.87
N PHE A 155 57.52 4.44 12.33
CA PHE A 155 58.88 4.00 12.57
C PHE A 155 58.91 2.48 12.56
N ASN A 156 60.10 1.95 12.28
CA ASN A 156 60.31 0.52 12.07
C ASN A 156 61.50 0.01 12.85
N PHE A 157 61.44 -1.27 13.19
CA PHE A 157 62.60 -2.03 13.67
C PHE A 157 62.71 -3.32 12.87
N GLU A 158 63.92 -3.74 12.57
CA GLU A 158 64.11 -5.06 11.95
C GLU A 158 64.25 -6.11 13.04
N ILE A 159 63.48 -7.19 12.93
CA ILE A 159 63.48 -8.22 13.97
C ILE A 159 63.85 -9.59 13.41
N THR A 160 64.46 -9.59 12.22
CA THR A 160 64.83 -10.83 11.53
C THR A 160 65.56 -11.80 12.44
N ASN A 161 66.63 -11.35 13.07
CA ASN A 161 67.50 -12.21 13.85
C ASN A 161 67.07 -12.32 15.31
N LEU A 162 65.98 -11.66 15.70
CA LEU A 162 65.51 -11.69 17.07
C LEU A 162 64.27 -12.54 17.26
N LEU A 163 63.55 -12.83 16.18
CA LEU A 163 62.37 -13.67 16.23
C LEU A 163 62.74 -15.05 16.75
N LYS A 164 61.93 -15.58 17.66
CA LYS A 164 62.14 -16.93 18.15
C LYS A 164 61.01 -17.84 17.67
N GLU A 165 61.27 -19.13 17.68
CA GLU A 165 60.21 -20.09 17.45
C GLU A 165 59.26 -20.10 18.65
N GLY A 166 58.00 -20.39 18.39
CA GLY A 166 57.02 -20.35 19.45
C GLY A 166 56.60 -18.92 19.76
N THR A 167 56.28 -18.68 21.03
CA THR A 167 55.76 -17.39 21.46
C THR A 167 56.85 -16.33 21.46
N ASN A 168 56.54 -15.17 20.87
CA ASN A 168 57.37 -13.99 20.97
C ASN A 168 56.65 -12.94 21.80
N SER A 169 57.42 -12.16 22.54
CA SER A 169 56.88 -11.16 23.45
C SER A 169 57.26 -9.79 22.94
N LEU A 170 56.26 -8.95 22.70
CA LEU A 170 56.46 -7.56 22.25
C LEU A 170 55.91 -6.64 23.31
N VAL A 171 56.76 -5.75 23.84
CA VAL A 171 56.38 -4.83 24.91
C VAL A 171 56.71 -3.42 24.47
N VAL A 172 55.75 -2.51 24.63
CA VAL A 172 55.93 -1.10 24.26
C VAL A 172 55.57 -0.25 25.47
N LYS A 173 56.52 0.58 25.92
CA LYS A 173 56.27 1.58 26.95
C LYS A 173 55.89 2.88 26.24
N VAL A 174 54.63 3.28 26.37
CA VAL A 174 54.10 4.45 25.70
C VAL A 174 53.89 5.55 26.73
N ASP A 175 54.39 6.75 26.44
CA ASP A 175 54.28 7.89 27.35
C ASP A 175 53.88 9.12 26.55
N ASN A 176 52.85 9.82 27.03
CA ASN A 176 52.36 11.04 26.39
C ASN A 176 52.47 12.26 27.29
N LYS A 177 53.36 12.23 28.29
CA LYS A 177 53.59 13.45 29.06
C LYS A 177 54.00 14.60 28.15
N ARG A 178 53.46 15.80 28.42
CA ARG A 178 53.87 17.00 27.69
C ARG A 178 55.22 17.48 28.19
N LEU A 179 56.12 17.79 27.26
CA LEU A 179 57.46 18.26 27.56
C LEU A 179 57.67 19.64 26.96
N PRO A 180 58.24 20.59 27.69
CA PRO A 180 58.50 21.90 27.09
C PRO A 180 59.29 21.82 25.80
N GLU A 181 60.29 20.94 25.74
CA GLU A 181 61.20 20.84 24.58
C GLU A 181 60.63 20.00 23.44
N ALA A 182 59.45 19.41 23.59
CA ALA A 182 58.93 18.50 22.59
C ALA A 182 58.32 19.27 21.41
N VAL A 183 58.04 18.53 20.35
CA VAL A 183 57.28 19.03 19.20
C VAL A 183 56.04 18.14 19.08
N PRO A 184 54.85 18.59 19.45
CA PRO A 184 54.50 19.93 19.96
C PRO A 184 54.83 20.12 21.45
N THR A 185 54.66 21.33 21.94
CA THR A 185 55.10 21.63 23.30
C THR A 185 53.92 21.50 24.28
N VAL A 186 54.01 22.17 25.44
CA VAL A 186 53.09 21.92 26.54
C VAL A 186 51.74 22.61 26.36
N ASN A 187 51.51 23.28 25.25
CA ASN A 187 50.23 23.95 25.04
C ASN A 187 49.83 23.75 23.59
N ALA A 188 48.61 23.23 23.38
CA ALA A 188 48.01 23.10 22.05
C ALA A 188 46.52 23.04 22.24
N ASP A 189 45.77 23.28 21.16
CA ASP A 189 44.31 23.29 21.24
C ASP A 189 43.69 21.99 20.75
N TRP A 190 44.28 20.84 21.06
CA TRP A 190 43.64 19.57 20.76
C TRP A 190 44.01 18.58 21.86
N TRP A 191 43.25 17.47 21.90
CA TRP A 191 43.39 16.52 23.01
C TRP A 191 44.73 15.79 22.97
N ASN A 192 45.31 15.57 24.15
CA ASN A 192 46.54 14.81 24.26
C ASN A 192 46.17 13.33 24.25
N PHE A 193 45.89 12.83 23.04
CA PHE A 193 45.57 11.42 22.77
C PHE A 193 46.84 10.58 22.86
N GLY A 194 46.99 9.80 23.94
CA GLY A 194 48.13 8.91 24.06
C GLY A 194 47.82 7.50 23.58
N GLY A 195 48.87 6.75 23.24
CA GLY A 195 48.81 5.32 23.01
C GLY A 195 49.36 4.91 21.65
N ILE A 196 49.17 3.62 21.32
CA ILE A 196 49.52 3.13 19.99
C ILE A 196 48.35 3.47 19.07
N THR A 197 48.41 4.63 18.40
CA THR A 197 47.24 5.23 17.79
C THR A 197 47.01 4.79 16.35
N ARG A 198 47.98 4.13 15.72
CA ARG A 198 47.81 3.61 14.38
C ARG A 198 48.28 2.17 14.34
N PRO A 199 47.91 1.44 13.28
CA PRO A 199 48.14 -0.02 13.26
C PRO A 199 49.60 -0.40 13.47
N VAL A 200 49.79 -1.62 13.98
CA VAL A 200 51.10 -2.24 14.11
C VAL A 200 51.15 -3.39 13.11
N THR A 201 52.22 -3.46 12.32
CA THR A 201 52.27 -4.37 11.20
C THR A 201 53.63 -5.07 11.15
N LEU A 202 53.61 -6.39 10.91
CA LEU A 202 54.83 -7.11 10.53
C LEU A 202 54.97 -7.09 9.01
N ILE A 203 56.15 -6.72 8.54
CA ILE A 203 56.44 -6.63 7.10
C ILE A 203 57.54 -7.63 6.78
N GLU A 204 57.25 -8.57 5.88
CA GLU A 204 58.24 -9.52 5.41
C GLU A 204 58.81 -9.02 4.08
N MET A 205 60.14 -9.07 3.95
CA MET A 205 60.86 -8.61 2.77
C MET A 205 61.84 -9.67 2.29
N PRO A 206 62.12 -9.71 0.97
CA PRO A 206 63.26 -10.49 0.48
C PRO A 206 64.57 -9.94 1.03
N ALA A 207 65.63 -10.75 0.90
CA ALA A 207 66.92 -10.42 1.51
C ALA A 207 67.45 -9.06 1.04
N THR A 208 67.26 -8.72 -0.24
CA THR A 208 67.48 -7.38 -0.75
C THR A 208 66.13 -6.87 -1.27
N TYR A 209 65.69 -5.70 -0.80
CA TYR A 209 64.35 -5.25 -1.12
C TYR A 209 64.37 -3.80 -1.59
N ILE A 210 63.27 -3.41 -2.25
CA ILE A 210 63.08 -2.04 -2.69
C ILE A 210 62.53 -1.28 -1.48
N ARG A 211 63.36 -0.45 -0.86
CA ARG A 211 62.92 0.23 0.34
C ARG A 211 62.20 1.54 0.05
N ASP A 212 62.60 2.26 -0.99
CA ASP A 212 62.11 3.61 -1.22
C ASP A 212 62.14 3.88 -2.72
N TYR A 213 61.25 4.76 -3.17
CA TYR A 213 61.22 5.14 -4.58
C TYR A 213 60.38 6.41 -4.72
N TYR A 214 60.60 7.09 -5.83
CA TYR A 214 59.92 8.34 -6.17
C TYR A 214 59.54 8.28 -7.64
N VAL A 215 58.28 8.56 -7.95
CA VAL A 215 57.80 8.63 -9.34
C VAL A 215 56.79 9.76 -9.48
N GLN A 216 57.20 10.87 -10.10
CA GLN A 216 56.36 12.05 -10.24
C GLN A 216 56.75 12.77 -11.52
N LEU A 217 55.96 13.77 -11.89
CA LEU A 217 56.35 14.65 -12.99
C LEU A 217 57.52 15.52 -12.58
N ALA A 218 58.44 15.74 -13.51
CA ALA A 218 59.43 16.78 -13.31
C ALA A 218 58.75 18.11 -13.02
N LYS A 219 59.45 18.99 -12.34
CA LYS A 219 58.88 20.30 -12.00
C LYS A 219 58.38 20.99 -13.27
N ASP A 220 57.12 21.41 -13.24
CA ASP A 220 56.54 22.25 -14.30
C ASP A 220 56.61 21.58 -15.68
N ASP A 221 56.60 20.24 -15.74
CA ASP A 221 56.79 19.55 -17.02
C ASP A 221 55.76 18.43 -17.17
N LYS A 222 54.70 18.69 -17.93
CA LYS A 222 53.65 17.71 -18.19
C LYS A 222 54.12 16.54 -19.05
N ASN A 223 55.34 16.60 -19.60
CA ASN A 223 55.77 15.63 -20.60
C ASN A 223 56.96 14.83 -20.13
N MET A 224 57.25 14.85 -18.82
CA MET A 224 58.45 14.17 -18.31
C MET A 224 58.17 13.61 -16.92
N ILE A 225 58.29 12.30 -16.78
CA ILE A 225 58.24 11.62 -15.49
C ILE A 225 59.67 11.44 -14.99
N GLU A 226 59.92 11.85 -13.75
CA GLU A 226 61.23 11.65 -13.15
C GLU A 226 61.10 10.81 -11.88
N GLY A 227 62.17 10.11 -11.52
CA GLY A 227 62.08 9.31 -10.32
C GLY A 227 63.40 8.63 -10.00
N TRP A 228 63.36 7.84 -8.94
CA TRP A 228 64.52 7.11 -8.47
C TRP A 228 64.03 5.97 -7.60
N VAL A 229 64.90 4.99 -7.42
CA VAL A 229 64.61 3.76 -6.70
C VAL A 229 65.81 3.46 -5.80
N GLN A 230 65.54 2.93 -4.61
CA GLN A 230 66.60 2.71 -3.62
C GLN A 230 66.43 1.32 -3.01
N LEU A 231 67.43 0.46 -3.19
CA LEU A 231 67.42 -0.89 -2.67
C LEU A 231 68.14 -0.95 -1.33
N GLU A 232 67.84 -2.00 -0.58
CA GLU A 232 68.42 -2.21 0.75
C GLU A 232 68.78 -3.68 0.88
N GLY A 233 70.06 -3.98 1.09
CA GLY A 233 70.50 -5.35 1.25
C GLY A 233 71.90 -5.54 0.71
N SER A 234 72.33 -6.81 0.70
CA SER A 234 73.70 -7.14 0.28
C SER A 234 73.84 -7.25 -1.24
N ASP A 235 72.73 -7.35 -1.96
CA ASP A 235 72.77 -7.46 -3.42
C ASP A 235 72.21 -6.18 -4.03
N LYS A 236 72.90 -5.05 -3.81
CA LYS A 236 72.34 -3.74 -4.10
C LYS A 236 72.44 -3.33 -5.57
N GLU A 237 73.32 -3.93 -6.35
CA GLU A 237 73.42 -3.64 -7.78
C GLU A 237 72.56 -4.62 -8.54
N GLN A 238 71.44 -4.14 -9.09
CA GLN A 238 70.49 -4.97 -9.81
C GLN A 238 69.87 -4.18 -10.94
N LYS A 239 69.35 -4.92 -11.92
CA LYS A 239 68.47 -4.33 -12.93
C LYS A 239 67.10 -4.06 -12.31
N ILE A 240 66.57 -2.86 -12.53
CA ILE A 240 65.25 -2.47 -12.09
C ILE A 240 64.43 -2.11 -13.31
N THR A 241 63.15 -2.48 -13.32
CA THR A 241 62.23 -2.07 -14.38
C THR A 241 61.08 -1.27 -13.79
N LEU A 242 60.83 -0.10 -14.35
CA LEU A 242 59.67 0.70 -13.99
C LEU A 242 58.58 0.47 -15.03
N ASP A 243 57.43 0.02 -14.58
CA ASP A 243 56.34 -0.42 -15.45
C ASP A 243 55.10 0.44 -15.19
N ILE A 244 54.65 1.16 -16.20
CA ILE A 244 53.35 1.84 -16.16
C ILE A 244 52.55 1.39 -17.38
N PRO A 245 51.85 0.26 -17.30
CA PRO A 245 51.30 -0.34 -18.53
C PRO A 245 50.32 0.55 -19.24
N GLU A 246 49.49 1.30 -18.51
CA GLU A 246 48.51 2.15 -19.17
C GLU A 246 49.17 3.19 -20.05
N LEU A 247 50.39 3.61 -19.70
CA LEU A 247 51.16 4.54 -20.49
C LEU A 247 52.17 3.84 -21.40
N LYS A 248 52.13 2.51 -21.46
CA LYS A 248 53.07 1.75 -22.27
C LYS A 248 54.50 2.11 -21.91
N VAL A 249 54.73 2.37 -20.62
CA VAL A 249 56.05 2.71 -20.11
C VAL A 249 56.70 1.46 -19.55
N LYS A 250 57.89 1.14 -20.05
CA LYS A 250 58.69 0.01 -19.55
C LYS A 250 60.13 0.49 -19.60
N LYS A 251 60.66 0.87 -18.44
CA LYS A 251 61.94 1.55 -18.33
C LYS A 251 62.87 0.69 -17.49
N GLU A 252 63.98 0.25 -18.08
CA GLU A 252 64.94 -0.57 -17.34
C GLU A 252 66.15 0.27 -16.99
N VAL A 253 66.59 0.19 -15.74
CA VAL A 253 67.82 0.83 -15.27
C VAL A 253 68.55 -0.19 -14.41
N THR A 254 69.77 0.16 -14.01
CA THR A 254 70.59 -0.65 -13.11
C THR A 254 71.01 0.23 -11.95
N THR A 255 70.83 -0.27 -10.73
CA THR A 255 71.25 0.51 -9.57
C THR A 255 72.76 0.55 -9.46
N ASP A 256 73.27 1.62 -8.84
CA ASP A 256 74.70 1.78 -8.65
C ASP A 256 75.14 0.96 -7.42
N ALA A 257 76.39 1.15 -6.97
CA ALA A 257 76.92 0.36 -5.86
C ALA A 257 76.27 0.70 -4.52
N ASN A 258 75.49 1.77 -4.44
CA ASN A 258 74.77 2.11 -3.22
C ASN A 258 73.30 1.67 -3.26
N GLY A 259 72.89 0.92 -4.28
CA GLY A 259 71.50 0.53 -4.41
C GLY A 259 70.61 1.53 -5.09
N TYR A 260 71.17 2.60 -5.67
CA TYR A 260 70.39 3.74 -6.13
C TYR A 260 70.41 3.85 -7.65
N ALA A 261 69.27 4.22 -8.22
CA ALA A 261 69.18 4.56 -9.63
C ALA A 261 68.11 5.63 -9.83
N SER A 262 68.35 6.51 -10.78
CA SER A 262 67.37 7.51 -11.17
C SER A 262 66.90 7.27 -12.60
N PHE A 263 65.83 7.96 -12.98
CA PHE A 263 65.38 7.84 -14.36
C PHE A 263 64.58 9.07 -14.76
N LEU A 264 64.49 9.25 -16.08
CA LEU A 264 63.74 10.30 -16.74
C LEU A 264 63.02 9.68 -17.91
N ILE A 265 61.69 9.72 -17.88
CA ILE A 265 60.86 9.06 -18.89
C ILE A 265 59.99 10.12 -19.57
N LYS A 266 60.18 10.31 -20.87
CA LYS A 266 59.28 11.15 -21.63
C LYS A 266 57.94 10.44 -21.76
N SER A 267 56.88 11.08 -21.31
CA SER A 267 55.54 10.52 -21.28
C SER A 267 54.54 11.66 -21.12
N LYS A 268 53.30 11.40 -21.53
CA LYS A 268 52.23 12.41 -21.51
C LYS A 268 51.02 11.89 -20.75
N PRO A 269 51.14 11.70 -19.44
CA PRO A 269 50.04 11.12 -18.68
C PRO A 269 48.83 12.04 -18.64
N ILE A 270 47.66 11.41 -18.46
CA ILE A 270 46.45 12.17 -18.13
C ILE A 270 46.63 12.70 -16.70
N LEU A 271 46.49 14.01 -16.54
CA LEU A 271 46.89 14.64 -15.29
C LEU A 271 45.77 14.58 -14.26
N TRP A 272 46.15 14.31 -13.03
CA TRP A 272 45.22 14.25 -11.90
C TRP A 272 44.60 15.62 -11.64
N THR A 273 43.28 15.65 -11.45
CA THR A 273 42.59 16.84 -10.96
C THR A 273 41.60 16.41 -9.89
N PRO A 274 41.17 17.35 -9.04
CA PRO A 274 40.05 17.05 -8.14
C PRO A 274 38.82 16.51 -8.84
N GLU A 275 38.51 17.04 -10.03
CA GLU A 275 37.35 16.56 -10.79
C GLU A 275 37.62 15.21 -11.43
N ASN A 276 38.87 14.94 -11.79
CA ASN A 276 39.24 13.66 -12.41
C ASN A 276 40.51 13.17 -11.74
N PRO A 277 40.40 12.58 -10.54
CA PRO A 277 41.59 12.17 -9.79
C PRO A 277 42.24 10.91 -10.37
N LYS A 278 42.71 11.02 -11.61
CA LYS A 278 43.29 9.90 -12.33
C LYS A 278 44.55 9.39 -11.64
N LEU A 279 44.57 8.08 -11.35
CA LEU A 279 45.76 7.39 -10.85
C LEU A 279 46.18 6.28 -11.80
N TYR A 280 47.48 6.13 -12.00
CA TYR A 280 48.05 5.05 -12.79
C TYR A 280 48.61 3.95 -11.91
N ALA A 281 48.42 2.71 -12.34
CA ALA A 281 49.10 1.57 -11.72
C ALA A 281 50.57 1.61 -12.10
N VAL A 282 51.43 1.64 -11.10
CA VAL A 282 52.88 1.70 -11.27
C VAL A 282 53.48 0.45 -10.63
N ASN A 283 54.26 -0.30 -11.41
CA ASN A 283 54.84 -1.55 -10.94
C ASN A 283 56.37 -1.45 -11.05
N LEU A 284 57.04 -1.54 -9.90
CA LEU A 284 58.50 -1.55 -9.83
C LEU A 284 58.96 -2.99 -9.57
N ALA A 285 59.92 -3.46 -10.37
CA ALA A 285 60.42 -4.81 -10.21
C ALA A 285 61.93 -4.81 -10.34
N SER A 286 62.61 -5.19 -9.27
CA SER A 286 64.04 -5.45 -9.34
C SER A 286 64.26 -6.95 -9.49
N GLU A 287 65.52 -7.36 -9.47
CA GLU A 287 65.81 -8.78 -9.57
C GLU A 287 65.31 -9.55 -8.35
N THR A 288 65.22 -8.91 -7.18
CA THR A 288 64.92 -9.62 -5.94
C THR A 288 63.68 -9.12 -5.22
N ASP A 289 62.95 -8.15 -5.76
CA ASP A 289 61.78 -7.63 -5.08
C ASP A 289 60.82 -7.07 -6.12
N LYS A 290 59.58 -6.87 -5.70
CA LYS A 290 58.52 -6.37 -6.57
C LYS A 290 57.51 -5.61 -5.71
N VAL A 291 57.10 -4.43 -6.17
CA VAL A 291 56.08 -3.67 -5.46
C VAL A 291 55.26 -2.86 -6.46
N SER A 292 53.96 -2.74 -6.18
CA SER A 292 53.01 -2.03 -7.03
C SER A 292 52.40 -0.87 -6.25
N ASP A 293 52.02 0.18 -6.98
CA ASP A 293 51.55 1.43 -6.40
C ASP A 293 50.53 2.05 -7.34
N GLU A 294 49.76 3.00 -6.82
CA GLU A 294 48.86 3.81 -7.63
C GLU A 294 49.29 5.26 -7.46
N ILE A 295 49.68 5.88 -8.57
CA ILE A 295 50.34 7.19 -8.55
C ILE A 295 49.77 8.04 -9.70
N GLY A 296 49.46 9.30 -9.40
CA GLY A 296 48.98 10.25 -10.37
C GLY A 296 50.02 11.35 -10.61
N PHE A 297 49.77 12.12 -11.67
CA PHE A 297 50.73 13.11 -12.15
C PHE A 297 50.03 14.45 -12.33
N ARG A 298 50.71 15.51 -11.90
CA ARG A 298 50.15 16.85 -11.98
C ARG A 298 51.28 17.84 -11.80
N THR A 299 51.12 19.03 -12.36
CA THR A 299 52.03 20.15 -12.12
C THR A 299 51.35 21.14 -11.19
N ILE A 300 52.16 21.88 -10.45
CA ILE A 300 51.66 22.84 -9.46
C ILE A 300 52.67 23.97 -9.34
N ARG A 301 52.19 25.20 -9.45
CA ARG A 301 53.07 26.35 -9.26
C ARG A 301 52.22 27.56 -8.93
N THR A 302 52.90 28.62 -8.50
CA THR A 302 52.28 29.91 -8.34
C THR A 302 52.73 30.82 -9.46
N GLU A 303 51.88 31.81 -9.76
CA GLU A 303 52.20 32.83 -10.76
C GLU A 303 51.51 34.09 -10.31
N GLY A 304 52.28 35.06 -9.81
CA GLY A 304 51.65 36.23 -9.22
C GLY A 304 50.80 35.80 -8.04
N ILE A 305 49.51 36.16 -8.07
CA ILE A 305 48.58 35.81 -7.00
C ILE A 305 47.77 34.58 -7.37
N LYS A 306 48.14 33.91 -8.45
CA LYS A 306 47.43 32.72 -8.93
C LYS A 306 48.10 31.44 -8.47
N ILE A 307 47.27 30.42 -8.22
CA ILE A 307 47.70 29.04 -8.02
C ILE A 307 47.28 28.23 -9.25
N LEU A 308 48.26 27.63 -9.92
CA LEU A 308 48.06 26.95 -11.19
C LEU A 308 48.25 25.45 -11.00
N LEU A 309 47.18 24.68 -11.13
CA LEU A 309 47.23 23.23 -11.15
C LEU A 309 47.15 22.77 -12.59
N ASN A 310 48.20 22.10 -13.07
CA ASN A 310 48.24 21.67 -14.48
C ASN A 310 48.10 22.87 -15.40
N ASP A 311 48.73 23.98 -15.02
CA ASP A 311 48.72 25.24 -15.77
C ASP A 311 47.37 25.92 -15.78
N LYS A 312 46.41 25.48 -14.96
CA LYS A 312 45.09 26.07 -14.88
C LYS A 312 44.92 26.75 -13.53
N GLU A 313 44.55 28.03 -13.55
CA GLU A 313 44.29 28.72 -12.29
C GLU A 313 43.13 28.05 -11.56
N ILE A 314 43.33 27.76 -10.27
CA ILE A 314 42.31 27.09 -9.46
C ILE A 314 42.11 27.90 -8.18
N PHE A 315 40.98 27.66 -7.53
CA PHE A 315 40.76 28.10 -6.16
C PHE A 315 40.75 26.89 -5.25
N CYS A 316 41.39 27.01 -4.11
CA CYS A 316 41.38 25.91 -3.15
C CYS A 316 40.14 26.06 -2.28
N ARG A 317 39.07 25.37 -2.67
CA ARG A 317 37.82 25.39 -1.88
C ARG A 317 37.99 24.33 -0.80
N GLY A 318 38.44 24.76 0.38
CA GLY A 318 38.98 23.86 1.37
C GLY A 318 38.19 23.80 2.67
N ILE A 319 38.55 22.81 3.48
CA ILE A 319 38.12 22.71 4.86
C ILE A 319 39.25 22.06 5.64
N SER A 320 39.45 22.51 6.87
CA SER A 320 40.40 21.88 7.78
C SER A 320 39.79 20.67 8.46
N ILE A 321 40.65 19.71 8.85
CA ILE A 321 40.21 18.47 9.48
C ILE A 321 41.28 18.01 10.47
N HIS A 322 40.88 17.71 11.71
CA HIS A 322 41.73 17.00 12.66
C HIS A 322 41.62 15.50 12.42
N GLU A 323 42.62 14.76 12.90
CA GLU A 323 42.62 13.29 12.78
C GLU A 323 41.77 12.66 13.89
N GLU A 324 40.46 12.89 13.80
CA GLU A 324 39.54 12.46 14.85
C GLU A 324 38.28 11.92 14.21
N THR A 325 37.71 10.86 14.82
CA THR A 325 36.68 10.05 14.18
C THR A 325 35.28 10.66 14.36
N PRO A 326 34.43 10.50 13.35
CA PRO A 326 33.01 10.77 13.52
C PRO A 326 32.41 10.01 14.70
N TYR A 327 31.45 10.66 15.36
CA TYR A 327 30.58 10.10 16.40
C TYR A 327 31.26 9.92 17.75
N TYR A 328 32.33 9.13 17.83
CA TYR A 328 32.93 8.86 19.13
C TYR A 328 34.20 9.65 19.38
N SER A 329 34.70 10.38 18.39
CA SER A 329 35.80 11.35 18.52
C SER A 329 37.03 10.75 19.22
N GLY A 330 37.50 9.63 18.69
CA GLY A 330 38.83 9.13 19.01
C GLY A 330 39.80 9.39 17.86
N ARG A 331 41.02 8.88 18.03
CA ARG A 331 42.02 9.06 16.98
C ARG A 331 41.63 8.24 15.75
N ALA A 332 41.55 8.90 14.60
CA ALA A 332 41.19 8.23 13.35
C ALA A 332 42.37 7.43 12.81
N TYR A 333 42.07 6.32 12.14
CA TYR A 333 43.15 5.52 11.53
C TYR A 333 42.74 4.71 10.31
N SER A 334 41.44 4.45 10.12
CA SER A 334 41.01 3.50 9.11
C SER A 334 40.50 4.19 7.84
N LYS A 335 40.42 3.40 6.76
CA LYS A 335 39.79 3.90 5.54
C LYS A 335 38.33 4.25 5.78
N ASP A 336 37.64 3.50 6.65
CA ASP A 336 36.28 3.86 7.06
C ASP A 336 36.23 5.28 7.61
N HIS A 337 37.11 5.60 8.56
CA HIS A 337 37.12 6.94 9.15
C HIS A 337 37.34 8.00 8.08
N ALA A 338 38.35 7.78 7.23
CA ALA A 338 38.68 8.74 6.17
C ALA A 338 37.50 8.96 5.25
N HIS A 339 36.85 7.88 4.80
CA HIS A 339 35.77 8.02 3.83
C HIS A 339 34.60 8.83 4.40
N THR A 340 34.28 8.60 5.68
CA THR A 340 33.20 9.36 6.29
C THR A 340 33.53 10.85 6.32
N LEU A 341 34.70 11.21 6.87
CA LEU A 341 35.07 12.63 6.91
C LEU A 341 35.12 13.24 5.51
N LEU A 342 35.78 12.55 4.57
CA LEU A 342 35.92 13.15 3.25
C LEU A 342 34.57 13.24 2.52
N SER A 343 33.64 12.33 2.80
CA SER A 343 32.34 12.45 2.13
C SER A 343 31.59 13.69 2.61
N TRP A 344 31.77 14.07 3.88
CA TRP A 344 31.23 15.34 4.35
C TRP A 344 31.87 16.50 3.59
N ALA A 345 33.19 16.47 3.43
CA ALA A 345 33.88 17.53 2.71
C ALA A 345 33.45 17.57 1.26
N LYS A 346 33.16 16.40 0.68
CA LYS A 346 32.61 16.35 -0.69
C LYS A 346 31.27 17.06 -0.75
N GLU A 347 30.38 16.76 0.19
CA GLU A 347 29.06 17.38 0.19
C GLU A 347 29.17 18.88 0.37
N LEU A 348 30.16 19.32 1.16
CA LEU A 348 30.44 20.72 1.41
C LEU A 348 30.88 21.45 0.13
N GLY A 349 31.33 20.71 -0.88
CA GLY A 349 31.78 21.31 -2.12
C GLY A 349 33.26 21.57 -2.19
N CYS A 350 34.05 20.89 -1.37
CA CYS A 350 35.48 21.14 -1.33
C CYS A 350 36.22 20.41 -2.46
N ASN A 351 37.32 21.02 -2.90
CA ASN A 351 38.33 20.34 -3.71
C ASN A 351 39.67 20.25 -2.98
N PHE A 352 39.68 20.48 -1.67
CA PHE A 352 40.92 20.69 -0.92
C PHE A 352 40.61 20.45 0.54
N VAL A 353 41.52 19.76 1.23
CA VAL A 353 41.43 19.56 2.68
C VAL A 353 42.77 19.89 3.32
N ARG A 354 42.73 20.68 4.39
CA ARG A 354 43.92 20.93 5.19
C ARG A 354 43.91 19.93 6.34
N LEU A 355 44.90 19.03 6.36
CA LEU A 355 45.00 18.03 7.42
C LEU A 355 45.90 18.59 8.52
N ALA A 356 45.29 19.04 9.62
CA ALA A 356 46.00 19.71 10.69
C ALA A 356 46.03 18.82 11.93
N HIS A 357 47.02 19.00 12.82
CA HIS A 357 48.16 19.92 12.75
C HIS A 357 49.47 19.12 12.72
N TYR A 358 49.44 18.00 12.02
CA TYR A 358 50.44 16.95 12.10
C TYR A 358 50.17 15.98 10.96
N PRO A 359 51.14 15.12 10.62
CA PRO A 359 50.85 14.10 9.60
C PRO A 359 49.69 13.22 10.03
N HIS A 360 48.71 13.05 9.14
CA HIS A 360 47.63 12.12 9.40
C HIS A 360 48.03 10.71 8.97
N ASN A 361 47.23 9.74 9.39
CA ASN A 361 47.45 8.37 8.94
C ASN A 361 47.42 8.30 7.42
N GLU A 362 48.15 7.33 6.86
CA GLU A 362 48.27 7.23 5.42
C GLU A 362 46.94 6.91 4.75
N GLU A 363 46.01 6.26 5.47
CA GLU A 363 44.70 5.97 4.88
C GLU A 363 43.96 7.25 4.53
N MET A 364 44.08 8.27 5.38
CA MET A 364 43.43 9.55 5.11
C MET A 364 43.99 10.18 3.84
N VAL A 365 45.31 10.24 3.72
CA VAL A 365 45.93 10.84 2.53
C VAL A 365 45.57 10.04 1.28
N ARG A 366 45.54 8.71 1.37
CA ARG A 366 45.22 7.90 0.19
C ARG A 366 43.77 8.07 -0.22
N GLU A 367 42.85 8.21 0.73
CA GLU A 367 41.46 8.37 0.36
C GLU A 367 41.21 9.76 -0.22
N ALA A 368 41.94 10.78 0.25
CA ALA A 368 41.85 12.09 -0.37
C ALA A 368 42.32 12.02 -1.82
N GLU A 369 43.41 11.28 -2.05
CA GLU A 369 43.96 11.13 -3.39
C GLU A 369 42.97 10.43 -4.33
N ARG A 370 42.28 9.41 -3.84
CA ARG A 370 41.37 8.65 -4.67
C ARG A 370 40.08 9.43 -4.95
N MET A 371 39.58 10.16 -3.96
CA MET A 371 38.32 10.88 -4.09
C MET A 371 38.44 12.24 -4.75
N GLY A 372 39.64 12.83 -4.76
CA GLY A 372 39.82 14.09 -5.46
C GLY A 372 39.91 15.33 -4.59
N PHE A 373 40.67 15.26 -3.49
CA PHE A 373 40.96 16.42 -2.66
C PHE A 373 42.44 16.73 -2.69
N LEU A 374 42.79 17.95 -3.11
CA LEU A 374 44.11 18.47 -2.84
C LEU A 374 44.35 18.54 -1.34
N VAL A 375 45.62 18.48 -0.94
CA VAL A 375 45.97 18.32 0.46
C VAL A 375 47.06 19.29 0.87
N TRP A 376 46.87 19.88 2.06
CA TRP A 376 47.89 20.57 2.83
C TRP A 376 48.30 19.67 3.98
N SER A 377 49.60 19.42 4.11
CA SER A 377 50.15 18.43 5.04
C SER A 377 51.15 19.14 5.94
N GLU A 378 51.01 18.96 7.27
CA GLU A 378 51.64 19.84 8.25
C GLU A 378 52.36 19.04 9.33
N ILE A 379 53.40 19.62 9.91
CA ILE A 379 54.02 19.07 11.13
C ILE A 379 53.68 19.96 12.32
N PRO A 380 53.68 19.41 13.57
CA PRO A 380 53.17 20.13 14.75
C PRO A 380 54.16 21.11 15.37
N VAL A 381 54.81 21.91 14.52
CA VAL A 381 55.59 23.04 14.99
C VAL A 381 54.60 24.16 15.31
N TYR A 382 54.06 24.15 16.52
CA TYR A 382 52.79 24.78 16.81
C TYR A 382 52.93 25.61 18.09
N TRP A 383 52.61 26.89 17.99
CA TRP A 383 52.68 27.85 19.12
C TRP A 383 54.12 27.94 19.66
N THR A 384 54.34 27.77 20.97
CA THR A 384 55.56 28.25 21.63
C THR A 384 56.67 27.17 21.67
N ILE A 385 57.03 26.70 20.48
CA ILE A 385 58.13 25.75 20.36
C ILE A 385 59.44 26.38 20.88
N HIS A 386 60.32 25.53 21.44
CA HIS A 386 61.60 26.02 21.99
C HIS A 386 62.61 26.19 20.86
N TRP A 387 62.59 27.38 20.24
CA TRP A 387 63.35 27.61 19.01
C TRP A 387 64.85 27.52 19.26
N GLU A 388 65.29 27.73 20.49
CA GLU A 388 66.71 27.77 20.80
C GLU A 388 67.28 26.38 21.08
N ASN A 389 66.45 25.37 21.19
CA ASN A 389 66.88 24.05 21.63
C ASN A 389 67.24 23.21 20.42
N LYS A 390 68.51 22.80 20.32
CA LYS A 390 68.96 22.09 19.13
C LYS A 390 68.32 20.72 19.01
N ASP A 391 68.03 20.06 20.13
CA ASP A 391 67.32 18.78 20.07
C ASP A 391 65.89 18.98 19.58
N THR A 392 65.26 20.09 19.97
CA THR A 392 63.93 20.43 19.46
C THR A 392 63.97 20.60 17.95
N TYR A 393 64.99 21.28 17.42
CA TYR A 393 65.06 21.42 15.96
C TYR A 393 65.28 20.07 15.28
N GLN A 394 66.15 19.21 15.83
CA GLN A 394 66.37 17.94 15.18
C GLN A 394 65.10 17.10 15.15
N ASN A 395 64.30 17.17 16.22
CA ASN A 395 63.00 16.50 16.25
C ASN A 395 62.08 17.06 15.18
N ALA A 396 61.95 18.39 15.13
CA ALA A 396 61.10 19.01 14.12
C ALA A 396 61.53 18.60 12.71
N GLU A 397 62.84 18.65 12.42
CA GLU A 397 63.30 18.29 11.08
C GLU A 397 63.12 16.81 10.80
N GLN A 398 63.25 15.95 11.81
CA GLN A 398 63.02 14.54 11.57
C GLN A 398 61.55 14.27 11.21
N GLN A 399 60.62 14.93 11.90
CA GLN A 399 59.22 14.80 11.52
C GLN A 399 58.98 15.35 10.12
N LEU A 400 59.60 16.47 9.78
CA LEU A 400 59.49 17.00 8.43
C LEU A 400 59.96 15.98 7.39
N CYS A 401 61.14 15.40 7.60
CA CYS A 401 61.68 14.42 6.66
C CYS A 401 60.78 13.19 6.54
N ASP A 402 60.23 12.73 7.67
CA ASP A 402 59.39 11.54 7.66
C ASP A 402 58.04 11.82 6.99
N MET A 403 57.50 13.01 7.22
CA MET A 403 56.26 13.38 6.53
C MET A 403 56.44 13.37 5.02
N ILE A 404 57.47 14.03 4.53
CA ILE A 404 57.67 14.08 3.09
C ILE A 404 58.05 12.70 2.56
N ALA A 405 58.88 11.97 3.30
CA ALA A 405 59.35 10.68 2.80
C ALA A 405 58.18 9.73 2.53
N ARG A 406 57.20 9.69 3.43
CA ARG A 406 56.11 8.73 3.27
C ARG A 406 55.23 9.06 2.07
N ASP A 407 54.98 10.36 1.83
CA ASP A 407 53.89 10.79 0.96
C ASP A 407 54.39 11.52 -0.28
N LYS A 408 55.69 11.43 -0.58
CA LYS A 408 56.23 12.18 -1.70
C LYS A 408 55.63 11.76 -3.05
N ASN A 409 54.98 10.60 -3.13
CA ASN A 409 54.37 10.14 -4.37
C ASN A 409 52.88 10.40 -4.44
N ARG A 410 52.31 11.10 -3.46
CA ARG A 410 50.87 11.40 -3.45
C ARG A 410 50.65 12.74 -4.14
N CYS A 411 50.20 12.70 -5.40
CA CYS A 411 50.17 13.93 -6.18
C CYS A 411 49.11 14.91 -5.70
N ASN A 412 48.14 14.47 -4.89
CA ASN A 412 47.13 15.40 -4.38
C ASN A 412 47.69 16.35 -3.34
N ILE A 413 48.82 16.03 -2.71
CA ILE A 413 49.48 16.96 -1.79
C ILE A 413 50.18 18.03 -2.62
N ILE A 414 49.83 19.30 -2.39
CA ILE A 414 50.47 20.41 -3.08
C ILE A 414 51.13 21.40 -2.13
N ILE A 415 50.89 21.31 -0.82
CA ILE A 415 51.47 22.22 0.16
C ILE A 415 52.02 21.40 1.31
N TRP A 416 53.28 21.62 1.67
CA TRP A 416 53.84 21.24 2.96
C TRP A 416 53.82 22.44 3.87
N SER A 417 53.27 22.28 5.08
CA SER A 417 53.23 23.35 6.07
C SER A 417 54.23 23.05 7.19
N ILE A 418 55.06 24.03 7.51
CA ILE A 418 56.12 23.84 8.49
C ILE A 418 55.80 24.44 9.87
N ALA A 419 54.69 25.16 10.03
CA ALA A 419 54.43 25.81 11.31
C ALA A 419 52.99 26.28 11.38
N ASN A 420 52.52 26.54 12.60
CA ASN A 420 51.20 27.11 12.82
C ASN A 420 51.22 28.05 14.03
N GLU A 421 50.98 29.34 13.78
CA GLU A 421 50.77 30.35 14.83
C GLU A 421 51.95 30.43 15.81
N THR A 422 53.12 30.65 15.25
CA THR A 422 54.33 30.68 16.06
C THR A 422 54.76 32.12 16.32
N PRO A 423 55.14 32.44 17.55
CA PRO A 423 55.49 33.83 17.89
C PRO A 423 56.72 34.29 17.15
N HIS A 424 56.74 35.58 16.79
CA HIS A 424 57.85 36.12 16.00
C HIS A 424 59.07 36.32 16.89
N SER A 425 60.21 35.79 16.44
CA SER A 425 61.51 36.15 17.02
C SER A 425 62.59 35.77 16.02
N LYS A 426 63.78 36.37 16.19
CA LYS A 426 64.90 36.04 15.32
C LYS A 426 65.19 34.54 15.31
N THR A 427 65.25 33.93 16.50
CA THR A 427 65.57 32.50 16.54
C THR A 427 64.44 31.67 15.96
N ARG A 428 63.19 32.09 16.15
CA ARG A 428 62.07 31.40 15.51
C ARG A 428 62.18 31.48 13.98
N LEU A 429 62.63 32.62 13.46
CA LEU A 429 62.75 32.75 12.01
C LEU A 429 63.85 31.85 11.46
N THR A 430 64.98 31.75 12.17
CA THR A 430 66.05 30.87 11.68
C THR A 430 65.60 29.42 11.70
N PHE A 431 64.98 28.99 12.80
CA PHE A 431 64.39 27.66 12.93
C PHE A 431 63.51 27.33 11.73
N LEU A 432 62.54 28.20 11.44
CA LEU A 432 61.60 27.89 10.37
C LEU A 432 62.25 28.03 9.00
N SER A 433 63.24 28.92 8.84
CA SER A 433 63.92 29.02 7.56
C SER A 433 64.71 27.76 7.26
N ASN A 434 65.31 27.17 8.30
CA ASN A 434 66.03 25.91 8.13
C ASN A 434 65.08 24.77 7.76
N LEU A 435 63.87 24.77 8.32
CA LEU A 435 62.90 23.76 7.91
C LEU A 435 62.45 23.98 6.47
N ALA A 436 62.22 25.24 6.08
CA ALA A 436 61.78 25.52 4.72
C ALA A 436 62.84 25.13 3.71
N ASN A 437 64.10 25.45 4.01
CA ASN A 437 65.18 25.04 3.13
C ASN A 437 65.26 23.52 3.02
N LYS A 438 65.09 22.81 4.15
CA LYS A 438 65.16 21.36 4.12
C LYS A 438 64.04 20.77 3.27
N ALA A 439 62.82 21.28 3.44
CA ALA A 439 61.69 20.81 2.64
C ALA A 439 61.97 21.00 1.15
N ARG A 440 62.46 22.19 0.76
CA ARG A 440 62.74 22.41 -0.66
C ARG A 440 63.89 21.54 -1.14
N SER A 441 64.83 21.17 -0.25
CA SER A 441 65.89 20.27 -0.66
C SER A 441 65.36 18.87 -0.91
N LEU A 442 64.26 18.51 -0.25
CA LEU A 442 63.66 17.19 -0.39
C LEU A 442 62.59 17.13 -1.48
N ASP A 443 62.03 18.27 -1.87
CA ASP A 443 60.90 18.26 -2.81
C ASP A 443 60.92 19.58 -3.56
N SER A 444 61.35 19.54 -4.83
CA SER A 444 61.48 20.77 -5.60
C SER A 444 60.15 21.26 -6.16
N VAL A 445 59.08 20.50 -6.01
CA VAL A 445 57.81 20.74 -6.72
C VAL A 445 56.77 21.42 -5.82
N ARG A 446 56.49 20.85 -4.67
CA ARG A 446 55.33 21.27 -3.90
C ARG A 446 55.56 22.64 -3.27
N LEU A 447 54.46 23.32 -2.95
CA LEU A 447 54.52 24.62 -2.33
C LEU A 447 54.81 24.47 -0.84
N ILE A 448 55.48 25.47 -0.27
CA ILE A 448 55.79 25.54 1.15
C ILE A 448 54.94 26.63 1.78
N GLY A 449 54.19 26.28 2.83
CA GLY A 449 53.39 27.22 3.57
C GLY A 449 53.58 27.07 5.07
N ALA A 450 52.80 27.86 5.81
CA ALA A 450 52.80 27.87 7.26
C ALA A 450 51.66 28.80 7.68
N ALA A 451 50.99 28.48 8.78
CA ALA A 451 49.90 29.35 9.23
C ALA A 451 50.49 30.53 10.00
N MET A 452 50.50 31.70 9.36
CA MET A 452 50.88 32.96 10.00
C MET A 452 49.66 33.60 10.64
N GLU A 453 49.81 34.84 11.14
CA GLU A 453 48.71 35.53 11.81
C GLU A 453 48.63 36.97 11.30
N LYS A 454 47.47 37.59 11.48
CA LYS A 454 47.25 38.94 10.96
C LYS A 454 47.43 39.99 12.04
N GLU A 455 47.55 41.24 11.60
CA GLU A 455 47.70 42.41 12.46
C GLU A 455 46.81 43.53 11.95
N GLU A 456 46.31 44.35 12.89
CA GLU A 456 45.55 45.55 12.54
C GLU A 456 46.50 46.72 12.72
N VAL A 457 47.27 47.01 11.66
CA VAL A 457 48.31 48.03 11.71
C VAL A 457 47.72 49.43 11.87
N GLN A 458 46.48 49.63 11.47
CA GLN A 458 45.72 50.84 11.76
C GLN A 458 44.25 50.46 11.76
N PRO A 459 43.41 51.25 12.44
CA PRO A 459 41.98 50.90 12.52
C PRO A 459 41.37 50.54 11.18
N GLY A 460 40.81 49.34 11.11
CA GLY A 460 40.13 48.89 9.91
C GLY A 460 41.02 48.42 8.79
N VAL A 461 42.34 48.40 8.96
CA VAL A 461 43.28 47.93 7.94
C VAL A 461 44.02 46.74 8.52
N LEU A 462 43.80 45.56 7.94
CA LEU A 462 44.39 44.30 8.38
C LEU A 462 45.44 43.84 7.38
N THR A 463 46.51 43.23 7.89
CA THR A 463 47.59 42.78 7.03
C THR A 463 48.33 41.63 7.70
N VAL A 464 49.27 41.06 6.96
CA VAL A 464 50.23 40.08 7.48
C VAL A 464 51.63 40.64 7.23
N ASN A 465 52.38 40.90 8.31
CA ASN A 465 53.71 41.49 8.19
C ASN A 465 54.84 40.51 8.46
N ASP A 466 54.53 39.29 8.91
CA ASP A 466 55.46 38.24 9.30
C ASP A 466 56.62 38.05 8.32
N PRO A 467 57.88 38.23 8.77
CA PRO A 467 59.02 38.00 7.85
C PRO A 467 59.16 36.54 7.42
N LEU A 468 58.50 35.61 8.11
CA LEU A 468 58.41 34.23 7.61
C LEU A 468 57.80 34.19 6.22
N GLY A 469 56.94 35.15 5.88
CA GLY A 469 56.30 35.12 4.57
C GLY A 469 57.29 35.09 3.41
N GLU A 470 58.44 35.76 3.55
CA GLU A 470 59.44 35.76 2.49
C GLU A 470 59.90 34.35 2.14
N LEU A 471 59.78 33.39 3.05
CA LEU A 471 60.23 32.03 2.80
C LEU A 471 59.14 31.11 2.27
N LEU A 472 57.90 31.58 2.20
CA LEU A 472 56.78 30.76 1.76
C LEU A 472 56.36 31.14 0.34
N ASP A 473 55.69 30.20 -0.32
CA ASP A 473 55.18 30.46 -1.67
C ASP A 473 53.81 31.11 -1.65
N ILE A 474 53.16 31.18 -0.49
CA ILE A 474 51.82 31.73 -0.36
C ILE A 474 51.78 32.56 0.91
N ILE A 475 50.85 33.53 0.94
CA ILE A 475 50.59 34.30 2.18
C ILE A 475 49.47 33.55 2.89
N SER A 476 49.88 32.52 3.65
CA SER A 476 48.95 31.63 4.36
C SER A 476 48.83 32.06 5.81
N PHE A 477 47.61 32.23 6.29
CA PHE A 477 47.43 32.76 7.64
C PHE A 477 46.05 32.42 8.19
N ASN A 478 45.95 32.42 9.51
CA ASN A 478 44.70 32.24 10.23
C ASN A 478 44.14 33.59 10.62
N GLU A 479 42.82 33.75 10.51
CA GLU A 479 42.20 34.99 10.96
C GLU A 479 40.81 34.67 11.46
N TYR A 480 40.42 35.32 12.56
CA TYR A 480 39.15 35.06 13.22
C TYR A 480 38.37 36.36 13.41
N VAL A 481 38.34 37.22 12.38
CA VAL A 481 37.42 38.36 12.41
C VAL A 481 36.01 37.83 12.58
N GLY A 482 35.29 38.37 13.55
CA GLY A 482 33.90 38.00 13.78
C GLY A 482 33.70 36.99 14.90
N TRP A 483 34.78 36.38 15.39
CA TRP A 483 34.69 35.45 16.51
C TRP A 483 35.61 35.90 17.63
N TYR A 484 36.94 35.76 17.47
CA TYR A 484 37.87 36.27 18.48
C TYR A 484 38.11 37.77 18.34
N ASP A 485 37.99 38.31 17.13
CA ASP A 485 38.30 39.72 16.83
C ASP A 485 37.02 40.42 16.38
N GLY A 486 36.26 40.95 17.34
CA GLY A 486 35.02 41.62 17.08
C GLY A 486 33.84 40.67 16.95
N ASP A 487 32.64 41.26 16.92
CA ASP A 487 31.45 40.51 16.57
C ASP A 487 31.37 40.41 15.04
N SER A 488 30.35 39.70 14.56
CA SER A 488 30.24 39.46 13.12
C SER A 488 30.24 40.74 12.30
N GLU A 489 29.75 41.86 12.89
CA GLU A 489 29.71 43.13 12.17
C GLU A 489 31.08 43.51 11.61
N LYS A 490 32.15 43.11 12.31
CA LYS A 490 33.47 43.59 11.93
C LYS A 490 33.86 43.11 10.54
N CYS A 491 33.36 41.95 10.13
CA CYS A 491 33.57 41.46 8.76
C CYS A 491 33.03 42.44 7.73
N ASP A 492 32.04 43.24 8.10
CA ASP A 492 31.39 44.17 7.18
C ASP A 492 32.22 45.41 6.90
N ARG A 493 33.20 45.74 7.76
CA ARG A 493 33.82 47.06 7.70
C ARG A 493 35.34 47.08 7.57
N VAL A 494 36.04 46.00 7.89
CA VAL A 494 37.50 46.04 7.81
C VAL A 494 37.94 45.88 6.36
N ASN A 495 39.17 46.31 6.09
CA ASN A 495 39.78 46.09 4.78
C ASN A 495 41.15 45.44 4.95
N TRP A 496 41.63 44.85 3.85
CA TRP A 496 42.82 44.01 3.83
C TRP A 496 43.81 44.50 2.78
N THR A 497 45.11 44.44 3.12
CA THR A 497 46.15 44.79 2.17
C THR A 497 47.36 43.89 2.41
N PHE A 498 48.17 43.72 1.37
CA PHE A 498 49.35 42.86 1.44
C PHE A 498 50.53 43.54 0.75
N ASP A 499 51.72 43.34 1.31
CA ASP A 499 52.92 44.03 0.84
C ASP A 499 53.69 43.25 -0.22
N THR A 500 53.15 42.13 -0.70
CA THR A 500 53.78 41.36 -1.77
C THR A 500 52.69 40.65 -2.57
N GLN A 501 53.00 40.34 -3.82
CA GLN A 501 52.05 39.73 -4.75
C GLN A 501 52.23 38.21 -4.82
N LYS A 502 51.97 37.54 -3.70
CA LYS A 502 51.86 36.08 -3.68
C LYS A 502 50.39 35.71 -3.49
N PRO A 503 50.00 34.48 -3.83
CA PRO A 503 48.62 34.09 -3.58
C PRO A 503 48.34 34.11 -2.07
N VAL A 504 47.16 34.56 -1.71
CA VAL A 504 46.74 34.63 -0.32
C VAL A 504 45.93 33.39 0.02
N PHE A 505 46.18 32.79 1.19
CA PHE A 505 45.53 31.55 1.56
C PHE A 505 45.13 31.66 3.02
N ILE A 506 43.83 31.62 3.30
CA ILE A 506 43.37 31.73 4.69
C ILE A 506 43.22 30.31 5.20
N SER A 507 44.19 29.88 6.04
CA SER A 507 44.24 28.51 6.51
C SER A 507 43.31 28.21 7.69
N GLU A 508 42.70 29.24 8.29
CA GLU A 508 41.68 29.07 9.32
C GLU A 508 40.85 30.33 9.37
N LEU A 509 39.56 30.13 9.62
CA LEU A 509 38.57 31.17 9.90
C LEU A 509 37.33 30.48 10.46
N GLY A 510 36.49 31.28 11.14
CA GLY A 510 35.22 30.71 11.56
C GLY A 510 34.75 31.03 12.98
N GLY A 511 33.93 30.16 13.57
CA GLY A 511 33.36 30.42 14.88
C GLY A 511 32.61 29.22 15.38
N GLY A 512 32.38 29.18 16.70
CA GLY A 512 31.83 27.99 17.33
C GLY A 512 30.32 27.99 17.43
N ALA A 513 29.73 26.79 17.43
CA ALA A 513 28.30 26.65 17.64
C ALA A 513 27.99 25.22 18.07
N LEU A 514 26.99 25.06 18.92
CA LEU A 514 26.52 23.73 19.28
C LEU A 514 25.31 23.38 18.41
N TYR A 515 25.38 22.24 17.74
CA TYR A 515 24.25 21.82 16.92
C TYR A 515 23.02 21.62 17.81
N GLY A 516 21.87 22.12 17.33
CA GLY A 516 20.63 22.03 18.09
C GLY A 516 20.43 23.15 19.07
N HIS A 517 21.38 24.06 19.20
CA HIS A 517 21.32 25.17 20.14
C HIS A 517 21.00 26.43 19.34
N HIS A 518 19.81 26.98 19.54
CA HIS A 518 19.30 28.06 18.70
C HIS A 518 19.01 29.30 19.52
N GLY A 519 18.98 30.44 18.82
CA GLY A 519 18.69 31.70 19.47
C GLY A 519 18.88 32.86 18.50
N SER A 520 19.09 34.04 19.07
CA SER A 520 19.35 35.22 18.26
C SER A 520 20.66 35.07 17.49
N PRO A 521 20.76 35.66 16.31
CA PRO A 521 22.06 35.67 15.62
C PRO A 521 23.10 36.49 16.35
N LYS A 522 22.72 37.27 17.37
CA LYS A 522 23.68 37.96 18.21
C LYS A 522 24.23 37.08 19.34
N GLU A 523 23.64 35.90 19.60
CA GLU A 523 24.02 35.09 20.75
C GLU A 523 25.11 34.10 20.34
N ARG A 524 26.28 34.24 20.94
CA ARG A 524 27.40 33.37 20.58
C ARG A 524 27.11 31.93 20.94
N PHE A 525 27.60 31.01 20.11
CA PHE A 525 27.51 29.57 20.23
C PHE A 525 26.17 29.02 19.73
N THR A 526 25.21 29.86 19.35
CA THR A 526 24.03 29.38 18.64
C THR A 526 24.36 29.13 17.17
N GLU A 527 23.60 28.23 16.54
CA GLU A 527 23.75 28.03 15.10
C GLU A 527 23.50 29.34 14.33
N GLU A 528 22.60 30.18 14.84
CA GLU A 528 22.26 31.40 14.13
C GLU A 528 23.43 32.40 14.12
N TYR A 529 24.18 32.48 15.23
CA TYR A 529 25.36 33.35 15.21
C TYR A 529 26.39 32.83 14.24
N GLN A 530 26.68 31.53 14.28
CA GLN A 530 27.68 30.98 13.38
C GLN A 530 27.25 31.17 11.92
N GLU A 531 25.95 31.05 11.65
CA GLU A 531 25.45 31.23 10.30
C GLU A 531 25.63 32.67 9.85
N ASP A 532 25.24 33.62 10.69
CA ASP A 532 25.38 35.03 10.36
C ASP A 532 26.84 35.41 10.20
N LEU A 533 27.69 34.87 11.07
CA LEU A 533 29.13 35.05 10.93
C LEU A 533 29.62 34.62 9.56
N TYR A 534 29.27 33.42 9.12
CA TYR A 534 29.76 32.90 7.83
C TYR A 534 29.21 33.69 6.66
N ILE A 535 27.96 34.17 6.73
CA ILE A 535 27.44 35.00 5.65
C ILE A 535 28.28 36.26 5.48
N ARG A 536 28.56 36.95 6.59
CA ARG A 536 29.33 38.19 6.53
C ARG A 536 30.81 37.93 6.26
N HIS A 537 31.35 36.84 6.81
CA HIS A 537 32.75 36.50 6.55
C HIS A 537 32.98 36.15 5.09
N VAL A 538 32.06 35.36 4.49
CA VAL A 538 32.18 35.04 3.07
C VAL A 538 32.16 36.31 2.23
N ASN A 539 31.30 37.28 2.57
CA ASN A 539 31.29 38.52 1.79
C ASN A 539 32.62 39.25 1.95
N MET A 540 33.21 39.21 3.15
CA MET A 540 34.53 39.82 3.33
C MET A 540 35.58 39.12 2.47
N LEU A 541 35.52 37.79 2.40
CA LEU A 541 36.49 37.02 1.61
C LEU A 541 36.51 37.46 0.15
N LYS A 542 35.35 37.84 -0.38
CA LYS A 542 35.26 38.20 -1.78
C LYS A 542 36.08 39.44 -2.13
N ARG A 543 36.49 40.21 -1.13
CA ARG A 543 37.20 41.46 -1.39
C ARG A 543 38.63 41.43 -0.89
N ILE A 544 39.11 40.28 -0.43
CA ILE A 544 40.51 40.15 -0.05
C ILE A 544 41.35 39.99 -1.31
N PRO A 545 42.18 40.96 -1.69
CA PRO A 545 42.88 40.88 -2.97
C PRO A 545 43.88 39.74 -2.97
N GLY A 546 43.83 38.93 -4.02
CA GLY A 546 44.75 37.82 -4.17
C GLY A 546 44.33 36.52 -3.50
N LEU A 547 43.13 36.46 -2.93
CA LEU A 547 42.70 35.23 -2.27
C LEU A 547 42.63 34.10 -3.29
N ALA A 548 43.31 33.00 -2.98
CA ALA A 548 43.34 31.83 -3.84
C ALA A 548 42.95 30.54 -3.11
N GLY A 549 42.66 30.61 -1.82
CA GLY A 549 42.27 29.40 -1.12
C GLY A 549 41.80 29.71 0.29
N THR A 550 40.87 28.91 0.80
CA THR A 550 40.40 29.00 2.18
C THR A 550 40.22 27.58 2.73
N THR A 551 40.65 27.33 3.96
CA THR A 551 40.37 26.07 4.66
C THR A 551 39.80 26.40 6.03
N PRO A 552 38.50 26.72 6.09
CA PRO A 552 37.92 27.15 7.36
C PRO A 552 38.10 26.13 8.48
N TRP A 553 38.09 26.64 9.69
CA TRP A 553 38.22 25.84 10.91
C TRP A 553 36.81 25.71 11.48
N ILE A 554 36.17 24.54 11.32
CA ILE A 554 36.81 23.28 10.92
C ILE A 554 35.69 22.34 10.46
N LEU A 555 36.04 21.21 9.85
CA LEU A 555 35.00 20.30 9.35
C LEU A 555 34.11 19.78 10.50
N LYS A 556 34.72 19.23 11.55
CA LYS A 556 33.99 18.56 12.61
C LYS A 556 34.44 19.03 14.00
N ASP A 557 33.48 19.29 14.89
CA ASP A 557 33.82 19.53 16.30
C ASP A 557 34.82 18.48 16.78
N PHE A 558 35.85 18.91 17.52
CA PHE A 558 36.88 17.99 18.01
C PHE A 558 37.22 18.26 19.47
N ARG A 559 37.97 17.32 20.08
CA ARG A 559 38.24 17.37 21.52
C ARG A 559 39.35 18.37 21.81
N SER A 560 39.15 19.21 22.83
CA SER A 560 40.17 20.13 23.28
C SER A 560 40.00 20.39 24.77
N PRO A 561 41.07 20.31 25.56
CA PRO A 561 40.98 20.62 26.98
C PRO A 561 41.02 22.10 27.32
N ARG A 562 40.91 22.98 26.32
CA ARG A 562 40.84 24.42 26.52
C ARG A 562 39.45 24.97 26.22
N ARG A 563 38.43 24.12 26.25
CA ARG A 563 37.08 24.52 25.85
C ARG A 563 36.10 24.09 26.95
N HIS A 564 35.74 25.04 27.83
CA HIS A 564 35.17 24.68 29.12
C HIS A 564 33.74 25.17 29.35
N VAL A 565 33.07 25.74 28.36
CA VAL A 565 31.70 26.17 28.61
C VAL A 565 30.84 24.92 28.82
N PRO A 566 30.28 24.71 30.00
CA PRO A 566 29.46 23.52 30.23
C PRO A 566 28.21 23.55 29.38
N GLU A 567 27.80 22.36 28.93
CA GLU A 567 26.57 22.15 28.15
C GLU A 567 26.67 22.81 26.77
N ILE A 568 27.78 23.46 26.45
CA ILE A 568 27.97 24.06 25.13
C ILE A 568 29.22 23.46 24.49
N GLN A 569 30.36 23.63 25.17
CA GLN A 569 31.61 23.05 24.68
C GLN A 569 31.86 21.65 25.25
N ASP A 570 31.86 21.52 26.57
CA ASP A 570 32.08 20.21 27.19
C ASP A 570 33.33 19.51 26.65
N ASP A 571 34.46 20.23 26.64
CA ASP A 571 35.76 19.72 26.23
C ASP A 571 35.84 19.48 24.72
N PHE A 572 34.98 20.15 23.95
CA PHE A 572 35.07 20.18 22.49
C PHE A 572 35.20 21.61 22.01
N ASN A 573 36.12 21.79 21.05
CA ASN A 573 36.10 22.93 20.15
C ASN A 573 34.86 22.82 19.26
N ARG A 574 34.00 23.84 19.28
CA ARG A 574 32.71 23.77 18.61
C ARG A 574 32.71 24.49 17.27
N LYS A 575 33.88 24.69 16.67
CA LYS A 575 33.94 25.42 15.41
C LYS A 575 33.64 24.55 14.20
N GLY A 576 33.22 23.30 14.39
CA GLY A 576 32.90 22.47 13.24
C GLY A 576 31.74 23.05 12.46
N LEU A 577 31.79 22.89 11.13
CA LEU A 577 30.58 23.07 10.35
C LEU A 577 29.67 21.86 10.45
N VAL A 578 30.22 20.73 10.91
CA VAL A 578 29.47 19.52 11.22
C VAL A 578 29.71 19.22 12.69
N SER A 579 28.68 18.77 13.40
CA SER A 579 28.87 18.38 14.78
C SER A 579 29.74 17.12 14.86
N ASP A 580 30.19 16.80 16.09
CA ASP A 580 30.91 15.53 16.25
C ASP A 580 30.01 14.33 15.99
N LYS A 581 28.68 14.53 15.95
CA LYS A 581 27.74 13.47 15.61
C LYS A 581 27.27 13.55 14.16
N GLY A 582 28.01 14.26 13.32
CA GLY A 582 27.77 14.25 11.88
C GLY A 582 26.61 15.10 11.42
N GLN A 583 26.18 16.08 12.21
CA GLN A 583 25.03 16.90 11.88
C GLN A 583 25.46 18.24 11.28
N LYS A 584 24.91 18.56 10.10
CA LYS A 584 25.30 19.80 9.42
C LYS A 584 24.63 20.99 10.09
N LYS A 585 25.45 21.88 10.65
CA LYS A 585 24.95 23.12 11.23
C LYS A 585 24.54 24.10 10.12
N LYS A 586 23.76 25.12 10.48
CA LYS A 586 23.26 26.06 9.47
C LYS A 586 24.41 26.65 8.65
N ALA A 587 25.50 27.03 9.31
CA ALA A 587 26.63 27.65 8.62
C ALA A 587 27.26 26.71 7.59
N PHE A 588 27.09 25.40 7.73
CA PHE A 588 27.57 24.49 6.70
C PHE A 588 27.06 24.90 5.32
N PHE A 589 25.77 25.25 5.23
CA PHE A 589 25.19 25.51 3.91
C PHE A 589 25.60 26.88 3.35
N VAL A 590 25.97 27.82 4.22
CA VAL A 590 26.52 29.10 3.76
C VAL A 590 27.84 28.88 3.00
N LEU A 591 28.77 28.11 3.57
CA LEU A 591 30.02 27.85 2.87
C LEU A 591 29.80 26.98 1.64
N GLN A 592 28.89 26.00 1.74
CA GLN A 592 28.54 25.16 0.58
C GLN A 592 28.03 26.02 -0.56
N LYS A 593 27.17 27.00 -0.26
CA LYS A 593 26.66 27.87 -1.31
C LYS A 593 27.80 28.63 -2.00
N TRP A 594 28.71 29.21 -1.20
CA TRP A 594 29.83 29.95 -1.77
C TRP A 594 30.71 29.04 -2.62
N TYR A 595 30.97 27.82 -2.13
CA TYR A 595 31.82 26.90 -2.86
C TYR A 595 31.22 26.49 -4.20
N LYS A 596 29.89 26.38 -4.24
CA LYS A 596 29.23 26.09 -5.52
C LYS A 596 29.40 27.22 -6.51
N GLU A 597 29.33 28.47 -6.03
CA GLU A 597 29.60 29.63 -6.89
C GLU A 597 31.06 29.64 -7.35
N LEU A 598 32.00 29.38 -6.46
CA LEU A 598 33.41 29.34 -6.86
C LEU A 598 33.67 28.23 -7.87
N THR A 599 33.00 27.08 -7.70
CA THR A 599 33.19 26.00 -8.65
C THR A 599 32.80 26.44 -10.07
N GLU A 600 31.70 27.18 -10.19
CA GLU A 600 31.27 27.67 -11.50
C GLU A 600 32.21 28.76 -12.01
N ALA A 601 32.60 29.68 -11.14
CA ALA A 601 33.44 30.81 -11.56
C ALA A 601 34.81 30.35 -12.06
N TYR A 602 35.37 29.29 -11.51
CA TYR A 602 36.69 28.81 -11.88
C TYR A 602 36.65 27.68 -12.91
N LYS A 603 35.46 27.37 -13.43
CA LYS A 603 35.28 26.35 -14.46
C LYS A 603 36.32 26.48 -15.57
N ALA B 25 -1.29 11.66 13.28
CA ALA B 25 -1.72 10.40 13.90
C ALA B 25 -1.23 9.17 13.11
N PRO B 26 -1.64 9.05 11.85
CA PRO B 26 -1.23 7.89 11.06
C PRO B 26 0.20 8.05 10.57
N GLN B 27 0.72 6.99 9.98
CA GLN B 27 2.05 7.00 9.40
C GLN B 27 2.11 7.95 8.20
N ILE B 28 3.28 8.55 8.00
CA ILE B 28 3.53 9.44 6.87
C ILE B 28 4.58 8.77 5.97
N MET B 29 4.21 8.52 4.72
CA MET B 29 5.15 7.94 3.76
C MET B 29 6.27 8.92 3.44
N ASN B 30 7.51 8.41 3.33
CA ASN B 30 8.63 9.17 2.77
C ASN B 30 8.84 10.48 3.54
N VAL B 31 9.06 10.36 4.85
CA VAL B 31 9.23 11.53 5.71
C VAL B 31 10.39 12.41 5.23
N SER B 32 11.47 11.80 4.73
CA SER B 32 12.67 12.57 4.44
C SER B 32 12.43 13.57 3.32
N ALA B 33 11.46 13.30 2.44
CA ALA B 33 11.21 14.14 1.28
C ALA B 33 10.22 15.27 1.56
N ARG B 34 9.76 15.39 2.80
CA ARG B 34 8.81 16.43 3.21
C ARG B 34 9.58 17.66 3.69
N GLN B 35 8.83 18.70 4.07
CA GLN B 35 9.43 19.90 4.66
C GLN B 35 9.73 19.56 6.10
N THR B 36 10.99 19.25 6.39
CA THR B 36 11.39 18.69 7.67
C THR B 36 12.34 19.62 8.39
N THR B 37 12.27 19.59 9.72
CA THR B 37 13.11 20.36 10.63
C THR B 37 13.53 19.43 11.76
N SER B 38 14.83 19.35 12.03
CA SER B 38 15.34 18.41 13.02
C SER B 38 15.32 19.03 14.41
N LEU B 39 14.90 18.22 15.40
CA LEU B 39 15.00 18.57 16.82
C LEU B 39 16.15 17.84 17.51
N ASP B 40 17.02 17.21 16.74
CA ASP B 40 18.12 16.44 17.30
C ASP B 40 19.18 17.35 17.91
N GLY B 41 20.05 16.74 18.72
CA GLY B 41 21.13 17.45 19.36
C GLY B 41 21.42 16.84 20.72
N GLN B 42 21.36 17.66 21.76
CA GLN B 42 21.50 17.21 23.14
C GLN B 42 20.34 17.76 23.93
N TRP B 43 19.63 16.89 24.64
CA TRP B 43 18.45 17.28 25.39
C TRP B 43 18.72 17.10 26.88
N LYS B 44 18.00 17.86 27.70
CA LYS B 44 18.08 17.68 29.15
C LYS B 44 17.35 16.41 29.56
N THR B 45 17.88 15.73 30.58
CA THR B 45 17.41 14.40 30.91
C THR B 45 17.37 14.22 32.42
N ILE B 46 16.50 13.32 32.88
CA ILE B 46 16.43 12.91 34.29
C ILE B 46 16.29 11.40 34.32
N VAL B 47 17.24 10.71 34.94
CA VAL B 47 17.14 9.27 35.13
C VAL B 47 16.24 8.99 36.35
N ASP B 48 15.21 8.19 36.17
CA ASP B 48 14.13 8.10 37.15
C ASP B 48 13.73 6.64 37.39
N PRO B 49 14.58 5.88 38.08
CA PRO B 49 14.36 4.43 38.14
C PRO B 49 13.08 4.03 38.84
N PHE B 50 12.64 4.76 39.87
CA PHE B 50 11.41 4.42 40.54
C PHE B 50 10.22 5.20 40.00
N GLU B 51 10.40 5.97 38.92
CA GLU B 51 9.32 6.68 38.26
C GLU B 51 8.67 7.70 39.19
N ASN B 52 9.50 8.36 40.00
CA ASN B 52 9.05 9.45 40.86
C ASN B 52 8.38 10.56 40.05
N GLY B 53 8.78 10.73 38.80
CA GLY B 53 8.23 11.80 37.99
C GLY B 53 6.84 11.54 37.44
N TYR B 54 6.32 10.32 37.66
CA TYR B 54 5.03 9.90 37.14
C TYR B 54 4.07 9.44 38.22
N TYR B 55 4.55 8.77 39.25
CA TYR B 55 3.74 8.22 40.33
C TYR B 55 4.10 8.88 41.65
N ASP B 56 3.08 9.17 42.47
CA ASP B 56 3.33 9.61 43.84
C ASP B 56 3.51 8.39 44.76
N TYR B 57 3.67 8.66 46.05
CA TYR B 57 4.03 7.58 46.96
C TYR B 57 2.89 6.60 47.21
N ARG B 58 1.68 6.93 46.78
CA ARG B 58 0.59 5.95 46.75
C ARG B 58 0.54 5.22 45.42
N LEU B 59 1.55 5.42 44.57
CA LEU B 59 1.62 4.82 43.25
C LEU B 59 0.49 5.32 42.35
N LYS B 60 0.05 6.57 42.55
CA LYS B 60 -0.96 7.20 41.70
C LYS B 60 -0.35 8.32 40.86
N PRO B 61 -0.71 8.43 39.59
CA PRO B 61 -0.29 9.60 38.81
C PRO B 61 -0.68 10.89 39.54
N TYR B 62 0.13 11.94 39.35
CA TYR B 62 -0.12 13.22 39.98
C TYR B 62 0.20 14.34 39.00
N ASP B 63 -0.37 15.53 39.25
CA ASP B 63 -0.32 16.59 38.25
C ASP B 63 1.04 17.29 38.19
N GLY B 64 1.69 17.44 39.32
CA GLY B 64 2.94 18.19 39.36
C GLY B 64 4.16 17.39 38.94
N GLY B 65 3.94 16.34 38.15
CA GLY B 65 5.03 15.49 37.71
C GLY B 65 5.93 16.19 36.70
N TYR B 66 6.94 15.44 36.24
CA TYR B 66 8.00 15.98 35.40
C TYR B 66 7.54 16.36 34.00
N ALA B 67 6.41 15.83 33.52
CA ALA B 67 5.86 16.26 32.23
C ALA B 67 5.64 17.77 32.18
N GLN B 68 5.51 18.42 33.32
CA GLN B 68 5.20 19.83 33.30
C GLN B 68 6.44 20.69 33.05
N ASP B 69 7.63 20.12 33.16
CA ASP B 69 8.86 20.80 32.76
C ASP B 69 8.94 22.19 33.39
N LYS B 70 8.68 22.26 34.69
CA LYS B 70 8.70 23.55 35.40
C LYS B 70 10.14 23.84 35.84
N THR B 71 10.74 24.88 35.26
CA THR B 71 12.08 25.26 35.66
C THR B 71 12.05 25.72 37.11
N TYR B 72 12.98 25.22 37.92
CA TYR B 72 12.96 25.45 39.37
C TYR B 72 13.63 26.79 39.67
N SER B 73 12.93 27.86 39.31
CA SER B 73 13.42 29.23 39.47
C SER B 73 13.12 29.80 40.84
N ASP B 74 11.96 29.46 41.41
CA ASP B 74 11.49 30.04 42.67
C ASP B 74 11.75 29.03 43.79
N LYS B 75 12.89 29.19 44.47
CA LYS B 75 13.26 28.26 45.53
C LYS B 75 12.49 28.47 46.83
N THR B 76 11.55 29.41 46.89
CA THR B 76 10.67 29.47 48.06
C THR B 76 9.58 28.41 48.01
N LYS B 77 9.47 27.68 46.91
CA LYS B 77 8.57 26.55 46.80
C LYS B 77 9.38 25.26 46.68
N LEU B 78 8.74 24.14 46.98
CA LEU B 78 9.38 22.84 46.96
C LEU B 78 9.04 22.09 45.68
N GLN B 79 10.07 21.65 44.96
CA GLN B 79 9.92 20.59 43.98
C GLN B 79 11.21 19.78 43.98
N GLU B 80 11.17 18.59 43.37
CA GLU B 80 12.20 17.57 43.52
C GLU B 80 12.97 17.33 42.22
N TYR B 81 12.86 18.23 41.25
CA TYR B 81 13.52 18.05 39.97
C TYR B 81 13.75 19.41 39.32
N ASP B 82 14.65 19.45 38.35
CA ASP B 82 14.85 20.64 37.50
C ASP B 82 15.54 20.15 36.24
N PHE B 83 14.81 20.08 35.12
CA PHE B 83 15.45 19.79 33.84
C PHE B 83 16.52 20.81 33.50
N GLU B 84 16.26 22.08 33.83
CA GLU B 84 17.10 23.16 33.34
C GLU B 84 18.56 23.00 33.75
N THR B 85 18.83 22.44 34.93
CA THR B 85 20.20 22.31 35.41
C THR B 85 20.67 20.86 35.44
N ASP B 86 19.94 19.95 34.78
CA ASP B 86 20.32 18.55 34.79
C ASP B 86 21.25 18.23 33.61
N LYS B 87 21.54 16.95 33.43
CA LYS B 87 22.54 16.50 32.49
C LYS B 87 21.92 16.28 31.11
N LEU B 88 22.79 16.25 30.10
CA LEU B 88 22.39 16.07 28.71
C LEU B 88 22.56 14.62 28.27
N LEU B 89 21.77 14.22 27.29
CA LEU B 89 22.04 13.06 26.46
C LEU B 89 21.97 13.47 24.99
N PHE B 90 22.74 12.78 24.16
CA PHE B 90 22.60 12.95 22.72
C PHE B 90 21.30 12.32 22.22
N VAL B 91 20.62 13.06 21.33
CA VAL B 91 19.45 12.56 20.63
C VAL B 91 19.68 12.76 19.14
N PRO B 92 19.64 11.71 18.30
CA PRO B 92 19.33 10.30 18.56
C PRO B 92 20.47 9.54 19.21
N GLY B 93 20.13 8.48 19.93
CA GLY B 93 21.11 7.56 20.47
C GLY B 93 20.54 6.62 21.51
N ASP B 94 21.13 5.44 21.64
CA ASP B 94 20.99 4.66 22.86
C ASP B 94 21.57 5.46 24.03
N TRP B 95 20.99 5.27 25.23
CA TRP B 95 21.62 5.90 26.38
C TRP B 95 22.79 5.09 26.92
N ASN B 96 22.79 3.78 26.65
CA ASN B 96 23.73 2.86 27.29
C ASN B 96 25.18 3.22 27.03
N THR B 97 25.53 3.63 25.81
CA THR B 97 26.93 3.91 25.52
C THR B 97 27.35 5.31 25.90
N GLN B 98 26.44 6.15 26.41
CA GLN B 98 26.73 7.54 26.67
C GLN B 98 27.28 7.80 28.08
N ARG B 99 26.94 6.94 29.04
CA ARG B 99 27.37 7.12 30.43
C ARG B 99 27.64 5.72 30.98
N PRO B 100 28.75 5.53 31.69
CA PRO B 100 28.94 4.25 32.40
C PRO B 100 27.74 3.84 33.24
N GLN B 101 27.11 4.78 33.94
CA GLN B 101 25.99 4.45 34.82
C GLN B 101 24.78 3.93 34.05
N LEU B 102 24.71 4.17 32.74
CA LEU B 102 23.55 3.76 31.97
C LEU B 102 23.82 2.52 31.12
N TYR B 103 25.02 1.95 31.22
CA TYR B 103 25.40 0.79 30.41
C TYR B 103 24.36 -0.33 30.48
N TYR B 104 23.97 -0.75 31.70
CA TYR B 104 22.98 -1.79 31.94
C TYR B 104 21.58 -1.23 32.23
N TYR B 105 21.39 0.06 32.13
CA TYR B 105 20.18 0.65 32.67
C TYR B 105 18.93 0.19 31.94
N GLU B 106 17.98 -0.34 32.72
CA GLU B 106 16.63 -0.66 32.28
C GLU B 106 15.65 0.07 33.18
N GLY B 107 14.89 0.99 32.60
CA GLY B 107 13.94 1.80 33.37
C GLY B 107 13.62 3.08 32.62
N THR B 108 13.25 4.11 33.37
CA THR B 108 12.76 5.36 32.82
C THR B 108 13.88 6.40 32.74
N VAL B 109 13.97 7.08 31.61
CA VAL B 109 14.73 8.32 31.50
C VAL B 109 13.83 9.38 30.86
N TRP B 110 13.74 10.55 31.50
CA TRP B 110 12.98 11.67 30.95
C TRP B 110 13.87 12.52 30.04
N TYR B 111 13.33 12.90 28.88
CA TYR B 111 14.00 13.73 27.90
C TYR B 111 13.22 15.01 27.71
N ARG B 112 13.92 16.13 27.59
CA ARG B 112 13.23 17.41 27.50
C ARG B 112 13.93 18.31 26.47
N LYS B 113 13.12 18.88 25.58
CA LYS B 113 13.59 19.77 24.53
C LYS B 113 12.75 21.05 24.53
N HIS B 114 13.41 22.18 24.44
CA HIS B 114 12.73 23.43 24.15
C HIS B 114 12.95 23.80 22.70
N PHE B 115 11.91 24.32 22.05
CA PHE B 115 12.07 24.67 20.65
C PHE B 115 11.04 25.75 20.29
N GLU B 116 11.33 26.46 19.21
CA GLU B 116 10.42 27.41 18.61
C GLU B 116 10.18 27.02 17.16
N TYR B 117 8.99 27.32 16.67
CA TYR B 117 8.66 27.06 15.27
C TYR B 117 7.59 28.05 14.85
N SER B 118 7.80 28.69 13.71
CA SER B 118 6.88 29.68 13.16
C SER B 118 6.07 28.98 12.07
N LEU B 119 4.81 28.67 12.36
CA LEU B 119 3.96 27.92 11.46
C LEU B 119 2.95 28.90 10.84
N GLN B 120 3.07 29.12 9.55
CA GLN B 120 2.13 30.01 8.89
C GLN B 120 0.71 29.49 9.07
N PRO B 121 -0.26 30.36 9.35
CA PRO B 121 -1.63 29.89 9.55
C PRO B 121 -2.12 29.09 8.36
N GLY B 122 -2.75 27.95 8.66
CA GLY B 122 -3.29 27.06 7.66
C GLY B 122 -2.44 25.86 7.38
N LYS B 123 -1.12 25.95 7.62
CA LYS B 123 -0.25 24.81 7.52
C LYS B 123 -0.38 23.91 8.75
N ARG B 124 0.02 22.65 8.58
CA ARG B 124 -0.08 21.63 9.60
C ARG B 124 1.32 21.17 10.00
N LEU B 125 1.46 20.77 11.25
CA LEU B 125 2.77 20.42 11.78
C LEU B 125 2.67 19.08 12.51
N PHE B 126 3.58 18.17 12.17
CA PHE B 126 3.61 16.85 12.77
C PHE B 126 4.96 16.63 13.46
N LEU B 127 4.92 15.87 14.55
CA LEU B 127 6.11 15.50 15.29
C LEU B 127 6.32 14.00 15.06
N ASN B 128 7.43 13.66 14.43
CA ASN B 128 7.73 12.29 14.02
C ASN B 128 8.92 11.77 14.80
N PHE B 129 8.76 10.57 15.38
CA PHE B 129 9.82 9.85 16.06
C PHE B 129 10.21 8.65 15.22
N GLY B 130 11.49 8.59 14.81
CA GLY B 130 11.94 7.46 14.01
C GLY B 130 11.86 6.15 14.78
N ALA B 131 12.14 6.20 16.09
CA ALA B 131 12.09 5.07 17.01
C ALA B 131 12.42 5.52 18.43
N VAL B 132 11.75 4.93 19.41
CA VAL B 132 12.05 5.06 20.84
C VAL B 132 11.85 3.69 21.48
N ASN B 133 12.89 3.16 22.15
CA ASN B 133 12.81 1.86 22.80
C ASN B 133 12.69 2.06 24.31
N TYR B 134 11.63 1.53 24.93
CA TYR B 134 10.61 0.66 24.33
C TYR B 134 9.23 1.32 24.37
N GLU B 135 8.93 1.95 25.52
CA GLU B 135 7.70 2.70 25.73
C GLU B 135 8.02 4.19 25.78
N ALA B 136 7.26 4.97 25.01
CA ALA B 136 7.39 6.42 25.01
C ALA B 136 6.04 7.04 25.34
N ILE B 137 6.03 7.97 26.31
CA ILE B 137 4.89 8.85 26.55
C ILE B 137 5.37 10.27 26.28
N VAL B 138 4.59 11.02 25.52
CA VAL B 138 5.02 12.30 24.97
C VAL B 138 4.05 13.39 25.43
N TRP B 139 4.61 14.50 25.91
CA TRP B 139 3.86 15.70 26.23
C TRP B 139 4.41 16.88 25.45
N LEU B 140 3.53 17.81 25.10
CA LEU B 140 3.92 19.09 24.53
C LEU B 140 3.24 20.17 25.37
N ASN B 141 4.03 21.09 25.90
CA ASN B 141 3.50 22.18 26.74
C ASN B 141 2.60 21.65 27.86
N GLY B 142 3.04 20.57 28.49
CA GLY B 142 2.33 20.03 29.63
C GLY B 142 1.15 19.14 29.31
N LYS B 143 0.81 18.96 28.03
CA LYS B 143 -0.35 18.20 27.60
C LYS B 143 0.12 16.88 26.98
N ARG B 144 -0.52 15.78 27.38
CA ARG B 144 -0.10 14.48 26.88
C ARG B 144 -0.53 14.32 25.41
N LEU B 145 0.43 14.05 24.54
CA LEU B 145 0.12 13.77 23.15
C LEU B 145 -0.29 12.31 22.95
N GLY B 146 0.33 11.40 23.67
CA GLY B 146 -0.03 10.00 23.59
C GLY B 146 1.16 9.12 23.93
N ARG B 147 1.01 7.84 23.59
CA ARG B 147 1.92 6.79 24.05
C ARG B 147 2.23 5.84 22.89
N HIS B 148 3.40 5.19 22.98
CA HIS B 148 3.79 4.26 21.93
C HIS B 148 4.59 3.11 22.54
N ILE B 149 4.32 1.89 22.05
CA ILE B 149 5.04 0.68 22.41
C ILE B 149 5.62 0.06 21.15
N GLY B 150 6.81 -0.52 21.25
CA GLY B 150 7.52 -1.03 20.08
C GLY B 150 8.73 -0.18 19.80
N GLY B 151 9.93 -0.73 20.02
CA GLY B 151 11.12 0.08 20.03
C GLY B 151 11.79 0.33 18.70
N PHE B 152 11.21 -0.12 17.59
CA PHE B 152 11.86 -0.06 16.29
C PHE B 152 10.96 0.45 15.18
N THR B 153 9.81 1.06 15.52
CA THR B 153 8.91 1.54 14.50
C THR B 153 8.56 3.01 14.74
N PRO B 154 8.35 3.77 13.68
CA PRO B 154 8.08 5.20 13.81
C PRO B 154 6.67 5.48 14.29
N PHE B 155 6.47 6.69 14.82
CA PHE B 155 5.15 7.17 15.20
C PHE B 155 5.15 8.69 15.17
N ASN B 156 3.97 9.26 14.88
CA ASN B 156 3.79 10.70 14.73
C ASN B 156 2.66 11.20 15.62
N PHE B 157 2.72 12.49 15.93
CA PHE B 157 1.63 13.23 16.56
C PHE B 157 1.45 14.56 15.81
N GLU B 158 0.20 14.96 15.57
CA GLU B 158 -0.04 16.28 14.99
C GLU B 158 -0.05 17.32 16.10
N ILE B 159 0.73 18.39 15.91
CA ILE B 159 0.83 19.44 16.92
C ILE B 159 0.35 20.78 16.40
N THR B 160 -0.26 20.81 15.22
CA THR B 160 -0.72 22.03 14.58
C THR B 160 -1.32 23.05 15.56
N ASN B 161 -2.35 22.64 16.31
CA ASN B 161 -3.05 23.61 17.13
C ASN B 161 -2.61 23.61 18.59
N LEU B 162 -1.59 22.84 18.93
CA LEU B 162 -0.99 22.84 20.27
C LEU B 162 0.25 23.72 20.35
N LEU B 163 0.84 24.07 19.20
CA LEU B 163 2.06 24.86 19.16
C LEU B 163 1.77 26.26 19.69
N LYS B 164 2.67 26.78 20.53
CA LYS B 164 2.50 28.13 21.04
C LYS B 164 3.58 29.04 20.49
N GLU B 165 3.30 30.34 20.59
CA GLU B 165 4.30 31.35 20.29
C GLU B 165 5.44 31.26 21.29
N GLY B 166 6.65 31.52 20.80
CA GLY B 166 7.81 31.48 21.67
C GLY B 166 8.21 30.07 22.00
N THR B 167 8.66 29.85 23.23
CA THR B 167 9.26 28.57 23.60
C THR B 167 8.20 27.49 23.77
N ASN B 168 8.45 26.32 23.18
CA ASN B 168 7.61 25.15 23.36
C ASN B 168 8.40 24.10 24.12
N SER B 169 7.68 23.32 24.92
CA SER B 169 8.27 22.31 25.79
C SER B 169 7.86 20.94 25.28
N LEU B 170 8.84 20.11 24.94
CA LEU B 170 8.59 18.75 24.52
C LEU B 170 9.23 17.81 25.53
N VAL B 171 8.41 16.97 26.16
CA VAL B 171 8.89 16.04 27.17
C VAL B 171 8.58 14.62 26.71
N VAL B 172 9.57 13.73 26.81
CA VAL B 172 9.40 12.32 26.43
C VAL B 172 9.83 11.45 27.61
N LYS B 173 8.90 10.64 28.13
CA LYS B 173 9.22 9.64 29.14
C LYS B 173 9.52 8.33 28.41
N VAL B 174 10.79 7.91 28.42
CA VAL B 174 11.26 6.70 27.73
C VAL B 174 11.55 5.62 28.76
N ASP B 175 10.97 4.42 28.57
CA ASP B 175 11.20 3.30 29.48
C ASP B 175 11.53 2.04 28.67
N ASN B 176 12.63 1.37 29.02
CA ASN B 176 13.01 0.15 28.31
C ASN B 176 13.00 -1.07 29.22
N LYS B 177 12.26 -1.05 30.33
CA LYS B 177 12.15 -2.25 31.14
C LYS B 177 11.63 -3.41 30.28
N ARG B 178 12.21 -4.59 30.50
CA ARG B 178 11.76 -5.80 29.81
C ARG B 178 10.45 -6.28 30.41
N LEU B 179 9.46 -6.53 29.56
CA LEU B 179 8.17 -7.03 30.01
C LEU B 179 7.93 -8.42 29.45
N PRO B 180 7.41 -9.34 30.28
CA PRO B 180 7.08 -10.68 29.76
C PRO B 180 6.17 -10.65 28.53
N GLU B 181 5.14 -9.81 28.54
CA GLU B 181 4.16 -9.70 27.46
C GLU B 181 4.63 -8.88 26.26
N ALA B 182 5.82 -8.28 26.33
CA ALA B 182 6.24 -7.37 25.26
C ALA B 182 6.72 -8.14 24.03
N VAL B 183 6.95 -7.39 22.97
CA VAL B 183 7.55 -7.90 21.73
C VAL B 183 8.75 -7.02 21.42
N PRO B 184 9.99 -7.45 21.67
CA PRO B 184 10.41 -8.77 22.16
C PRO B 184 10.18 -8.93 23.67
N THR B 185 10.36 -10.14 24.18
CA THR B 185 10.05 -10.44 25.59
C THR B 185 11.28 -10.31 26.47
N VAL B 186 11.34 -11.05 27.58
CA VAL B 186 12.35 -10.77 28.61
C VAL B 186 13.70 -11.39 28.30
N ASN B 187 13.85 -12.09 27.18
CA ASN B 187 15.10 -12.74 26.85
C ASN B 187 15.33 -12.53 25.35
N ALA B 188 16.54 -12.09 25.02
CA ALA B 188 16.97 -11.91 23.64
C ALA B 188 18.48 -11.84 23.65
N ASP B 189 19.09 -12.10 22.49
CA ASP B 189 20.55 -12.11 22.46
C ASP B 189 21.14 -10.83 21.89
N TRP B 190 20.58 -9.67 22.26
CA TRP B 190 21.22 -8.40 21.92
C TRP B 190 20.95 -7.41 23.04
N TRP B 191 21.73 -6.33 23.03
CA TRP B 191 21.69 -5.39 24.15
C TRP B 191 20.35 -4.66 24.23
N ASN B 192 19.90 -4.39 25.47
CA ASN B 192 18.68 -3.62 25.69
C ASN B 192 19.03 -2.13 25.65
N PHE B 193 19.11 -1.61 24.41
CA PHE B 193 19.44 -0.22 24.14
C PHE B 193 18.20 0.64 24.34
N GLY B 194 18.17 1.46 25.38
CA GLY B 194 17.07 2.35 25.59
C GLY B 194 17.32 3.75 25.05
N GLY B 195 16.24 4.48 24.84
CA GLY B 195 16.32 5.90 24.57
C GLY B 195 15.63 6.29 23.27
N ILE B 196 15.79 7.56 22.90
CA ILE B 196 15.31 8.07 21.63
C ILE B 196 16.39 7.73 20.61
N THR B 197 16.26 6.56 19.99
CA THR B 197 17.35 5.94 19.26
C THR B 197 17.44 6.38 17.79
N ARG B 198 16.43 7.05 17.27
CA ARG B 198 16.46 7.58 15.92
C ARG B 198 16.00 9.03 15.92
N PRO B 199 16.28 9.77 14.84
CA PRO B 199 16.02 11.21 14.81
C PRO B 199 14.58 11.59 15.14
N VAL B 200 14.44 12.81 15.64
CA VAL B 200 13.16 13.43 15.93
C VAL B 200 12.96 14.58 14.95
N THR B 201 11.82 14.59 14.27
CA THR B 201 11.63 15.46 13.10
C THR B 201 10.29 16.17 13.15
N LEU B 202 10.30 17.48 12.92
CA LEU B 202 9.09 18.24 12.68
C LEU B 202 8.80 18.27 11.18
N ILE B 203 7.60 17.86 10.81
CA ILE B 203 7.20 17.77 9.41
C ILE B 203 6.05 18.75 9.20
N GLU B 204 6.25 19.71 8.30
CA GLU B 204 5.20 20.66 7.93
C GLU B 204 4.52 20.19 6.64
N MET B 205 3.19 20.26 6.63
CA MET B 205 2.33 19.79 5.56
C MET B 205 1.34 20.88 5.18
N PRO B 206 0.88 20.89 3.93
CA PRO B 206 -0.28 21.74 3.59
C PRO B 206 -1.53 21.17 4.21
N ALA B 207 -2.60 21.98 4.16
CA ALA B 207 -3.83 21.65 4.87
C ALA B 207 -4.36 20.28 4.44
N THR B 208 -4.29 19.97 3.15
CA THR B 208 -4.58 18.64 2.65
C THR B 208 -3.31 18.10 2.01
N TYR B 209 -2.86 16.92 2.45
CA TYR B 209 -1.56 16.45 2.01
C TYR B 209 -1.63 15.00 1.55
N ILE B 210 -0.62 14.62 0.75
CA ILE B 210 -0.45 13.25 0.33
C ILE B 210 0.18 12.50 1.51
N ARG B 211 -0.59 11.65 2.16
CA ARG B 211 -0.08 10.98 3.36
C ARG B 211 0.64 9.68 3.03
N ASP B 212 0.07 8.86 2.13
CA ASP B 212 0.57 7.53 1.85
C ASP B 212 0.38 7.24 0.37
N TYR B 213 1.24 6.37 -0.15
CA TYR B 213 1.17 6.01 -1.56
C TYR B 213 1.97 4.74 -1.79
N TYR B 214 1.64 4.05 -2.87
CA TYR B 214 2.27 2.80 -3.25
C TYR B 214 2.46 2.83 -4.76
N VAL B 215 3.67 2.51 -5.21
CA VAL B 215 4.00 2.44 -6.63
C VAL B 215 5.01 1.32 -6.85
N GLN B 216 4.55 0.20 -7.42
CA GLN B 216 5.39 -0.97 -7.67
C GLN B 216 4.87 -1.70 -8.90
N LEU B 217 5.66 -2.64 -9.42
CA LEU B 217 5.16 -3.52 -10.46
C LEU B 217 4.01 -4.38 -9.91
N ALA B 218 3.05 -4.68 -10.77
CA ALA B 218 2.04 -5.67 -10.41
C ALA B 218 2.72 -7.03 -10.20
N LYS B 219 2.03 -7.91 -9.48
CA LYS B 219 2.62 -9.21 -9.13
C LYS B 219 3.01 -9.96 -10.39
N ASP B 220 4.29 -10.35 -10.48
CA ASP B 220 4.81 -11.16 -11.58
C ASP B 220 4.62 -10.50 -12.95
N ASP B 221 4.63 -9.17 -13.03
CA ASP B 221 4.32 -8.49 -14.29
C ASP B 221 5.35 -7.39 -14.59
N LYS B 222 6.33 -7.72 -15.43
CA LYS B 222 7.36 -6.76 -15.84
C LYS B 222 6.81 -5.58 -16.63
N ASN B 223 5.53 -5.61 -17.02
CA ASN B 223 5.00 -4.62 -17.96
C ASN B 223 3.85 -3.81 -17.38
N MET B 224 3.61 -3.87 -16.07
CA MET B 224 2.47 -3.19 -15.47
C MET B 224 2.88 -2.61 -14.12
N ILE B 225 2.82 -1.29 -14.01
CA ILE B 225 2.99 -0.61 -12.74
C ILE B 225 1.62 -0.40 -12.12
N GLU B 226 1.49 -0.72 -10.84
CA GLU B 226 0.24 -0.48 -10.12
C GLU B 226 0.54 0.33 -8.87
N GLY B 227 -0.50 0.97 -8.35
CA GLY B 227 -0.28 1.80 -7.17
C GLY B 227 -1.57 2.41 -6.69
N TRP B 228 -1.42 3.21 -5.65
CA TRP B 228 -2.54 3.98 -5.13
C TRP B 228 -1.97 5.18 -4.38
N VAL B 229 -2.86 6.10 -4.03
CA VAL B 229 -2.48 7.35 -3.37
C VAL B 229 -3.57 7.68 -2.36
N GLN B 230 -3.17 8.26 -1.23
CA GLN B 230 -4.11 8.49 -0.14
C GLN B 230 -3.87 9.88 0.43
N LEU B 231 -4.89 10.73 0.35
CA LEU B 231 -4.83 12.09 0.86
C LEU B 231 -5.41 12.15 2.27
N GLU B 232 -5.05 13.23 2.97
CA GLU B 232 -5.50 13.47 4.33
C GLU B 232 -5.78 14.96 4.45
N GLY B 233 -7.01 15.32 4.81
CA GLY B 233 -7.35 16.73 4.96
C GLY B 233 -8.78 17.00 4.52
N SER B 234 -9.21 18.26 4.65
CA SER B 234 -10.60 18.60 4.38
C SER B 234 -10.92 18.57 2.89
N ASP B 235 -9.91 18.57 2.02
CA ASP B 235 -10.12 18.68 0.59
C ASP B 235 -9.68 17.40 -0.11
N LYS B 236 -10.38 16.29 0.16
CA LYS B 236 -9.86 14.96 -0.18
C LYS B 236 -10.11 14.56 -1.63
N GLU B 237 -11.03 15.23 -2.32
CA GLU B 237 -11.33 14.91 -3.72
C GLU B 237 -10.54 15.85 -4.61
N GLN B 238 -9.45 15.35 -5.18
CA GLN B 238 -8.56 16.16 -6.00
C GLN B 238 -8.08 15.36 -7.19
N LYS B 239 -7.58 16.07 -8.19
CA LYS B 239 -6.88 15.45 -9.29
C LYS B 239 -5.43 15.19 -8.87
N ILE B 240 -4.96 13.97 -9.12
CA ILE B 240 -3.59 13.56 -8.81
C ILE B 240 -2.90 13.20 -10.11
N THR B 241 -1.62 13.55 -10.21
CA THR B 241 -0.80 13.18 -11.36
C THR B 241 0.43 12.44 -10.87
N LEU B 242 0.63 11.23 -11.40
CA LEU B 242 1.84 10.46 -11.15
C LEU B 242 2.79 10.67 -12.31
N ASP B 243 3.97 11.20 -12.02
CA ASP B 243 4.95 11.56 -13.04
C ASP B 243 6.21 10.74 -12.84
N ILE B 244 6.58 9.96 -13.86
CA ILE B 244 7.87 9.29 -13.89
C ILE B 244 8.57 9.73 -15.17
N PRO B 245 9.32 10.83 -15.15
CA PRO B 245 9.75 11.45 -16.41
C PRO B 245 10.59 10.53 -17.28
N GLU B 246 11.53 9.78 -16.68
CA GLU B 246 12.40 8.94 -17.49
C GLU B 246 11.64 7.86 -18.23
N LEU B 247 10.46 7.47 -17.72
CA LEU B 247 9.58 6.52 -18.38
C LEU B 247 8.55 7.19 -19.26
N LYS B 248 8.57 8.51 -19.36
CA LYS B 248 7.51 9.25 -20.07
C LYS B 248 6.14 8.85 -19.57
N VAL B 249 6.00 8.67 -18.26
CA VAL B 249 4.72 8.39 -17.63
C VAL B 249 4.17 9.68 -17.03
N LYS B 250 2.90 9.96 -17.30
CA LYS B 250 2.24 11.14 -16.72
C LYS B 250 0.77 10.75 -16.51
N LYS B 251 0.54 9.98 -15.46
CA LYS B 251 -0.77 9.41 -15.18
C LYS B 251 -1.55 10.35 -14.27
N GLU B 252 -2.77 10.68 -14.66
CA GLU B 252 -3.64 11.58 -13.90
C GLU B 252 -4.90 10.84 -13.50
N VAL B 253 -5.25 10.93 -12.22
CA VAL B 253 -6.44 10.30 -11.68
C VAL B 253 -7.09 11.26 -10.68
N THR B 254 -8.29 10.90 -10.23
CA THR B 254 -9.06 11.70 -9.29
C THR B 254 -9.42 10.83 -8.09
N THR B 255 -9.05 11.30 -6.89
CA THR B 255 -9.37 10.56 -5.68
C THR B 255 -10.87 10.54 -5.42
N ASP B 256 -11.30 9.58 -4.62
CA ASP B 256 -12.70 9.47 -4.24
C ASP B 256 -12.96 10.37 -3.03
N ALA B 257 -14.16 10.26 -2.43
CA ALA B 257 -14.48 11.10 -1.29
C ALA B 257 -13.63 10.78 -0.07
N ASN B 258 -13.10 9.56 0.02
CA ASN B 258 -12.21 9.19 1.11
C ASN B 258 -10.76 9.59 0.85
N GLY B 259 -10.48 10.23 -0.28
CA GLY B 259 -9.15 10.70 -0.58
C GLY B 259 -8.23 9.70 -1.27
N TYR B 260 -8.79 8.63 -1.81
CA TYR B 260 -8.02 7.49 -2.32
C TYR B 260 -8.19 7.34 -3.83
N ALA B 261 -7.12 6.94 -4.51
CA ALA B 261 -7.16 6.58 -5.92
C ALA B 261 -6.16 5.47 -6.20
N SER B 262 -6.52 4.55 -7.09
CA SER B 262 -5.62 3.52 -7.56
C SER B 262 -5.32 3.73 -9.04
N PHE B 263 -4.30 3.03 -9.53
CA PHE B 263 -3.96 3.18 -10.94
C PHE B 263 -3.22 1.96 -11.45
N LEU B 264 -3.24 1.81 -12.77
CA LEU B 264 -2.48 0.79 -13.48
C LEU B 264 -1.89 1.46 -14.71
N ILE B 265 -0.58 1.34 -14.88
CA ILE B 265 0.13 2.05 -15.93
C ILE B 265 0.95 1.03 -16.72
N LYS B 266 0.58 0.84 -17.98
CA LYS B 266 1.39 0.03 -18.87
C LYS B 266 2.75 0.68 -19.08
N SER B 267 3.80 -0.02 -18.66
CA SER B 267 5.16 0.51 -18.78
C SER B 267 6.14 -0.65 -18.72
N LYS B 268 7.35 -0.40 -19.21
CA LYS B 268 8.43 -1.38 -19.27
C LYS B 268 9.70 -0.78 -18.68
N PRO B 269 9.73 -0.56 -17.37
CA PRO B 269 10.91 0.04 -16.76
C PRO B 269 12.10 -0.91 -16.81
N ILE B 270 13.30 -0.32 -16.78
CA ILE B 270 14.49 -1.10 -16.52
C ILE B 270 14.42 -1.61 -15.09
N LEU B 271 14.58 -2.93 -14.92
CA LEU B 271 14.34 -3.57 -13.63
C LEU B 271 15.57 -3.49 -12.73
N TRP B 272 15.30 -3.24 -11.45
CA TRP B 272 16.33 -3.20 -10.40
C TRP B 272 16.95 -4.58 -10.20
N THR B 273 18.28 -4.60 -10.10
CA THR B 273 19.04 -5.77 -9.72
C THR B 273 20.17 -5.32 -8.82
N PRO B 274 20.72 -6.23 -8.00
CA PRO B 274 21.89 -5.86 -7.18
C PRO B 274 23.05 -5.37 -8.01
N GLU B 275 23.22 -5.91 -9.22
CA GLU B 275 24.28 -5.46 -10.11
C GLU B 275 23.99 -4.07 -10.67
N ASN B 276 22.74 -3.79 -11.03
CA ASN B 276 22.33 -2.49 -11.59
C ASN B 276 21.11 -2.05 -10.82
N PRO B 277 21.31 -1.42 -9.65
CA PRO B 277 20.18 -1.04 -8.78
C PRO B 277 19.44 0.20 -9.29
N LYS B 278 18.85 0.07 -10.47
CA LYS B 278 18.21 1.19 -11.14
C LYS B 278 17.01 1.71 -10.34
N LEU B 279 17.03 3.00 -10.03
CA LEU B 279 15.92 3.69 -9.40
C LEU B 279 15.40 4.78 -10.31
N TYR B 280 14.09 4.97 -10.32
CA TYR B 280 13.44 6.02 -11.09
C TYR B 280 13.00 7.17 -10.19
N ALA B 281 13.20 8.39 -10.66
CA ALA B 281 12.64 9.57 -10.01
C ALA B 281 11.13 9.56 -10.21
N VAL B 282 10.39 9.44 -9.11
CA VAL B 282 8.94 9.38 -9.12
C VAL B 282 8.40 10.63 -8.43
N ASN B 283 7.53 11.37 -9.12
CA ASN B 283 6.93 12.59 -8.56
C ASN B 283 5.42 12.43 -8.51
N LEU B 284 4.84 12.60 -7.31
CA LEU B 284 3.40 12.66 -7.13
C LEU B 284 3.00 14.10 -6.83
N ALA B 285 2.00 14.60 -7.57
CA ALA B 285 1.52 15.96 -7.36
C ALA B 285 0.00 15.95 -7.36
N SER B 286 -0.59 16.39 -6.25
CA SER B 286 -2.02 16.61 -6.17
C SER B 286 -2.28 18.11 -6.30
N GLU B 287 -3.52 18.54 -6.13
CA GLU B 287 -3.80 19.96 -6.21
C GLU B 287 -3.13 20.74 -5.08
N THR B 288 -2.92 20.09 -3.92
CA THR B 288 -2.54 20.77 -2.69
C THR B 288 -1.21 20.31 -2.11
N ASP B 289 -0.55 19.33 -2.70
CA ASP B 289 0.68 18.76 -2.14
C ASP B 289 1.50 18.17 -3.28
N LYS B 290 2.79 18.01 -3.03
CA LYS B 290 3.62 17.27 -3.97
C LYS B 290 4.78 16.65 -3.20
N VAL B 291 5.17 15.43 -3.61
CA VAL B 291 6.29 14.73 -2.99
C VAL B 291 7.03 13.95 -4.07
N SER B 292 8.35 13.92 -3.96
CA SER B 292 9.22 13.17 -4.86
C SER B 292 9.85 12.00 -4.12
N ASP B 293 10.15 10.93 -4.87
CA ASP B 293 10.67 9.69 -4.34
C ASP B 293 11.60 9.05 -5.36
N GLU B 294 12.37 8.06 -4.93
CA GLU B 294 13.17 7.24 -5.83
C GLU B 294 12.76 5.80 -5.63
N ILE B 295 12.22 5.19 -6.67
CA ILE B 295 11.54 3.90 -6.57
C ILE B 295 12.01 3.01 -7.71
N GLY B 296 12.37 1.77 -7.39
CA GLY B 296 12.76 0.79 -8.39
C GLY B 296 11.67 -0.26 -8.58
N PHE B 297 11.82 -1.03 -9.65
CA PHE B 297 10.84 -2.02 -10.07
C PHE B 297 11.50 -3.37 -10.28
N ARG B 298 10.85 -4.42 -9.81
CA ARG B 298 11.34 -5.79 -9.98
C ARG B 298 10.23 -6.77 -9.64
N THR B 299 10.30 -7.95 -10.25
CA THR B 299 9.44 -9.07 -9.88
C THR B 299 10.25 -10.06 -9.04
N ILE B 300 9.56 -10.76 -8.15
CA ILE B 300 10.17 -11.73 -7.24
C ILE B 300 9.18 -12.87 -7.06
N ARG B 301 9.63 -14.10 -7.27
CA ARG B 301 8.79 -15.27 -7.00
C ARG B 301 9.70 -16.45 -6.75
N THR B 302 9.09 -17.54 -6.29
CA THR B 302 9.77 -18.82 -6.21
C THR B 302 9.24 -19.75 -7.30
N GLU B 303 10.09 -20.66 -7.76
CA GLU B 303 9.67 -21.70 -8.69
C GLU B 303 10.40 -22.97 -8.28
N GLY B 304 9.68 -23.90 -7.67
CA GLY B 304 10.33 -25.06 -7.11
C GLY B 304 11.31 -24.60 -6.05
N ILE B 305 12.57 -25.02 -6.18
CA ILE B 305 13.62 -24.65 -5.25
C ILE B 305 14.37 -23.38 -5.68
N LYS B 306 13.89 -22.69 -6.73
CA LYS B 306 14.57 -21.51 -7.25
C LYS B 306 13.87 -20.24 -6.77
N ILE B 307 14.66 -19.24 -6.38
CA ILE B 307 14.21 -17.87 -6.24
C ILE B 307 14.51 -17.13 -7.53
N LEU B 308 13.49 -16.51 -8.12
CA LEU B 308 13.60 -15.85 -9.41
C LEU B 308 13.42 -14.34 -9.24
N LEU B 309 14.51 -13.60 -9.43
CA LEU B 309 14.46 -12.13 -9.47
C LEU B 309 14.37 -11.71 -10.93
N ASN B 310 13.25 -11.10 -11.30
CA ASN B 310 13.06 -10.63 -12.67
C ASN B 310 13.13 -11.79 -13.68
N ASP B 311 12.66 -12.97 -13.25
CA ASP B 311 12.62 -14.20 -14.02
C ASP B 311 13.98 -14.89 -14.10
N LYS B 312 14.99 -14.39 -13.40
CA LYS B 312 16.32 -14.98 -13.42
C LYS B 312 16.59 -15.67 -12.09
N GLU B 313 17.02 -16.92 -12.14
CA GLU B 313 17.40 -17.63 -10.93
C GLU B 313 18.61 -16.96 -10.30
N ILE B 314 18.51 -16.68 -8.99
CA ILE B 314 19.55 -15.97 -8.26
C ILE B 314 19.89 -16.76 -7.00
N PHE B 315 21.11 -16.54 -6.51
CA PHE B 315 21.47 -17.00 -5.17
C PHE B 315 21.58 -15.79 -4.27
N CYS B 316 21.06 -15.92 -3.04
CA CYS B 316 21.12 -14.81 -2.09
C CYS B 316 22.43 -14.94 -1.33
N ARG B 317 23.48 -14.29 -1.85
CA ARG B 317 24.80 -14.24 -1.23
C ARG B 317 24.74 -13.21 -0.13
N GLY B 318 24.35 -13.64 1.07
CA GLY B 318 23.92 -12.71 2.09
C GLY B 318 24.84 -12.66 3.30
N ILE B 319 24.55 -11.69 4.15
CA ILE B 319 25.16 -11.57 5.48
C ILE B 319 24.13 -10.91 6.37
N SER B 320 24.11 -11.33 7.63
CA SER B 320 23.20 -10.73 8.61
C SER B 320 23.84 -9.49 9.23
N ILE B 321 22.99 -8.56 9.67
CA ILE B 321 23.45 -7.31 10.29
C ILE B 321 22.47 -6.83 11.36
N HIS B 322 22.97 -6.61 12.58
CA HIS B 322 22.25 -5.89 13.63
C HIS B 322 22.38 -4.38 13.39
N GLU B 323 21.48 -3.60 14.00
CA GLU B 323 21.46 -2.14 13.84
C GLU B 323 22.42 -1.49 14.84
N GLU B 324 23.72 -1.70 14.59
CA GLU B 324 24.72 -1.30 15.57
C GLU B 324 25.93 -0.72 14.86
N THR B 325 26.51 0.34 15.44
CA THR B 325 27.46 1.15 14.68
C THR B 325 28.87 0.54 14.71
N PRO B 326 29.61 0.67 13.62
CA PRO B 326 31.05 0.36 13.66
C PRO B 326 31.77 1.17 14.73
N TYR B 327 32.78 0.52 15.33
CA TYR B 327 33.76 1.14 16.21
C TYR B 327 33.26 1.30 17.64
N TYR B 328 32.17 2.06 17.84
CA TYR B 328 31.68 2.32 19.18
C TYR B 328 30.43 1.55 19.56
N SER B 329 29.81 0.85 18.61
CA SER B 329 28.80 -0.17 18.87
C SER B 329 27.62 0.38 19.67
N GLY B 330 27.09 1.53 19.24
CA GLY B 330 25.81 2.02 19.68
C GLY B 330 24.74 1.75 18.63
N ARG B 331 23.53 2.26 18.90
CA ARG B 331 22.44 2.11 17.94
C ARG B 331 22.71 2.94 16.69
N ALA B 332 22.66 2.29 15.53
CA ALA B 332 22.91 2.95 14.26
C ALA B 332 21.66 3.72 13.80
N TYR B 333 21.88 4.81 13.05
CA TYR B 333 20.74 5.61 12.60
C TYR B 333 21.01 6.45 11.36
N SER B 334 22.28 6.69 11.02
CA SER B 334 22.60 7.65 9.97
C SER B 334 23.01 6.96 8.67
N LYS B 335 23.02 7.74 7.59
CA LYS B 335 23.52 7.24 6.32
C LYS B 335 25.01 6.88 6.40
N ASP B 336 25.79 7.61 7.19
CA ASP B 336 27.19 7.22 7.41
C ASP B 336 27.29 5.81 7.97
N HIS B 337 26.56 5.54 9.07
CA HIS B 337 26.55 4.21 9.66
C HIS B 337 26.22 3.15 8.62
N ALA B 338 25.13 3.40 7.88
CA ALA B 338 24.68 2.43 6.89
C ALA B 338 25.74 2.23 5.82
N HIS B 339 26.34 3.31 5.33
CA HIS B 339 27.31 3.14 4.24
C HIS B 339 28.53 2.35 4.68
N THR B 340 28.97 2.56 5.92
CA THR B 340 30.14 1.84 6.43
C THR B 340 29.86 0.35 6.50
N LEU B 341 28.73 -0.01 7.13
CA LEU B 341 28.36 -1.42 7.25
C LEU B 341 28.16 -2.05 5.87
N LEU B 342 27.42 -1.37 4.99
CA LEU B 342 27.14 -1.95 3.68
C LEU B 342 28.40 -2.04 2.82
N SER B 343 29.37 -1.15 3.02
CA SER B 343 30.61 -1.26 2.25
C SER B 343 31.39 -2.51 2.65
N TRP B 344 31.33 -2.88 3.92
CA TRP B 344 31.91 -4.15 4.37
C TRP B 344 31.21 -5.32 3.69
N ALA B 345 29.88 -5.30 3.63
CA ALA B 345 29.17 -6.38 2.98
C ALA B 345 29.43 -6.37 1.47
N LYS B 346 29.64 -5.20 0.88
CA LYS B 346 30.05 -5.13 -0.52
C LYS B 346 31.36 -5.87 -0.74
N GLU B 347 32.36 -5.58 0.10
CA GLU B 347 33.67 -6.21 -0.02
C GLU B 347 33.56 -7.72 0.19
N LEU B 348 32.67 -8.14 1.09
CA LEU B 348 32.44 -9.56 1.33
C LEU B 348 31.87 -10.27 0.12
N GLY B 349 31.38 -9.54 -0.87
CA GLY B 349 30.78 -10.14 -2.04
C GLY B 349 29.29 -10.39 -1.96
N CYS B 350 28.57 -9.72 -1.06
CA CYS B 350 27.16 -10.00 -0.87
C CYS B 350 26.31 -9.25 -1.90
N ASN B 351 25.16 -9.84 -2.22
CA ASN B 351 24.09 -9.13 -2.92
C ASN B 351 22.84 -9.07 -2.06
N PHE B 352 22.95 -9.38 -0.76
CA PHE B 352 21.79 -9.57 0.11
C PHE B 352 22.22 -9.31 1.55
N VAL B 353 21.38 -8.63 2.32
CA VAL B 353 21.59 -8.47 3.76
C VAL B 353 20.31 -8.85 4.50
N ARG B 354 20.47 -9.63 5.56
CA ARG B 354 19.40 -9.87 6.51
C ARG B 354 19.53 -8.81 7.61
N LEU B 355 18.52 -7.95 7.73
CA LEU B 355 18.51 -6.92 8.77
C LEU B 355 17.74 -7.51 9.94
N ALA B 356 18.46 -7.93 10.97
CA ALA B 356 17.88 -8.62 12.13
C ALA B 356 17.92 -7.71 13.35
N HIS B 357 17.03 -7.94 14.32
CA HIS B 357 15.86 -8.85 14.31
C HIS B 357 14.57 -8.02 14.41
N TYR B 358 14.59 -6.86 13.77
CA TYR B 358 13.59 -5.82 13.94
C TYR B 358 13.75 -4.85 12.78
N PRO B 359 12.76 -4.01 12.51
CA PRO B 359 12.94 -3.03 11.42
C PRO B 359 14.10 -2.09 11.74
N HIS B 360 15.01 -1.94 10.78
CA HIS B 360 16.11 -0.99 10.92
C HIS B 360 15.66 0.42 10.51
N ASN B 361 16.47 1.40 10.87
CA ASN B 361 16.21 2.77 10.47
C ASN B 361 16.12 2.86 8.95
N GLU B 362 15.34 3.83 8.47
CA GLU B 362 15.08 3.95 7.04
C GLU B 362 16.36 4.21 6.25
N GLU B 363 17.32 4.91 6.85
CA GLU B 363 18.58 5.18 6.16
C GLU B 363 19.27 3.90 5.74
N MET B 364 19.24 2.88 6.59
CA MET B 364 19.87 1.60 6.27
C MET B 364 19.20 0.94 5.06
N VAL B 365 17.86 0.95 5.02
CA VAL B 365 17.15 0.29 3.93
C VAL B 365 17.36 1.04 2.63
N ARG B 366 17.36 2.39 2.68
CA ARG B 366 17.54 3.20 1.47
C ARG B 366 18.96 3.05 0.91
N GLU B 367 19.96 2.96 1.79
CA GLU B 367 21.33 2.80 1.31
C GLU B 367 21.55 1.38 0.75
N ALA B 368 20.90 0.37 1.35
CA ALA B 368 20.92 -0.95 0.71
C ALA B 368 20.29 -0.91 -0.67
N GLU B 369 19.21 -0.14 -0.81
CA GLU B 369 18.51 -0.01 -2.09
C GLU B 369 19.37 0.69 -3.12
N ARG B 370 20.10 1.73 -2.70
CA ARG B 370 20.94 2.47 -3.64
C ARG B 370 22.18 1.67 -4.04
N MET B 371 22.74 0.90 -3.10
CA MET B 371 23.99 0.21 -3.35
C MET B 371 23.81 -1.13 -4.04
N GLY B 372 22.62 -1.72 -4.00
CA GLY B 372 22.35 -2.97 -4.67
C GLY B 372 22.35 -4.17 -3.75
N PHE B 373 21.67 -4.08 -2.60
CA PHE B 373 21.53 -5.21 -1.70
C PHE B 373 20.06 -5.57 -1.54
N LEU B 374 19.71 -6.80 -1.91
CA LEU B 374 18.43 -7.35 -1.54
C LEU B 374 18.33 -7.44 -0.01
N VAL B 375 17.11 -7.35 0.51
CA VAL B 375 16.90 -7.20 1.95
C VAL B 375 15.85 -8.17 2.46
N TRP B 376 16.13 -8.75 3.63
CA TRP B 376 15.20 -9.48 4.47
C TRP B 376 14.91 -8.56 5.65
N SER B 377 13.63 -8.27 5.88
CA SER B 377 13.17 -7.29 6.87
C SER B 377 12.27 -7.99 7.89
N GLU B 378 12.53 -7.76 9.19
CA GLU B 378 12.01 -8.64 10.22
C GLU B 378 11.45 -7.85 11.39
N ILE B 379 10.52 -8.47 12.12
CA ILE B 379 9.98 -7.94 13.38
C ILE B 379 10.41 -8.84 14.54
N PRO B 380 10.51 -8.27 15.76
CA PRO B 380 11.14 -9.01 16.87
C PRO B 380 10.25 -10.00 17.56
N VAL B 381 9.52 -10.80 16.78
CA VAL B 381 8.79 -11.94 17.33
C VAL B 381 9.81 -13.06 17.52
N TYR B 382 10.42 -13.08 18.70
CA TYR B 382 11.74 -13.65 18.93
C TYR B 382 11.70 -14.50 20.19
N TRP B 383 11.99 -15.80 20.05
CA TRP B 383 12.06 -16.72 21.20
C TRP B 383 10.69 -16.80 21.88
N THR B 384 10.60 -16.63 23.20
CA THR B 384 9.44 -17.12 23.98
C THR B 384 8.35 -16.05 24.15
N ILE B 385 7.85 -15.59 23.00
CA ILE B 385 6.74 -14.64 22.99
C ILE B 385 5.48 -15.24 23.61
N HIS B 386 4.68 -14.39 24.26
CA HIS B 386 3.48 -14.83 24.96
C HIS B 386 2.35 -15.07 23.96
N TRP B 387 2.30 -16.31 23.45
CA TRP B 387 1.46 -16.62 22.30
C TRP B 387 -0.02 -16.51 22.64
N GLU B 388 -0.37 -16.68 23.90
CA GLU B 388 -1.75 -16.67 24.37
C GLU B 388 -2.26 -15.28 24.74
N ASN B 389 -1.39 -14.28 24.79
CA ASN B 389 -1.77 -12.93 25.20
C ASN B 389 -2.26 -12.15 23.98
N LYS B 390 -3.49 -11.64 24.06
CA LYS B 390 -4.09 -10.96 22.90
C LYS B 390 -3.51 -9.58 22.70
N ASP B 391 -3.13 -8.90 23.78
CA ASP B 391 -2.40 -7.64 23.63
C ASP B 391 -1.06 -7.87 22.95
N THR B 392 -0.38 -8.97 23.30
CA THR B 392 0.88 -9.32 22.66
C THR B 392 0.71 -9.51 21.17
N TYR B 393 -0.34 -10.22 20.76
CA TYR B 393 -0.61 -10.34 19.33
C TYR B 393 -0.85 -8.98 18.69
N GLN B 394 -1.71 -8.15 19.29
CA GLN B 394 -1.97 -6.82 18.75
C GLN B 394 -0.67 -6.07 18.53
N ASN B 395 0.23 -6.13 19.51
CA ASN B 395 1.53 -5.48 19.39
C ASN B 395 2.31 -6.04 18.20
N ALA B 396 2.44 -7.36 18.12
CA ALA B 396 3.17 -7.98 17.02
C ALA B 396 2.61 -7.56 15.67
N GLU B 397 1.27 -7.60 15.53
CA GLU B 397 0.69 -7.30 14.23
C GLU B 397 0.81 -5.83 13.88
N GLN B 398 0.77 -4.94 14.89
CA GLN B 398 0.97 -3.52 14.61
C GLN B 398 2.38 -3.25 14.10
N GLN B 399 3.38 -3.91 14.70
CA GLN B 399 4.74 -3.74 14.22
C GLN B 399 4.88 -4.26 12.79
N LEU B 400 4.20 -5.36 12.47
CA LEU B 400 4.20 -5.89 11.11
C LEU B 400 3.58 -4.89 10.14
N CYS B 401 2.43 -4.32 10.50
CA CYS B 401 1.78 -3.34 9.64
C CYS B 401 2.67 -2.12 9.44
N ASP B 402 3.26 -1.61 10.53
CA ASP B 402 4.12 -0.44 10.43
C ASP B 402 5.38 -0.73 9.62
N MET B 403 5.95 -1.93 9.78
CA MET B 403 7.14 -2.29 9.02
C MET B 403 6.85 -2.28 7.54
N ILE B 404 5.75 -2.91 7.13
CA ILE B 404 5.41 -2.97 5.70
C ILE B 404 4.98 -1.61 5.19
N ALA B 405 4.28 -0.83 6.02
CA ALA B 405 3.76 0.46 5.57
C ALA B 405 4.88 1.41 5.19
N ARG B 406 5.95 1.45 5.99
CA ARG B 406 7.04 2.37 5.72
C ARG B 406 7.78 2.03 4.43
N ASP B 407 8.06 0.75 4.20
CA ASP B 407 9.02 0.31 3.18
C ASP B 407 8.38 -0.44 2.02
N LYS B 408 7.07 -0.35 1.85
CA LYS B 408 6.42 -1.12 0.80
C LYS B 408 6.85 -0.71 -0.61
N ASN B 409 7.51 0.44 -0.77
CA ASN B 409 7.99 0.91 -2.07
C ASN B 409 9.48 0.65 -2.28
N ARG B 410 10.12 -0.10 -1.40
CA ARG B 410 11.56 -0.42 -1.50
C ARG B 410 11.68 -1.77 -2.20
N CYS B 411 11.96 -1.74 -3.51
CA CYS B 411 11.96 -2.96 -4.30
C CYS B 411 13.06 -3.93 -3.85
N ASN B 412 14.09 -3.43 -3.18
CA ASN B 412 15.16 -4.33 -2.78
C ASN B 412 14.75 -5.28 -1.65
N ILE B 413 13.72 -4.94 -0.86
CA ILE B 413 13.16 -5.89 0.11
C ILE B 413 12.37 -6.95 -0.64
N ILE B 414 12.70 -8.22 -0.39
CA ILE B 414 12.02 -9.34 -1.06
C ILE B 414 11.48 -10.36 -0.08
N ILE B 415 11.87 -10.26 1.20
CA ILE B 415 11.41 -11.19 2.22
C ILE B 415 10.97 -10.40 3.44
N TRP B 416 9.74 -10.60 3.89
CA TRP B 416 9.30 -10.17 5.21
C TRP B 416 9.40 -11.37 6.15
N SER B 417 10.07 -11.18 7.29
CA SER B 417 10.24 -12.23 8.28
C SER B 417 9.36 -11.93 9.49
N ILE B 418 8.57 -12.93 9.90
CA ILE B 418 7.60 -12.76 10.96
C ILE B 418 8.04 -13.35 12.29
N ALA B 419 9.17 -14.06 12.34
CA ALA B 419 9.57 -14.71 13.59
C ALA B 419 11.01 -15.18 13.50
N ASN B 420 11.59 -15.47 14.67
CA ASN B 420 12.94 -16.00 14.74
C ASN B 420 13.05 -16.95 15.94
N GLU B 421 13.30 -18.24 15.67
CA GLU B 421 13.61 -19.25 16.69
C GLU B 421 12.56 -19.29 17.80
N THR B 422 11.30 -19.46 17.39
CA THR B 422 10.19 -19.55 18.35
C THR B 422 9.82 -20.99 18.61
N PRO B 423 9.59 -21.36 19.88
CA PRO B 423 9.34 -22.77 20.21
C PRO B 423 8.00 -23.25 19.67
N HIS B 424 7.95 -24.56 19.38
CA HIS B 424 6.78 -25.14 18.75
C HIS B 424 5.67 -25.36 19.76
N SER B 425 4.47 -24.89 19.42
CA SER B 425 3.26 -25.15 20.19
C SER B 425 2.08 -24.78 19.32
N LYS B 426 0.91 -25.31 19.67
CA LYS B 426 -0.30 -24.98 18.93
C LYS B 426 -0.55 -23.48 18.92
N THR B 427 -0.47 -22.84 20.08
CA THR B 427 -0.76 -21.41 20.17
C THR B 427 0.25 -20.59 19.36
N ARG B 428 1.53 -20.98 19.41
CA ARG B 428 2.52 -20.29 18.59
C ARG B 428 2.19 -20.40 17.11
N LEU B 429 1.78 -21.60 16.65
CA LEU B 429 1.45 -21.74 15.23
C LEU B 429 0.28 -20.86 14.82
N THR B 430 -0.75 -20.79 15.67
CA THR B 430 -1.88 -19.92 15.38
C THR B 430 -1.43 -18.47 15.28
N PHE B 431 -0.74 -17.99 16.31
CA PHE B 431 -0.14 -16.65 16.34
C PHE B 431 0.59 -16.32 15.05
N LEU B 432 1.57 -17.15 14.66
CA LEU B 432 2.37 -16.85 13.47
C LEU B 432 1.56 -17.01 12.19
N SER B 433 0.59 -17.94 12.17
CA SER B 433 -0.30 -18.03 11.02
C SER B 433 -1.02 -16.72 10.77
N ASN B 434 -1.54 -16.10 11.84
CA ASN B 434 -2.27 -14.86 11.67
C ASN B 434 -1.37 -13.74 11.15
N LEU B 435 -0.11 -13.72 11.59
CA LEU B 435 0.81 -12.71 11.06
C LEU B 435 1.09 -12.95 9.59
N ALA B 436 1.33 -14.20 9.21
CA ALA B 436 1.60 -14.50 7.80
C ALA B 436 0.42 -14.12 6.93
N ASN B 437 -0.80 -14.44 7.37
CA ASN B 437 -1.98 -14.06 6.63
C ASN B 437 -2.09 -12.54 6.50
N LYS B 438 -1.85 -11.83 7.60
CA LYS B 438 -1.88 -10.37 7.55
C LYS B 438 -0.84 -9.82 6.58
N ALA B 439 0.37 -10.38 6.63
CA ALA B 439 1.43 -9.92 5.73
C ALA B 439 1.02 -10.11 4.28
N ARG B 440 0.48 -11.28 3.94
CA ARG B 440 0.02 -11.51 2.58
C ARG B 440 -1.15 -10.61 2.22
N SER B 441 -2.01 -10.28 3.19
CA SER B 441 -3.12 -9.37 2.91
C SER B 441 -2.61 -7.97 2.61
N LEU B 442 -1.46 -7.61 3.17
CA LEU B 442 -0.88 -6.28 2.95
C LEU B 442 0.04 -6.23 1.74
N ASP B 443 0.62 -7.35 1.33
CA ASP B 443 1.65 -7.35 0.30
C ASP B 443 1.59 -8.69 -0.43
N SER B 444 1.02 -8.69 -1.63
CA SER B 444 0.87 -9.93 -2.39
C SER B 444 2.14 -10.33 -3.13
N VAL B 445 3.19 -9.53 -3.12
CA VAL B 445 4.35 -9.74 -3.98
C VAL B 445 5.51 -10.38 -3.21
N ARG B 446 5.91 -9.79 -2.09
CA ARG B 446 7.14 -10.24 -1.46
C ARG B 446 6.97 -11.62 -0.82
N LEU B 447 8.11 -12.28 -0.58
CA LEU B 447 8.11 -13.59 0.04
C LEU B 447 7.97 -13.47 1.55
N ILE B 448 7.39 -14.49 2.17
CA ILE B 448 7.21 -14.56 3.61
C ILE B 448 8.17 -15.60 4.17
N GLY B 449 9.05 -15.17 5.07
CA GLY B 449 9.97 -16.06 5.74
C GLY B 449 9.84 -15.97 7.26
N ALA B 450 10.66 -16.78 7.93
CA ALA B 450 10.79 -16.79 9.38
C ALA B 450 11.94 -17.73 9.75
N ALA B 451 12.76 -17.36 10.74
CA ALA B 451 13.90 -18.21 11.06
C ALA B 451 13.42 -19.41 11.87
N MET B 452 13.36 -20.59 11.23
CA MET B 452 13.04 -21.82 11.93
C MET B 452 14.34 -22.45 12.43
N GLU B 453 14.26 -23.70 12.89
CA GLU B 453 15.38 -24.38 13.52
C GLU B 453 15.44 -25.82 13.03
N LYS B 454 16.63 -26.41 13.02
CA LYS B 454 16.81 -27.75 12.50
C LYS B 454 16.67 -28.79 13.59
N GLU B 455 16.53 -30.04 13.15
CA GLU B 455 16.38 -31.20 14.02
C GLU B 455 17.19 -32.35 13.43
N GLU B 456 17.78 -33.17 14.29
CA GLU B 456 18.52 -34.36 13.86
C GLU B 456 17.61 -35.55 14.07
N VAL B 457 16.86 -35.90 13.02
CA VAL B 457 15.79 -36.89 13.16
C VAL B 457 16.36 -38.29 13.32
N GLN B 458 17.50 -38.57 12.71
CA GLN B 458 18.27 -39.78 12.92
C GLN B 458 19.73 -39.38 12.95
N PRO B 459 20.58 -40.13 13.63
CA PRO B 459 22.00 -39.77 13.68
C PRO B 459 22.54 -39.48 12.28
N GLY B 460 23.18 -38.31 12.14
CA GLY B 460 23.73 -37.88 10.87
C GLY B 460 22.75 -37.35 9.85
N VAL B 461 21.46 -37.27 10.18
CA VAL B 461 20.43 -36.82 9.24
C VAL B 461 19.74 -35.59 9.82
N LEU B 462 19.93 -34.45 9.18
CA LEU B 462 19.38 -33.18 9.66
C LEU B 462 18.24 -32.73 8.76
N THR B 463 17.22 -32.12 9.36
CA THR B 463 16.07 -31.67 8.60
C THR B 463 15.41 -30.49 9.32
N VAL B 464 14.34 -29.99 8.72
CA VAL B 464 13.51 -28.94 9.30
C VAL B 464 12.07 -29.38 9.13
N ASN B 465 11.42 -29.81 10.22
CA ASN B 465 10.06 -30.32 10.14
C ASN B 465 9.08 -29.47 10.92
N ASP B 466 9.34 -28.18 11.00
CA ASP B 466 8.47 -27.25 11.72
C ASP B 466 7.17 -27.03 10.94
N PRO B 467 6.00 -27.21 11.57
CA PRO B 467 4.74 -26.95 10.85
C PRO B 467 4.61 -25.52 10.35
N LEU B 468 5.36 -24.57 10.91
CA LEU B 468 5.32 -23.21 10.38
C LEU B 468 5.73 -23.17 8.91
N GLY B 469 6.57 -24.12 8.49
CA GLY B 469 7.08 -24.08 7.12
C GLY B 469 6.00 -24.06 6.06
N GLU B 470 4.86 -24.69 6.33
CA GLU B 470 3.78 -24.70 5.35
C GLU B 470 3.26 -23.30 5.07
N LEU B 471 3.43 -22.38 6.01
CA LEU B 471 2.98 -20.99 5.85
C LEU B 471 4.03 -20.08 5.22
N LEU B 472 5.26 -20.56 5.00
CA LEU B 472 6.30 -19.74 4.43
C LEU B 472 6.55 -20.09 2.97
N ASP B 473 7.13 -19.13 2.23
CA ASP B 473 7.48 -19.40 0.84
C ASP B 473 8.84 -20.07 0.69
N ILE B 474 9.63 -20.11 1.76
CA ILE B 474 10.99 -20.65 1.74
C ILE B 474 11.20 -21.47 3.00
N ILE B 475 12.09 -22.45 2.93
CA ILE B 475 12.51 -23.22 4.10
C ILE B 475 13.71 -22.47 4.69
N SER B 476 13.41 -21.48 5.54
CA SER B 476 14.40 -20.57 6.09
C SER B 476 14.66 -20.96 7.54
N PHE B 477 15.92 -21.15 7.90
CA PHE B 477 16.21 -21.65 9.25
C PHE B 477 17.64 -21.32 9.65
N ASN B 478 17.84 -21.27 10.97
CA ASN B 478 19.17 -21.09 11.55
C ASN B 478 19.78 -22.44 11.86
N GLU B 479 21.09 -22.54 11.68
CA GLU B 479 21.77 -23.76 12.08
C GLU B 479 23.20 -23.42 12.46
N TYR B 480 23.72 -24.11 13.47
CA TYR B 480 25.05 -23.86 13.99
C TYR B 480 25.85 -25.15 14.13
N VAL B 481 25.76 -26.02 13.12
CA VAL B 481 26.65 -27.16 13.04
C VAL B 481 28.09 -26.68 13.07
N GLY B 482 28.91 -27.31 13.93
CA GLY B 482 30.30 -26.91 14.06
C GLY B 482 30.57 -25.84 15.11
N TRP B 483 29.54 -25.21 15.67
CA TRP B 483 29.76 -24.27 16.77
C TRP B 483 28.98 -24.72 17.99
N TYR B 484 27.64 -24.65 17.96
CA TYR B 484 26.82 -25.12 19.06
C TYR B 484 26.56 -26.62 18.98
N ASP B 485 26.51 -27.16 17.77
CA ASP B 485 26.15 -28.55 17.52
C ASP B 485 27.39 -29.21 16.92
N GLY B 486 28.25 -29.76 17.79
CA GLY B 486 29.48 -30.40 17.38
C GLY B 486 30.64 -29.42 17.20
N ASP B 487 31.84 -29.99 17.04
CA ASP B 487 32.99 -29.26 16.56
C ASP B 487 32.94 -29.22 15.02
N SER B 488 33.91 -28.53 14.42
CA SER B 488 33.86 -28.25 12.98
C SER B 488 33.78 -29.53 12.15
N GLU B 489 34.31 -30.65 12.66
CA GLU B 489 34.28 -31.92 11.94
C GLU B 489 32.86 -32.36 11.63
N LYS B 490 31.86 -31.93 12.41
CA LYS B 490 30.52 -32.43 12.15
C LYS B 490 30.01 -31.92 10.81
N CYS B 491 30.47 -30.75 10.37
CA CYS B 491 30.17 -30.26 9.03
C CYS B 491 30.58 -31.24 7.97
N ASP B 492 31.61 -32.05 8.24
CA ASP B 492 32.17 -32.97 7.27
C ASP B 492 31.39 -34.27 7.11
N ARG B 493 30.43 -34.55 7.99
CA ARG B 493 29.77 -35.86 7.96
C ARG B 493 28.25 -35.84 7.93
N VAL B 494 27.60 -34.75 8.35
CA VAL B 494 26.14 -34.78 8.44
C VAL B 494 25.54 -34.62 7.05
N ASN B 495 24.29 -35.07 6.91
CA ASN B 495 23.55 -34.93 5.68
C ASN B 495 22.20 -34.28 5.94
N TRP B 496 21.66 -33.66 4.89
CA TRP B 496 20.44 -32.85 5.00
C TRP B 496 19.39 -33.35 4.03
N THR B 497 18.13 -33.35 4.47
CA THR B 497 17.01 -33.68 3.59
C THR B 497 15.82 -32.79 3.93
N PHE B 498 14.99 -32.53 2.92
CA PHE B 498 13.81 -31.70 3.12
C PHE B 498 12.63 -32.34 2.40
N ASP B 499 11.45 -32.27 3.00
CA ASP B 499 10.28 -32.99 2.53
C ASP B 499 9.37 -32.15 1.63
N THR B 500 9.71 -30.88 1.38
CA THR B 500 9.00 -30.07 0.42
C THR B 500 10.02 -29.42 -0.52
N GLN B 501 9.59 -29.19 -1.76
CA GLN B 501 10.47 -28.58 -2.78
C GLN B 501 10.25 -27.08 -2.84
N LYS B 502 10.60 -26.42 -1.73
CA LYS B 502 10.70 -24.96 -1.70
C LYS B 502 12.18 -24.58 -1.58
N PRO B 503 12.57 -23.39 -2.03
CA PRO B 503 13.96 -22.97 -1.87
C PRO B 503 14.36 -22.98 -0.40
N VAL B 504 15.58 -23.43 -0.13
CA VAL B 504 16.12 -23.50 1.22
C VAL B 504 16.97 -22.26 1.47
N PHE B 505 16.78 -21.62 2.62
CA PHE B 505 17.48 -20.38 2.96
C PHE B 505 18.03 -20.50 4.38
N ILE B 506 19.35 -20.49 4.54
CA ILE B 506 19.93 -20.61 5.87
C ILE B 506 20.14 -19.18 6.37
N SER B 507 19.27 -18.75 7.29
CA SER B 507 19.23 -17.38 7.74
C SER B 507 20.25 -17.06 8.84
N GLU B 508 20.90 -18.07 9.43
CA GLU B 508 22.04 -17.87 10.33
C GLU B 508 22.90 -19.11 10.32
N LEU B 509 24.21 -18.90 10.38
CA LEU B 509 25.20 -19.95 10.62
C LEU B 509 26.50 -19.26 11.01
N GLY B 510 27.42 -20.04 11.60
CA GLY B 510 28.72 -19.48 11.94
C GLY B 510 29.30 -19.79 13.31
N GLY B 511 30.20 -18.95 13.79
CA GLY B 511 30.86 -19.17 15.07
C GLY B 511 31.63 -17.94 15.50
N GLY B 512 32.01 -17.92 16.77
CA GLY B 512 32.68 -16.77 17.35
C GLY B 512 34.19 -16.83 17.28
N ALA B 513 34.81 -15.64 17.24
CA ALA B 513 36.25 -15.48 17.21
C ALA B 513 36.57 -14.06 17.65
N LEU B 514 37.64 -13.87 18.42
CA LEU B 514 38.13 -12.54 18.77
C LEU B 514 39.25 -12.17 17.81
N TYR B 515 39.11 -11.03 17.11
CA TYR B 515 40.15 -10.61 16.18
C TYR B 515 41.47 -10.39 16.92
N GLY B 516 42.55 -10.92 16.37
CA GLY B 516 43.86 -10.80 16.97
C GLY B 516 44.21 -11.91 17.95
N HIS B 517 43.29 -12.83 18.18
CA HIS B 517 43.45 -13.93 19.14
C HIS B 517 43.65 -15.20 18.34
N HIS B 518 44.88 -15.73 18.34
CA HIS B 518 45.27 -16.83 17.47
C HIS B 518 45.63 -18.07 18.26
N GLY B 519 45.51 -19.21 17.60
CA GLY B 519 45.86 -20.46 18.23
C GLY B 519 45.63 -21.60 17.28
N SER B 520 45.46 -22.80 17.84
CA SER B 520 45.20 -23.96 17.01
C SER B 520 43.81 -23.85 16.39
N PRO B 521 43.60 -24.42 15.20
CA PRO B 521 42.24 -24.45 14.62
C PRO B 521 41.29 -25.27 15.46
N LYS B 522 41.79 -26.00 16.47
CA LYS B 522 40.97 -26.72 17.43
C LYS B 522 40.51 -25.86 18.61
N GLU B 523 41.09 -24.68 18.80
CA GLU B 523 40.83 -23.88 20.00
C GLU B 523 39.70 -22.87 19.71
N ARG B 524 38.58 -23.02 20.41
CA ARG B 524 37.45 -22.16 20.15
C ARG B 524 37.76 -20.72 20.53
N PHE B 525 37.17 -19.80 19.77
CA PHE B 525 37.28 -18.34 19.85
C PHE B 525 38.56 -17.80 19.20
N THR B 526 39.45 -18.65 18.70
CA THR B 526 40.54 -18.16 17.89
C THR B 526 40.05 -17.85 16.48
N GLU B 527 40.79 -16.99 15.78
CA GLU B 527 40.50 -16.78 14.36
C GLU B 527 40.67 -18.07 13.57
N GLU B 528 41.57 -18.97 14.01
CA GLU B 528 41.85 -20.18 13.24
C GLU B 528 40.71 -21.18 13.32
N TYR B 529 40.05 -21.28 14.49
CA TYR B 529 38.89 -22.16 14.58
C TYR B 529 37.76 -21.65 13.71
N GLN B 530 37.49 -20.34 13.77
CA GLN B 530 36.39 -19.79 12.98
C GLN B 530 36.69 -19.92 11.51
N GLU B 531 37.96 -19.81 11.11
CA GLU B 531 38.35 -20.01 9.72
C GLU B 531 38.12 -21.46 9.30
N ASP B 532 38.62 -22.40 10.10
CA ASP B 532 38.43 -23.82 9.80
C ASP B 532 36.96 -24.17 9.77
N LEU B 533 36.19 -23.69 10.75
CA LEU B 533 34.74 -23.85 10.72
C LEU B 533 34.15 -23.42 9.39
N TYR B 534 34.46 -22.20 8.94
CA TYR B 534 33.83 -21.69 7.73
C TYR B 534 34.25 -22.47 6.49
N ILE B 535 35.49 -22.94 6.44
CA ILE B 535 35.92 -23.78 5.32
C ILE B 535 35.06 -25.04 5.24
N ARG B 536 34.90 -25.73 6.38
CA ARG B 536 34.13 -26.98 6.35
C ARG B 536 32.65 -26.73 6.22
N HIS B 537 32.14 -25.63 6.79
CA HIS B 537 30.71 -25.31 6.68
C HIS B 537 30.35 -24.90 5.27
N VAL B 538 31.18 -24.08 4.63
CA VAL B 538 30.97 -23.76 3.22
C VAL B 538 30.90 -25.04 2.38
N ASN B 539 31.81 -25.98 2.62
CA ASN B 539 31.77 -27.21 1.83
C ASN B 539 30.46 -27.96 2.07
N MET B 540 29.96 -27.94 3.31
CA MET B 540 28.67 -28.58 3.60
C MET B 540 27.53 -27.88 2.88
N LEU B 541 27.55 -26.54 2.86
CA LEU B 541 26.49 -25.80 2.17
C LEU B 541 26.36 -26.22 0.72
N LYS B 542 27.48 -26.47 0.06
CA LYS B 542 27.45 -26.84 -1.35
C LYS B 542 26.70 -28.12 -1.62
N ARG B 543 26.41 -28.91 -0.59
CA ARG B 543 25.73 -30.20 -0.77
C ARG B 543 24.33 -30.22 -0.18
N ILE B 544 23.81 -29.07 0.23
CA ILE B 544 22.46 -28.98 0.79
C ILE B 544 21.48 -28.83 -0.38
N PRO B 545 20.60 -29.80 -0.61
CA PRO B 545 19.71 -29.72 -1.78
C PRO B 545 18.71 -28.59 -1.65
N GLY B 546 18.60 -27.78 -2.70
CA GLY B 546 17.65 -26.69 -2.75
C GLY B 546 18.14 -25.39 -2.13
N LEU B 547 19.38 -25.34 -1.63
CA LEU B 547 19.89 -24.10 -1.06
C LEU B 547 19.85 -22.99 -2.10
N ALA B 548 19.24 -21.85 -1.71
CA ALA B 548 19.15 -20.67 -2.57
C ALA B 548 19.61 -19.38 -1.89
N GLY B 549 19.90 -19.40 -0.59
CA GLY B 549 20.38 -18.20 0.07
C GLY B 549 21.05 -18.55 1.38
N THR B 550 21.98 -17.70 1.80
CA THR B 550 22.65 -17.82 3.09
C THR B 550 22.90 -16.41 3.63
N THR B 551 22.62 -16.18 4.91
CA THR B 551 22.96 -14.92 5.58
C THR B 551 23.67 -15.25 6.89
N PRO B 552 24.96 -15.58 6.83
CA PRO B 552 25.67 -15.98 8.04
C PRO B 552 25.60 -14.95 9.15
N TRP B 553 25.69 -15.45 10.36
CA TRP B 553 25.64 -14.67 11.58
C TRP B 553 27.08 -14.51 12.03
N ILE B 554 27.69 -13.34 11.83
CA ILE B 554 27.03 -12.08 11.48
C ILE B 554 28.10 -11.15 10.90
N LEU B 555 27.71 -10.01 10.33
CA LEU B 555 28.71 -9.13 9.72
C LEU B 555 29.70 -8.62 10.77
N LYS B 556 29.21 -8.05 11.87
CA LYS B 556 30.04 -7.34 12.85
C LYS B 556 29.71 -7.78 14.26
N ASP B 557 30.74 -8.03 15.08
CA ASP B 557 30.53 -8.29 16.50
C ASP B 557 29.57 -7.27 17.07
N PHE B 558 28.69 -7.70 17.96
CA PHE B 558 27.68 -6.79 18.50
C PHE B 558 27.47 -7.04 19.98
N ARG B 559 26.84 -6.08 20.65
CA ARG B 559 26.67 -6.16 22.10
C ARG B 559 25.59 -7.18 22.47
N SER B 560 25.90 -8.03 23.46
CA SER B 560 24.90 -8.95 24.01
C SER B 560 25.21 -9.18 25.47
N PRO B 561 24.21 -9.10 26.36
CA PRO B 561 24.45 -9.40 27.77
C PRO B 561 24.46 -10.87 28.11
N ARG B 562 24.47 -11.76 27.12
CA ARG B 562 24.57 -13.19 27.36
C ARG B 562 25.93 -13.75 26.94
N ARG B 563 26.97 -12.91 26.86
CA ARG B 563 28.28 -13.33 26.38
C ARG B 563 29.33 -12.86 27.39
N HIS B 564 29.78 -13.80 28.26
CA HIS B 564 30.47 -13.43 29.49
C HIS B 564 31.90 -13.96 29.60
N VAL B 565 32.46 -14.52 28.53
CA VAL B 565 33.86 -14.96 28.61
C VAL B 565 34.75 -13.73 28.72
N PRO B 566 35.49 -13.56 29.81
CA PRO B 566 36.32 -12.36 29.95
C PRO B 566 37.48 -12.37 28.95
N GLU B 567 37.80 -11.18 28.44
CA GLU B 567 38.92 -10.98 27.54
C GLU B 567 38.70 -11.65 26.20
N ILE B 568 37.55 -12.28 25.98
CA ILE B 568 37.21 -12.87 24.70
C ILE B 568 35.92 -12.23 24.20
N GLN B 569 34.84 -12.39 24.96
CA GLN B 569 33.57 -11.79 24.59
C GLN B 569 33.38 -10.41 25.17
N ASP B 570 33.50 -10.27 26.50
CA ASP B 570 33.38 -8.97 27.16
C ASP B 570 32.09 -8.26 26.75
N ASP B 571 30.99 -9.02 26.80
CA ASP B 571 29.66 -8.50 26.52
C ASP B 571 29.44 -8.28 25.03
N PHE B 572 30.22 -8.97 24.19
CA PHE B 572 30.03 -8.95 22.75
C PHE B 572 29.81 -10.38 22.25
N ASN B 573 28.79 -10.55 21.41
CA ASN B 573 28.69 -11.73 20.57
C ASN B 573 29.78 -11.63 19.51
N ARG B 574 30.65 -12.64 19.46
CA ARG B 574 31.85 -12.56 18.64
C ARG B 574 31.70 -13.27 17.30
N LYS B 575 30.47 -13.50 16.85
CA LYS B 575 30.29 -14.25 15.61
C LYS B 575 30.46 -13.37 14.37
N GLY B 576 30.92 -12.13 14.53
CA GLY B 576 31.18 -11.31 13.35
C GLY B 576 32.24 -11.90 12.44
N LEU B 577 32.08 -11.68 11.14
CA LEU B 577 33.23 -11.86 10.26
C LEU B 577 34.12 -10.65 10.25
N VAL B 578 33.60 -9.51 10.73
CA VAL B 578 34.36 -8.29 10.98
C VAL B 578 34.27 -8.02 12.48
N SER B 579 35.38 -7.60 13.09
CA SER B 579 35.33 -7.19 14.49
C SER B 579 34.47 -5.96 14.65
N ASP B 580 34.12 -5.62 15.91
CA ASP B 580 33.43 -4.37 16.14
C ASP B 580 34.28 -3.15 15.75
N LYS B 581 35.60 -3.33 15.59
CA LYS B 581 36.51 -2.26 15.17
C LYS B 581 36.82 -2.34 13.67
N GLY B 582 36.02 -3.07 12.92
CA GLY B 582 36.12 -3.05 11.47
C GLY B 582 37.27 -3.85 10.91
N GLN B 583 37.78 -4.84 11.66
CA GLN B 583 38.90 -5.67 11.23
C GLN B 583 38.37 -6.99 10.68
N LYS B 584 38.79 -7.32 9.45
CA LYS B 584 38.33 -8.55 8.80
C LYS B 584 39.05 -9.74 9.39
N LYS B 585 38.29 -10.66 9.98
CA LYS B 585 38.86 -11.88 10.53
C LYS B 585 39.17 -12.86 9.40
N LYS B 586 39.99 -13.86 9.72
CA LYS B 586 40.37 -14.84 8.70
C LYS B 586 39.14 -15.42 8.00
N ALA B 587 38.07 -15.71 8.75
CA ALA B 587 36.91 -16.37 8.15
C ALA B 587 36.21 -15.48 7.12
N PHE B 588 36.31 -14.15 7.27
CA PHE B 588 35.77 -13.23 6.27
C PHE B 588 36.15 -13.65 4.85
N PHE B 589 37.42 -14.00 4.66
CA PHE B 589 37.90 -14.30 3.31
C PHE B 589 37.46 -15.67 2.81
N VAL B 590 37.16 -16.61 3.72
CA VAL B 590 36.61 -17.89 3.29
C VAL B 590 35.25 -17.68 2.65
N LEU B 591 34.37 -16.95 3.32
CA LEU B 591 33.05 -16.67 2.75
C LEU B 591 33.18 -15.80 1.50
N GLN B 592 34.09 -14.82 1.53
CA GLN B 592 34.28 -13.96 0.36
C GLN B 592 34.61 -14.80 -0.86
N LYS B 593 35.51 -15.77 -0.69
CA LYS B 593 35.94 -16.61 -1.81
C LYS B 593 34.76 -17.41 -2.36
N TRP B 594 33.95 -18.01 -1.47
CA TRP B 594 32.77 -18.73 -1.92
C TRP B 594 31.79 -17.79 -2.64
N TYR B 595 31.56 -16.60 -2.08
CA TYR B 595 30.65 -15.68 -2.75
C TYR B 595 31.17 -15.25 -4.11
N LYS B 596 32.49 -15.16 -4.28
CA LYS B 596 33.04 -14.87 -5.59
C LYS B 596 32.78 -16.00 -6.58
N GLU B 597 32.77 -17.25 -6.10
CA GLU B 597 32.48 -18.39 -6.97
C GLU B 597 31.01 -18.47 -7.34
N LEU B 598 30.12 -18.19 -6.37
CA LEU B 598 28.69 -18.17 -6.65
C LEU B 598 28.33 -17.02 -7.60
N THR B 599 29.06 -15.91 -7.53
CA THR B 599 28.80 -14.80 -8.45
C THR B 599 29.05 -15.24 -9.88
N GLU B 600 30.09 -16.04 -10.11
CA GLU B 600 30.39 -16.52 -11.45
C GLU B 600 29.41 -17.61 -11.87
N ALA B 601 29.08 -18.53 -10.95
CA ALA B 601 28.22 -19.65 -11.31
C ALA B 601 26.80 -19.21 -11.63
N TYR B 602 26.35 -18.08 -11.08
CA TYR B 602 24.98 -17.65 -11.28
C TYR B 602 24.87 -16.53 -12.32
N LYS B 603 25.96 -16.26 -13.04
CA LYS B 603 25.98 -15.19 -14.04
C LYS B 603 24.90 -15.38 -15.08
N ALA C 25 -27.68 6.87 43.77
CA ALA C 25 -27.03 7.77 42.83
C ALA C 25 -26.67 7.07 41.51
N PRO C 26 -25.64 6.23 41.51
CA PRO C 26 -25.22 5.60 40.25
C PRO C 26 -26.22 4.56 39.80
N GLN C 27 -26.00 4.04 38.59
CA GLN C 27 -26.90 3.03 38.05
C GLN C 27 -26.82 1.74 38.84
N ILE C 28 -27.93 1.01 38.88
CA ILE C 28 -28.00 -0.31 39.52
C ILE C 28 -28.28 -1.34 38.44
N MET C 29 -27.44 -2.35 38.37
CA MET C 29 -27.60 -3.42 37.39
C MET C 29 -28.72 -4.38 37.80
N ASN C 30 -29.49 -4.82 36.82
CA ASN C 30 -30.46 -5.89 37.02
C ASN C 30 -31.40 -5.53 38.19
N VAL C 31 -32.09 -4.39 38.04
CA VAL C 31 -33.00 -3.94 39.08
C VAL C 31 -34.07 -4.99 39.37
N SER C 32 -34.59 -5.63 38.33
CA SER C 32 -35.73 -6.51 38.51
C SER C 32 -35.44 -7.68 39.44
N ALA C 33 -34.17 -8.05 39.60
CA ALA C 33 -33.78 -9.16 40.45
C ALA C 33 -33.46 -8.74 41.88
N ARG C 34 -33.61 -7.47 42.21
CA ARG C 34 -33.38 -7.00 43.58
C ARG C 34 -34.66 -7.08 44.40
N GLN C 35 -34.59 -6.67 45.65
CA GLN C 35 -35.77 -6.59 46.50
C GLN C 35 -36.53 -5.31 46.14
N THR C 36 -37.57 -5.45 45.34
CA THR C 36 -38.25 -4.30 44.75
C THR C 36 -39.68 -4.19 45.28
N THR C 37 -40.13 -2.93 45.40
CA THR C 37 -41.52 -2.59 45.67
C THR C 37 -41.99 -1.54 44.67
N SER C 38 -43.16 -1.76 44.10
CA SER C 38 -43.65 -0.86 43.06
C SER C 38 -44.40 0.32 43.68
N LEU C 39 -44.19 1.50 43.10
CA LEU C 39 -44.97 2.68 43.44
C LEU C 39 -45.95 3.05 42.33
N ASP C 40 -46.16 2.17 41.35
CA ASP C 40 -47.03 2.45 40.22
C ASP C 40 -48.48 2.41 40.64
N GLY C 41 -49.33 2.84 39.70
CA GLY C 41 -50.76 2.93 39.95
C GLY C 41 -51.31 4.20 39.34
N GLN C 42 -52.01 5.02 40.13
CA GLN C 42 -52.47 6.32 39.70
C GLN C 42 -52.04 7.34 40.75
N TRP C 43 -51.44 8.43 40.30
CA TRP C 43 -50.94 9.49 41.17
C TRP C 43 -51.73 10.76 40.94
N LYS C 44 -51.79 11.62 41.97
CA LYS C 44 -52.41 12.93 41.82
C LYS C 44 -51.51 13.85 41.01
N THR C 45 -52.13 14.76 40.23
CA THR C 45 -51.39 15.50 39.23
C THR C 45 -51.89 16.93 39.13
N ILE C 46 -51.00 17.82 38.71
CA ILE C 46 -51.35 19.21 38.42
C ILE C 46 -50.73 19.60 37.09
N VAL C 47 -51.55 19.97 36.11
CA VAL C 47 -51.01 20.50 34.87
C VAL C 47 -50.66 21.96 35.10
N ASP C 48 -49.44 22.35 34.73
CA ASP C 48 -48.89 23.64 35.17
C ASP C 48 -48.13 24.30 34.01
N PRO C 49 -48.87 24.78 33.01
CA PRO C 49 -48.21 25.20 31.75
C PRO C 49 -47.27 26.39 31.91
N PHE C 50 -47.55 27.31 32.84
CA PHE C 50 -46.67 28.44 33.10
C PHE C 50 -45.77 28.22 34.32
N GLU C 51 -45.75 27.01 34.86
CA GLU C 51 -44.83 26.63 35.95
C GLU C 51 -45.03 27.54 37.16
N ASN C 52 -46.30 27.84 37.45
CA ASN C 52 -46.63 28.58 38.66
C ASN C 52 -46.19 27.85 39.92
N GLY C 53 -46.05 26.52 39.84
CA GLY C 53 -45.67 25.75 41.02
C GLY C 53 -44.20 25.79 41.34
N TYR C 54 -43.41 26.40 40.46
CA TYR C 54 -41.96 26.48 40.60
C TYR C 54 -41.44 27.91 40.66
N TYR C 55 -42.05 28.84 39.90
CA TYR C 55 -41.61 30.24 39.78
C TYR C 55 -42.70 31.18 40.29
N ASP C 56 -42.30 32.26 40.97
CA ASP C 56 -43.27 33.30 41.32
C ASP C 56 -43.37 34.33 40.19
N TYR C 57 -44.17 35.38 40.41
CA TYR C 57 -44.41 36.28 39.30
C TYR C 57 -43.21 37.14 38.97
N ARG C 58 -42.13 37.04 39.74
CA ARG C 58 -40.86 37.64 39.34
C ARG C 58 -39.96 36.62 38.62
N LEU C 59 -40.49 35.43 38.31
CA LEU C 59 -39.74 34.35 37.69
C LEU C 59 -38.62 33.87 38.61
N LYS C 60 -38.87 33.88 39.93
CA LYS C 60 -37.90 33.40 40.88
C LYS C 60 -38.41 32.15 41.60
N PRO C 61 -37.54 31.20 41.93
CA PRO C 61 -37.97 30.08 42.77
C PRO C 61 -38.51 30.62 44.09
N TYR C 62 -39.53 29.94 44.61
CA TYR C 62 -40.12 30.35 45.88
C TYR C 62 -40.40 29.13 46.75
N ASP C 63 -40.10 29.25 48.03
CA ASP C 63 -40.50 28.22 48.97
C ASP C 63 -42.00 28.31 49.17
N GLY C 64 -42.66 27.15 49.20
CA GLY C 64 -44.10 27.12 49.18
C GLY C 64 -44.71 26.75 47.85
N GLY C 65 -43.88 26.48 46.84
CA GLY C 65 -44.38 25.93 45.61
C GLY C 65 -44.84 24.48 45.80
N TYR C 66 -45.27 23.88 44.69
CA TYR C 66 -46.00 22.62 44.78
C TYR C 66 -45.16 21.47 45.34
N ALA C 67 -43.83 21.59 45.35
CA ALA C 67 -42.97 20.53 45.85
C ALA C 67 -43.26 20.21 47.31
N GLN C 68 -43.79 21.18 48.05
CA GLN C 68 -44.08 20.93 49.45
C GLN C 68 -45.33 20.06 49.66
N ASP C 69 -46.15 19.86 48.63
CA ASP C 69 -47.28 18.93 48.69
C ASP C 69 -48.14 19.18 49.94
N LYS C 70 -48.51 20.44 50.15
CA LYS C 70 -49.30 20.83 51.32
C LYS C 70 -50.78 20.64 51.01
N THR C 71 -51.42 19.68 51.70
CA THR C 71 -52.85 19.50 51.51
C THR C 71 -53.60 20.75 51.99
N TYR C 72 -54.51 21.26 51.17
CA TYR C 72 -55.22 22.52 51.43
C TYR C 72 -56.38 22.27 52.40
N SER C 73 -56.03 21.95 53.64
CA SER C 73 -57.02 21.65 54.68
C SER C 73 -57.54 22.90 55.37
N ASP C 74 -56.68 23.88 55.61
CA ASP C 74 -57.01 25.08 56.37
C ASP C 74 -57.31 26.23 55.40
N LYS C 75 -58.59 26.38 55.05
CA LYS C 75 -59.02 27.41 54.10
C LYS C 75 -59.00 28.83 54.67
N THR C 76 -58.67 29.04 55.95
CA THR C 76 -58.44 30.41 56.41
C THR C 76 -57.11 30.96 55.89
N LYS C 77 -56.29 30.13 55.24
CA LYS C 77 -55.07 30.57 54.61
C LYS C 77 -55.21 30.46 53.09
N LEU C 78 -54.41 31.22 52.36
CA LEU C 78 -54.44 31.23 50.89
C LEU C 78 -53.38 30.30 50.31
N GLN C 79 -53.78 29.39 49.44
CA GLN C 79 -52.84 28.77 48.52
C GLN C 79 -53.57 28.48 47.22
N GLU C 80 -52.81 28.15 46.16
CA GLU C 80 -53.35 28.15 44.81
C GLU C 80 -53.41 26.77 44.20
N TYR C 81 -53.31 25.72 45.01
CA TYR C 81 -53.21 24.36 44.52
C TYR C 81 -53.60 23.38 45.62
N ASP C 82 -53.95 22.16 45.21
CA ASP C 82 -54.22 21.10 46.18
C ASP C 82 -54.13 19.77 45.43
N PHE C 83 -53.00 19.05 45.59
CA PHE C 83 -52.88 17.71 45.03
C PHE C 83 -54.01 16.81 45.51
N GLU C 84 -54.38 16.95 46.80
CA GLU C 84 -55.27 15.99 47.43
C GLU C 84 -56.61 15.85 46.70
N THR C 85 -57.12 16.94 46.11
CA THR C 85 -58.41 16.91 45.42
C THR C 85 -58.28 17.09 43.92
N ASP C 86 -57.09 16.93 43.35
CA ASP C 86 -56.89 17.12 41.92
C ASP C 86 -57.01 15.77 41.18
N LYS C 87 -56.74 15.79 39.88
CA LYS C 87 -57.02 14.64 39.03
C LYS C 87 -55.86 13.65 39.04
N LEU C 88 -56.15 12.42 38.59
CA LEU C 88 -55.17 11.34 38.51
C LEU C 88 -54.58 11.17 37.11
N LEU C 89 -53.37 10.60 37.07
CA LEU C 89 -52.81 10.01 35.87
C LEU C 89 -52.29 8.63 36.20
N PHE C 90 -52.31 7.76 35.21
CA PHE C 90 -51.66 6.47 35.37
C PHE C 90 -50.15 6.63 35.36
N VAL C 91 -49.49 5.87 36.23
CA VAL C 91 -48.04 5.76 36.28
C VAL C 91 -47.72 4.27 36.30
N PRO C 92 -46.94 3.75 35.35
CA PRO C 92 -46.27 4.40 34.22
C PRO C 92 -47.21 4.79 33.07
N GLY C 93 -46.81 5.78 32.29
CA GLY C 93 -47.46 6.06 31.03
C GLY C 93 -47.12 7.44 30.50
N ASP C 94 -47.27 7.58 29.18
CA ASP C 94 -47.38 8.90 28.60
C ASP C 94 -48.66 9.57 29.09
N TRP C 95 -48.63 10.90 29.21
CA TRP C 95 -49.88 11.58 29.55
C TRP C 95 -50.75 11.82 28.32
N ASN C 96 -50.16 11.77 27.13
CA ASN C 96 -50.83 12.27 25.94
C ASN C 96 -52.09 11.49 25.60
N THR C 97 -52.05 10.17 25.77
CA THR C 97 -53.21 9.34 25.45
C THR C 97 -54.18 9.23 26.62
N GLN C 98 -53.93 9.92 27.73
CA GLN C 98 -54.76 9.75 28.91
C GLN C 98 -55.90 10.75 28.98
N ARG C 99 -55.70 11.94 28.42
CA ARG C 99 -56.75 12.96 28.35
C ARG C 99 -56.67 13.65 26.99
N PRO C 100 -57.82 13.94 26.39
CA PRO C 100 -57.80 14.76 25.17
C PRO C 100 -56.98 16.03 25.33
N GLN C 101 -57.14 16.73 26.46
CA GLN C 101 -56.45 17.99 26.70
C GLN C 101 -54.94 17.84 26.70
N LEU C 102 -54.43 16.63 26.95
CA LEU C 102 -53.00 16.42 27.03
C LEU C 102 -52.40 15.81 25.76
N TYR C 103 -53.24 15.57 24.74
CA TYR C 103 -52.79 14.98 23.48
C TYR C 103 -51.53 15.65 22.93
N TYR C 104 -51.58 16.97 22.75
CA TYR C 104 -50.46 17.77 22.26
C TYR C 104 -49.62 18.42 23.36
N TYR C 105 -49.85 18.10 24.63
CA TYR C 105 -49.35 18.99 25.68
C TYR C 105 -47.83 18.90 25.80
N GLU C 106 -47.18 20.06 25.80
CA GLU C 106 -45.73 20.19 25.94
C GLU C 106 -45.50 21.19 27.05
N GLY C 107 -44.93 20.74 28.16
CA GLY C 107 -44.79 21.60 29.31
C GLY C 107 -44.71 20.76 30.56
N THR C 108 -45.02 21.39 31.70
CA THR C 108 -44.89 20.76 33.00
C THR C 108 -46.19 20.10 33.46
N VAL C 109 -46.06 18.92 34.05
CA VAL C 109 -47.12 18.29 34.85
C VAL C 109 -46.50 17.83 36.16
N TRP C 110 -47.16 18.19 37.28
CA TRP C 110 -46.71 17.74 38.60
C TRP C 110 -47.35 16.40 38.94
N TYR C 111 -46.53 15.46 39.43
CA TYR C 111 -46.97 14.15 39.90
C TYR C 111 -46.67 14.05 41.37
N ARG C 112 -47.60 13.46 42.13
CA ARG C 112 -47.47 13.35 43.57
C ARG C 112 -47.96 11.99 44.05
N LYS C 113 -47.14 11.29 44.84
CA LYS C 113 -47.44 9.98 45.41
C LYS C 113 -47.19 10.00 46.92
N HIS C 114 -48.14 9.49 47.68
CA HIS C 114 -47.91 9.20 49.10
C HIS C 114 -47.63 7.72 49.31
N PHE C 115 -46.62 7.40 50.13
CA PHE C 115 -46.33 5.99 50.37
C PHE C 115 -45.77 5.78 51.77
N GLU C 116 -45.85 4.53 52.22
CA GLU C 116 -45.21 4.12 53.46
C GLU C 116 -44.24 3.00 53.16
N TYR C 117 -43.16 2.94 53.93
CA TYR C 117 -42.17 1.87 53.75
C TYR C 117 -41.46 1.66 55.07
N SER C 118 -41.38 0.41 55.49
CA SER C 118 -40.72 0.01 56.73
C SER C 118 -39.33 -0.49 56.36
N LEU C 119 -38.31 0.31 56.67
CA LEU C 119 -36.91 -0.02 56.34
C LEU C 119 -36.18 -0.36 57.64
N GLN C 120 -35.75 -1.61 57.77
CA GLN C 120 -35.01 -2.00 58.97
C GLN C 120 -33.74 -1.17 59.09
N PRO C 121 -33.36 -0.77 60.29
CA PRO C 121 -32.11 -0.02 60.47
C PRO C 121 -30.93 -0.76 59.87
N GLY C 122 -30.08 -0.04 59.14
CA GLY C 122 -28.93 -0.62 58.48
C GLY C 122 -29.14 -0.95 57.01
N LYS C 123 -30.38 -1.20 56.60
CA LYS C 123 -30.63 -1.44 55.20
C LYS C 123 -30.72 -0.13 54.44
N ARG C 124 -30.54 -0.20 53.13
CA ARG C 124 -30.56 0.98 52.28
C ARG C 124 -31.71 0.91 51.29
N LEU C 125 -32.16 2.08 50.85
CA LEU C 125 -33.34 2.17 50.01
C LEU C 125 -33.09 3.18 48.89
N PHE C 126 -33.40 2.78 47.67
CA PHE C 126 -33.21 3.61 46.49
C PHE C 126 -34.53 3.78 45.77
N LEU C 127 -34.70 4.94 45.17
CA LEU C 127 -35.85 5.24 44.32
C LEU C 127 -35.37 5.21 42.87
N ASN C 128 -35.91 4.28 42.08
CA ASN C 128 -35.50 4.06 40.70
C ASN C 128 -36.63 4.46 39.75
N PHE C 129 -36.30 5.32 38.78
CA PHE C 129 -37.22 5.71 37.72
C PHE C 129 -36.75 5.05 36.44
N GLY C 130 -37.61 4.22 35.84
CA GLY C 130 -37.24 3.55 34.60
C GLY C 130 -37.04 4.52 33.47
N ALA C 131 -37.81 5.62 33.48
CA ALA C 131 -37.71 6.70 32.49
C ALA C 131 -38.77 7.77 32.75
N VAL C 132 -38.38 9.03 32.54
CA VAL C 132 -39.28 10.18 32.60
C VAL C 132 -38.90 11.12 31.47
N ASN C 133 -39.84 11.46 30.62
CA ASN C 133 -39.57 12.34 29.48
C ASN C 133 -40.19 13.71 29.74
N TYR C 134 -39.37 14.76 29.75
CA TYR C 134 -37.96 14.77 29.36
C TYR C 134 -37.07 15.16 30.54
N GLU C 135 -37.48 16.19 31.27
CA GLU C 135 -36.78 16.67 32.46
C GLU C 135 -37.60 16.28 33.68
N ALA C 136 -36.93 15.71 34.67
CA ALA C 136 -37.57 15.37 35.95
C ALA C 136 -36.82 16.04 37.09
N ILE C 137 -37.57 16.70 37.97
CA ILE C 137 -37.06 17.17 39.25
C ILE C 137 -37.86 16.47 40.32
N VAL C 138 -37.17 15.89 41.29
CA VAL C 138 -37.78 15.00 42.27
C VAL C 138 -37.56 15.55 43.67
N TRP C 139 -38.62 15.59 44.47
CA TRP C 139 -38.55 15.89 45.90
C TRP C 139 -39.13 14.74 46.73
N LEU C 140 -38.62 14.58 47.95
CA LEU C 140 -39.15 13.63 48.90
C LEU C 140 -39.34 14.36 50.22
N ASN C 141 -40.57 14.37 50.71
CA ASN C 141 -40.90 15.10 51.95
C ASN C 141 -40.40 16.54 51.87
N GLY C 142 -40.61 17.19 50.73
CA GLY C 142 -40.28 18.58 50.56
C GLY C 142 -38.83 18.86 50.24
N LYS C 143 -37.97 17.85 50.26
CA LYS C 143 -36.54 18.01 50.04
C LYS C 143 -36.19 17.59 48.62
N ARG C 144 -35.43 18.42 47.92
CA ARG C 144 -35.08 18.11 46.53
C ARG C 144 -34.04 17.00 46.48
N LEU C 145 -34.35 15.93 45.74
CA LEU C 145 -33.41 14.82 45.56
C LEU C 145 -32.46 15.06 44.40
N GLY C 146 -32.91 15.77 43.39
CA GLY C 146 -32.09 15.94 42.21
C GLY C 146 -32.95 16.13 40.98
N ARG C 147 -32.30 16.01 39.83
CA ARG C 147 -32.86 16.39 38.55
C ARG C 147 -32.25 15.49 37.49
N HIS C 148 -33.04 15.16 36.48
CA HIS C 148 -32.59 14.30 35.40
C HIS C 148 -33.03 14.85 34.05
N ILE C 149 -32.16 14.69 33.06
CA ILE C 149 -32.46 15.07 31.68
C ILE C 149 -32.25 13.83 30.83
N GLY C 150 -33.06 13.69 29.78
CA GLY C 150 -33.00 12.54 28.89
C GLY C 150 -34.18 11.63 29.15
N GLY C 151 -35.04 11.43 28.16
CA GLY C 151 -36.34 10.83 28.40
C GLY C 151 -36.43 9.32 28.33
N PHE C 152 -35.31 8.61 28.12
CA PHE C 152 -35.39 7.18 27.86
C PHE C 152 -34.37 6.37 28.64
N THR C 153 -33.78 6.95 29.68
CA THR C 153 -32.75 6.26 30.45
C THR C 153 -33.09 6.35 31.94
N PRO C 154 -32.78 5.30 32.68
CA PRO C 154 -33.17 5.23 34.09
C PRO C 154 -32.29 6.11 34.97
N PHE C 155 -32.80 6.40 36.17
CA PHE C 155 -32.01 7.12 37.15
C PHE C 155 -32.52 6.78 38.55
N ASN C 156 -31.63 6.90 39.53
CA ASN C 156 -31.88 6.50 40.91
C ASN C 156 -31.52 7.62 41.87
N PHE C 157 -32.21 7.63 43.02
CA PHE C 157 -31.80 8.43 44.17
C PHE C 157 -31.80 7.54 45.40
N GLU C 158 -30.82 7.72 46.28
CA GLU C 158 -30.84 7.03 47.57
C GLU C 158 -31.68 7.83 48.55
N ILE C 159 -32.64 7.17 49.21
CA ILE C 159 -33.52 7.84 50.16
C ILE C 159 -33.44 7.24 51.55
N THR C 160 -32.44 6.39 51.82
CA THR C 160 -32.23 5.75 53.12
C THR C 160 -32.44 6.68 54.31
N ASN C 161 -31.71 7.80 54.33
CA ASN C 161 -31.75 8.72 55.46
C ASN C 161 -32.88 9.74 55.38
N LEU C 162 -33.68 9.72 54.32
CA LEU C 162 -34.75 10.68 54.11
C LEU C 162 -36.13 10.10 54.35
N LEU C 163 -36.25 8.78 54.42
CA LEU C 163 -37.54 8.12 54.63
C LEU C 163 -38.03 8.36 56.05
N LYS C 164 -39.28 8.80 56.18
CA LYS C 164 -39.87 9.00 57.50
C LYS C 164 -40.86 7.89 57.83
N GLU C 165 -41.11 7.72 59.13
CA GLU C 165 -42.18 6.84 59.54
C GLU C 165 -43.52 7.44 59.16
N GLY C 166 -44.49 6.58 58.88
CA GLY C 166 -45.78 7.06 58.41
C GLY C 166 -45.71 7.49 56.96
N THR C 167 -46.49 8.53 56.63
CA THR C 167 -46.68 8.95 55.25
C THR C 167 -45.46 9.69 54.70
N ASN C 168 -44.99 9.26 53.53
CA ASN C 168 -43.95 9.95 52.81
C ASN C 168 -44.55 10.56 51.55
N SER C 169 -44.06 11.75 51.18
CA SER C 169 -44.53 12.49 50.02
C SER C 169 -43.44 12.48 48.96
N LEU C 170 -43.78 11.98 47.77
CA LEU C 170 -42.88 12.01 46.62
C LEU C 170 -43.53 12.88 45.55
N VAL C 171 -42.88 13.97 45.17
CA VAL C 171 -43.36 14.87 44.12
C VAL C 171 -42.40 14.85 42.95
N VAL C 172 -42.94 14.84 41.73
CA VAL C 172 -42.09 14.83 40.54
C VAL C 172 -42.60 15.90 39.58
N LYS C 173 -41.74 16.88 39.29
CA LYS C 173 -42.03 17.88 38.27
C LYS C 173 -41.49 17.34 36.96
N VAL C 174 -42.39 17.02 36.02
CA VAL C 174 -42.06 16.43 34.73
C VAL C 174 -42.35 17.46 33.64
N ASP C 175 -41.34 17.72 32.81
CA ASP C 175 -41.50 18.68 31.71
C ASP C 175 -40.98 18.09 30.42
N ASN C 176 -41.78 18.19 29.34
CA ASN C 176 -41.36 17.67 28.03
C ASN C 176 -41.30 18.75 26.97
N LYS C 177 -41.14 20.01 27.35
CA LYS C 177 -40.89 21.04 26.35
C LYS C 177 -39.70 20.66 25.47
N ARG C 178 -39.83 20.87 24.17
CA ARG C 178 -38.71 20.67 23.26
C ARG C 178 -37.71 21.81 23.40
N LEU C 179 -36.43 21.46 23.50
CA LEU C 179 -35.35 22.41 23.62
C LEU C 179 -34.39 22.29 22.43
N PRO C 180 -33.98 23.39 21.80
CA PRO C 180 -32.99 23.28 20.70
C PRO C 180 -31.76 22.49 21.10
N GLU C 181 -31.27 22.68 22.33
CA GLU C 181 -30.01 22.10 22.77
C GLU C 181 -30.17 20.68 23.32
N ALA C 182 -31.38 20.12 23.28
CA ALA C 182 -31.61 18.83 23.91
C ALA C 182 -31.23 17.67 22.99
N VAL C 183 -31.25 16.47 23.55
CA VAL C 183 -31.08 15.23 22.81
C VAL C 183 -32.30 14.35 23.10
N PRO C 184 -33.26 14.29 22.17
CA PRO C 184 -33.34 14.87 20.82
C PRO C 184 -33.73 16.36 20.81
N THR C 185 -33.69 17.02 19.65
CA THR C 185 -33.89 18.45 19.58
C THR C 185 -35.36 18.77 19.21
N VAL C 186 -35.59 19.94 18.61
CA VAL C 186 -36.97 20.43 18.42
C VAL C 186 -37.70 19.78 17.26
N ASN C 187 -37.07 18.88 16.52
CA ASN C 187 -37.72 18.23 15.38
C ASN C 187 -37.38 16.74 15.39
N ALA C 188 -38.41 15.91 15.29
CA ALA C 188 -38.29 14.46 15.22
C ALA C 188 -39.60 13.91 14.67
N ASP C 189 -39.55 12.71 14.07
CA ASP C 189 -40.75 12.13 13.46
C ASP C 189 -41.48 11.16 14.39
N TRP C 190 -41.61 11.47 15.67
CA TRP C 190 -42.43 10.69 16.56
C TRP C 190 -43.02 11.60 17.63
N TRP C 191 -44.04 11.08 18.32
CA TRP C 191 -44.84 11.89 19.23
C TRP C 191 -44.05 12.25 20.49
N ASN C 192 -44.24 13.49 20.96
CA ASN C 192 -43.55 13.95 22.16
C ASN C 192 -44.37 13.49 23.36
N PHE C 193 -44.15 12.23 23.72
CA PHE C 193 -44.82 11.57 24.84
C PHE C 193 -44.20 12.06 26.14
N GLY C 194 -44.91 12.91 26.89
CA GLY C 194 -44.44 13.30 28.21
C GLY C 194 -44.94 12.39 29.31
N GLY C 195 -44.20 12.36 30.41
CA GLY C 195 -44.68 11.80 31.66
C GLY C 195 -43.71 10.82 32.27
N ILE C 196 -44.14 10.22 33.39
CA ILE C 196 -43.40 9.11 33.99
C ILE C 196 -43.75 7.87 33.17
N THR C 197 -42.93 7.55 32.16
CA THR C 197 -43.33 6.60 31.13
C THR C 197 -42.98 5.16 31.43
N ARG C 198 -42.18 4.89 32.46
CA ARG C 198 -41.79 3.56 32.84
C ARG C 198 -41.93 3.43 34.35
N PRO C 199 -42.02 2.20 34.85
CA PRO C 199 -42.30 1.98 36.28
C PRO C 199 -41.41 2.76 37.24
N VAL C 200 -41.92 2.97 38.45
CA VAL C 200 -41.21 3.60 39.55
C VAL C 200 -41.07 2.56 40.65
N THR C 201 -39.84 2.28 41.07
CA THR C 201 -39.55 1.13 41.91
C THR C 201 -38.72 1.52 43.12
N LEU C 202 -39.13 1.06 44.30
CA LEU C 202 -38.29 1.16 45.49
C LEU C 202 -37.39 -0.07 45.54
N ILE C 203 -36.09 0.14 45.70
CA ILE C 203 -35.12 -0.95 45.74
C ILE C 203 -34.43 -0.94 47.10
N GLU C 204 -34.56 -2.04 47.83
CA GLU C 204 -33.89 -2.20 49.11
C GLU C 204 -32.61 -3.02 48.91
N MET C 205 -31.53 -2.56 49.51
CA MET C 205 -30.18 -3.09 49.39
C MET C 205 -29.57 -3.32 50.76
N PRO C 206 -28.66 -4.29 50.89
CA PRO C 206 -27.85 -4.37 52.12
C PRO C 206 -26.91 -3.18 52.18
N ALA C 207 -26.28 -3.02 53.36
CA ALA C 207 -25.43 -1.85 53.61
C ALA C 207 -24.31 -1.75 52.57
N THR C 208 -23.72 -2.88 52.18
CA THR C 208 -22.80 -2.95 51.06
C THR C 208 -23.40 -3.90 50.03
N TYR C 209 -23.53 -3.44 48.78
CA TYR C 209 -24.24 -4.24 47.78
C TYR C 209 -23.46 -4.35 46.49
N ILE C 210 -23.83 -5.38 45.71
CA ILE C 210 -23.34 -5.60 44.36
C ILE C 210 -24.10 -4.62 43.47
N ARG C 211 -23.44 -3.53 43.08
CA ARG C 211 -24.14 -2.53 42.26
C ARG C 211 -24.10 -2.85 40.78
N ASP C 212 -22.96 -3.33 40.28
CA ASP C 212 -22.77 -3.49 38.84
C ASP C 212 -21.93 -4.73 38.60
N TYR C 213 -22.11 -5.35 37.43
CA TYR C 213 -21.31 -6.50 37.07
C TYR C 213 -21.42 -6.75 35.58
N TYR C 214 -20.49 -7.52 35.07
CA TYR C 214 -20.37 -7.83 33.64
C TYR C 214 -19.93 -9.28 33.50
N VAL C 215 -20.68 -10.06 32.72
CA VAL C 215 -20.33 -11.45 32.47
C VAL C 215 -20.65 -11.74 31.00
N GLN C 216 -19.62 -11.86 30.17
CA GLN C 216 -19.77 -12.12 28.75
C GLN C 216 -18.53 -12.88 28.25
N LEU C 217 -18.62 -13.44 27.03
CA LEU C 217 -17.43 -14.01 26.44
C LEU C 217 -16.40 -12.92 26.16
N ALA C 218 -15.13 -13.28 26.29
CA ALA C 218 -14.09 -12.43 25.76
C ALA C 218 -14.29 -12.19 24.26
N LYS C 219 -13.68 -11.12 23.76
CA LYS C 219 -13.85 -10.79 22.36
C LYS C 219 -13.39 -11.95 21.48
N ASP C 220 -14.28 -12.42 20.60
CA ASP C 220 -13.97 -13.41 19.58
C ASP C 220 -13.48 -14.74 20.17
N ASP C 221 -13.84 -15.07 21.41
CA ASP C 221 -13.31 -16.25 22.08
C ASP C 221 -14.45 -17.08 22.67
N LYS C 222 -14.81 -18.15 21.97
CA LYS C 222 -15.89 -19.03 22.42
C LYS C 222 -15.54 -19.81 23.68
N ASN C 223 -14.30 -19.71 24.16
CA ASN C 223 -13.83 -20.60 25.22
C ASN C 223 -13.43 -19.85 26.49
N MET C 224 -13.70 -18.54 26.55
CA MET C 224 -13.28 -17.72 27.68
C MET C 224 -14.41 -16.78 28.07
N ILE C 225 -14.89 -16.92 29.31
CA ILE C 225 -15.82 -15.95 29.90
C ILE C 225 -15.00 -14.93 30.67
N GLU C 226 -15.25 -13.65 30.41
CA GLU C 226 -14.60 -12.58 31.13
C GLU C 226 -15.66 -11.74 31.83
N GLY C 227 -15.28 -11.16 32.97
CA GLY C 227 -16.28 -10.42 33.71
C GLY C 227 -15.64 -9.60 34.81
N TRP C 228 -16.48 -8.85 35.50
CA TRP C 228 -16.05 -8.07 36.64
C TRP C 228 -17.26 -7.78 37.50
N VAL C 229 -16.99 -7.33 38.72
CA VAL C 229 -18.03 -7.07 39.72
C VAL C 229 -17.65 -5.78 40.42
N GLN C 230 -18.66 -5.00 40.82
CA GLN C 230 -18.42 -3.73 41.50
C GLN C 230 -19.36 -3.59 42.69
N LEU C 231 -18.79 -3.51 43.90
CA LEU C 231 -19.53 -3.32 45.13
C LEU C 231 -19.63 -1.85 45.52
N GLU C 232 -20.66 -1.51 46.30
CA GLU C 232 -20.88 -0.16 46.78
C GLU C 232 -21.23 -0.21 48.25
N GLY C 233 -20.48 0.51 49.08
CA GLY C 233 -20.73 0.57 50.51
C GLY C 233 -19.44 0.64 51.29
N SER C 234 -19.50 0.64 52.63
CA SER C 234 -18.30 0.80 53.42
C SER C 234 -17.52 -0.50 53.62
N ASP C 235 -18.10 -1.66 53.28
CA ASP C 235 -17.40 -2.94 53.37
C ASP C 235 -17.04 -3.45 51.98
N LYS C 236 -16.27 -2.65 51.23
CA LYS C 236 -16.10 -2.89 49.80
C LYS C 236 -15.15 -4.05 49.47
N GLU C 237 -14.29 -4.46 50.39
CA GLU C 237 -13.36 -5.56 50.15
C GLU C 237 -13.99 -6.85 50.68
N GLN C 238 -14.42 -7.72 49.76
CA GLN C 238 -15.11 -8.95 50.12
C GLN C 238 -14.70 -10.08 49.19
N LYS C 239 -14.95 -11.31 49.64
CA LYS C 239 -14.87 -12.46 48.74
C LYS C 239 -16.14 -12.52 47.89
N ILE C 240 -15.98 -12.75 46.58
CA ILE C 240 -17.08 -12.84 45.63
C ILE C 240 -17.02 -14.21 44.96
N THR C 241 -18.18 -14.84 44.81
CA THR C 241 -18.27 -16.09 44.08
C THR C 241 -19.18 -15.91 42.87
N LEU C 242 -18.67 -16.27 41.69
CA LEU C 242 -19.46 -16.33 40.48
C LEU C 242 -19.90 -17.78 40.25
N ASP C 243 -21.21 -17.99 40.20
CA ASP C 243 -21.82 -19.31 40.11
C ASP C 243 -22.54 -19.46 38.77
N ILE C 244 -22.09 -20.41 37.96
CA ILE C 244 -22.85 -20.79 36.77
C ILE C 244 -23.11 -22.29 36.81
N PRO C 245 -24.15 -22.74 37.54
CA PRO C 245 -24.27 -24.17 37.87
C PRO C 245 -24.34 -25.10 36.66
N GLU C 246 -25.03 -24.71 35.59
CA GLU C 246 -25.11 -25.59 34.44
C GLU C 246 -23.76 -25.76 33.76
N LEU C 247 -22.87 -24.79 33.92
CA LEU C 247 -21.51 -24.90 33.38
C LEU C 247 -20.51 -25.43 34.39
N LYS C 248 -20.97 -25.82 35.58
CA LYS C 248 -20.07 -26.27 36.64
C LYS C 248 -19.05 -25.19 37.01
N VAL C 249 -19.46 -23.93 36.94
CA VAL C 249 -18.56 -22.79 37.15
C VAL C 249 -18.77 -22.26 38.57
N LYS C 250 -17.70 -22.23 39.35
CA LYS C 250 -17.70 -21.66 40.70
C LYS C 250 -16.36 -20.95 40.85
N LYS C 251 -16.38 -19.64 40.73
CA LYS C 251 -15.18 -18.80 40.72
C LYS C 251 -15.25 -17.85 41.89
N GLU C 252 -14.29 -17.94 42.82
CA GLU C 252 -14.22 -17.00 43.92
C GLU C 252 -13.10 -16.01 43.64
N VAL C 253 -13.39 -14.72 43.85
CA VAL C 253 -12.41 -13.66 43.76
C VAL C 253 -12.56 -12.78 45.00
N THR C 254 -11.66 -11.83 45.15
CA THR C 254 -11.68 -10.88 46.24
C THR C 254 -11.62 -9.47 45.67
N THR C 255 -12.56 -8.63 46.04
CA THR C 255 -12.56 -7.28 45.51
C THR C 255 -11.41 -6.48 46.12
N ASP C 256 -11.02 -5.42 45.41
CA ASP C 256 -9.93 -4.57 45.86
C ASP C 256 -10.47 -3.44 46.72
N ALA C 257 -9.59 -2.51 47.08
CA ALA C 257 -9.95 -1.42 47.99
C ALA C 257 -11.06 -0.54 47.43
N ASN C 258 -11.27 -0.55 46.12
CA ASN C 258 -12.35 0.21 45.51
C ASN C 258 -13.60 -0.63 45.29
N GLY C 259 -13.63 -1.88 45.76
CA GLY C 259 -14.81 -2.71 45.60
C GLY C 259 -14.91 -3.43 44.28
N TYR C 260 -13.82 -3.49 43.52
CA TYR C 260 -13.83 -4.00 42.15
C TYR C 260 -13.04 -5.31 42.08
N ALA C 261 -13.51 -6.25 41.26
CA ALA C 261 -12.76 -7.44 40.92
C ALA C 261 -13.05 -7.85 39.49
N SER C 262 -12.06 -8.44 38.84
CA SER C 262 -12.21 -8.94 37.49
C SER C 262 -11.94 -10.44 37.48
N PHE C 263 -12.33 -11.12 36.40
CA PHE C 263 -12.07 -12.54 36.35
C PHE C 263 -12.08 -13.03 34.91
N LEU C 264 -11.35 -14.12 34.69
CA LEU C 264 -11.28 -14.85 33.43
C LEU C 264 -11.54 -16.31 33.74
N ILE C 265 -12.51 -16.91 33.06
CA ILE C 265 -12.97 -18.26 33.34
C ILE C 265 -12.95 -19.05 32.04
N LYS C 266 -12.09 -20.06 31.95
CA LYS C 266 -12.14 -20.94 30.78
C LYS C 266 -13.42 -21.76 30.85
N SER C 267 -14.18 -21.78 29.75
CA SER C 267 -15.47 -22.44 29.71
C SER C 267 -15.93 -22.51 28.26
N LYS C 268 -16.78 -23.49 27.96
CA LYS C 268 -17.25 -23.74 26.59
C LYS C 268 -18.77 -23.77 26.57
N PRO C 269 -19.41 -22.63 26.82
CA PRO C 269 -20.87 -22.61 26.92
C PRO C 269 -21.55 -22.86 25.58
N ILE C 270 -22.77 -23.36 25.65
CA ILE C 270 -23.64 -23.41 24.48
C ILE C 270 -23.98 -21.97 24.08
N LEU C 271 -23.79 -21.63 22.80
CA LEU C 271 -23.83 -20.24 22.37
C LEU C 271 -25.22 -19.82 21.91
N TRP C 272 -25.62 -18.61 22.30
CA TRP C 272 -26.93 -18.06 22.00
C TRP C 272 -27.05 -17.83 20.49
N THR C 273 -28.15 -18.29 19.91
CA THR C 273 -28.53 -17.98 18.54
C THR C 273 -30.00 -17.60 18.54
N PRO C 274 -30.44 -16.85 17.53
CA PRO C 274 -31.88 -16.57 17.42
C PRO C 274 -32.71 -17.84 17.35
N GLU C 275 -32.15 -18.90 16.77
CA GLU C 275 -32.86 -20.16 16.63
C GLU C 275 -32.89 -20.93 17.94
N ASN C 276 -31.84 -20.83 18.73
CA ASN C 276 -31.78 -21.46 20.05
C ASN C 276 -31.19 -20.45 21.02
N PRO C 277 -32.04 -19.58 21.59
CA PRO C 277 -31.57 -18.45 22.44
C PRO C 277 -31.23 -18.88 23.87
N LYS C 278 -30.20 -19.71 23.97
CA LYS C 278 -29.83 -20.29 25.25
C LYS C 278 -29.34 -19.23 26.22
N LEU C 279 -29.91 -19.23 27.43
CA LEU C 279 -29.49 -18.35 28.52
C LEU C 279 -29.09 -19.21 29.72
N TYR C 280 -28.02 -18.82 30.39
CA TYR C 280 -27.54 -19.53 31.58
C TYR C 280 -27.97 -18.79 32.84
N ALA C 281 -28.32 -19.55 33.87
CA ALA C 281 -28.57 -19.00 35.21
C ALA C 281 -27.23 -18.63 35.83
N VAL C 282 -27.09 -17.36 36.20
CA VAL C 282 -25.87 -16.82 36.77
C VAL C 282 -26.19 -16.28 38.15
N ASN C 283 -25.41 -16.70 39.15
CA ASN C 283 -25.62 -16.27 40.52
C ASN C 283 -24.33 -15.63 41.01
N LEU C 284 -24.38 -14.36 41.40
CA LEU C 284 -23.26 -13.67 42.00
C LEU C 284 -23.55 -13.51 43.48
N ALA C 285 -22.62 -13.93 44.34
CA ALA C 285 -22.82 -13.83 45.78
C ALA C 285 -21.57 -13.26 46.43
N SER C 286 -21.71 -12.14 47.13
CA SER C 286 -20.63 -11.60 47.93
C SER C 286 -20.86 -11.99 49.39
N GLU C 287 -20.06 -11.44 50.28
CA GLU C 287 -20.31 -11.70 51.70
C GLU C 287 -21.60 -11.04 52.18
N THR C 288 -22.01 -9.95 51.53
CA THR C 288 -23.11 -9.13 52.04
C THR C 288 -24.28 -8.97 51.06
N ASP C 289 -24.20 -9.52 49.86
CA ASP C 289 -25.26 -9.35 48.87
C ASP C 289 -25.27 -10.54 47.92
N LYS C 290 -26.41 -10.75 47.26
CA LYS C 290 -26.56 -11.84 46.31
C LYS C 290 -27.54 -11.40 45.22
N VAL C 291 -27.22 -11.74 43.97
CA VAL C 291 -28.09 -11.38 42.85
C VAL C 291 -27.95 -12.47 41.77
N SER C 292 -29.07 -12.82 41.15
CA SER C 292 -29.12 -13.83 40.11
C SER C 292 -29.59 -13.18 38.80
N ASP C 293 -29.07 -13.70 37.68
CA ASP C 293 -29.33 -13.16 36.35
C ASP C 293 -29.48 -14.32 35.38
N GLU C 294 -29.95 -14.01 34.17
CA GLU C 294 -29.97 -14.96 33.05
C GLU C 294 -29.17 -14.32 31.92
N ILE C 295 -28.07 -14.96 31.54
CA ILE C 295 -27.10 -14.37 30.63
C ILE C 295 -26.69 -15.39 29.59
N GLY C 296 -26.70 -14.98 28.31
CA GLY C 296 -26.25 -15.83 27.23
C GLY C 296 -24.86 -15.43 26.72
N PHE C 297 -24.30 -16.28 25.87
CA PHE C 297 -22.93 -16.13 25.39
C PHE C 297 -22.89 -16.32 23.89
N ARG C 298 -22.21 -15.40 23.20
CA ARG C 298 -22.03 -15.50 21.75
C ARG C 298 -20.86 -14.60 21.34
N THR C 299 -20.26 -14.91 20.19
CA THR C 299 -19.29 -14.01 19.58
C THR C 299 -19.94 -13.30 18.39
N ILE C 300 -19.40 -12.13 18.06
CA ILE C 300 -19.90 -11.31 16.95
C ILE C 300 -18.74 -10.53 16.38
N ARG C 301 -18.61 -10.55 15.05
CA ARG C 301 -17.59 -9.78 14.37
C ARG C 301 -17.98 -9.68 12.91
N THR C 302 -17.31 -8.78 12.20
CA THR C 302 -17.43 -8.69 10.75
C THR C 302 -16.17 -9.23 10.09
N GLU C 303 -16.34 -9.77 8.89
CA GLU C 303 -15.24 -10.29 8.08
C GLU C 303 -15.54 -9.87 6.66
N GLY C 304 -14.85 -8.85 6.16
CA GLY C 304 -15.21 -8.31 4.87
C GLY C 304 -16.66 -7.85 4.92
N ILE C 305 -17.49 -8.36 4.00
CA ILE C 305 -18.88 -7.93 3.92
C ILE C 305 -19.78 -8.89 4.67
N LYS C 306 -19.19 -9.81 5.45
CA LYS C 306 -19.94 -10.78 6.23
C LYS C 306 -20.13 -10.30 7.67
N ILE C 307 -21.30 -10.60 8.24
CA ILE C 307 -21.54 -10.53 9.68
C ILE C 307 -21.52 -11.96 10.23
N LEU C 308 -20.65 -12.22 11.20
CA LEU C 308 -20.43 -13.56 11.72
C LEU C 308 -20.89 -13.63 13.17
N LEU C 309 -21.95 -14.39 13.42
CA LEU C 309 -22.40 -14.72 14.77
C LEU C 309 -21.92 -16.12 15.12
N ASN C 310 -21.17 -16.23 16.22
CA ASN C 310 -20.60 -17.52 16.61
C ASN C 310 -19.81 -18.12 15.45
N ASP C 311 -19.11 -17.28 14.70
CA ASP C 311 -18.26 -17.67 13.57
C ASP C 311 -19.05 -18.07 12.33
N LYS C 312 -20.37 -17.87 12.33
CA LYS C 312 -21.23 -18.28 11.24
C LYS C 312 -21.77 -17.03 10.53
N GLU C 313 -21.69 -17.03 9.21
CA GLU C 313 -22.29 -15.95 8.44
C GLU C 313 -23.80 -15.97 8.61
N ILE C 314 -24.36 -14.81 8.99
CA ILE C 314 -25.79 -14.63 9.20
C ILE C 314 -26.28 -13.44 8.38
N PHE C 315 -27.58 -13.45 8.08
CA PHE C 315 -28.25 -12.26 7.56
C PHE C 315 -29.16 -11.71 8.65
N CYS C 316 -29.17 -10.39 8.80
CA CYS C 316 -30.04 -9.78 9.81
C CYS C 316 -31.39 -9.53 9.17
N ARG C 317 -32.29 -10.51 9.30
CA ARG C 317 -33.66 -10.40 8.78
C ARG C 317 -34.44 -9.65 9.84
N GLY C 318 -34.49 -8.31 9.69
CA GLY C 318 -34.93 -7.45 10.76
C GLY C 318 -36.18 -6.64 10.45
N ILE C 319 -36.65 -5.96 11.47
CA ILE C 319 -37.72 -4.98 11.37
C ILE C 319 -37.48 -3.93 12.44
N SER C 320 -37.75 -2.67 12.12
CA SER C 320 -37.68 -1.61 13.12
C SER C 320 -38.95 -1.56 13.96
N ILE C 321 -38.83 -1.01 15.19
CA ILE C 321 -39.94 -0.94 16.15
C ILE C 321 -39.75 0.30 17.02
N HIS C 322 -40.78 1.15 17.11
CA HIS C 322 -40.83 2.21 18.11
C HIS C 322 -41.35 1.65 19.43
N GLU C 323 -41.12 2.40 20.52
CA GLU C 323 -41.57 1.95 21.84
C GLU C 323 -43.02 2.38 22.11
N GLU C 324 -43.93 1.77 21.36
CA GLU C 324 -45.33 2.21 21.37
C GLU C 324 -46.23 0.98 21.30
N THR C 325 -47.36 1.04 22.01
CA THR C 325 -48.13 -0.16 22.27
C THR C 325 -49.09 -0.51 21.12
N PRO C 326 -49.30 -1.82 20.90
CA PRO C 326 -50.41 -2.28 20.06
C PRO C 326 -51.75 -1.69 20.49
N TYR C 327 -52.58 -1.37 19.50
CA TYR C 327 -53.99 -1.02 19.69
C TYR C 327 -54.21 0.43 20.13
N TYR C 328 -53.69 0.81 21.29
CA TYR C 328 -53.93 2.15 21.79
C TYR C 328 -52.76 3.10 21.60
N SER C 329 -51.59 2.60 21.19
CA SER C 329 -50.48 3.44 20.72
C SER C 329 -50.06 4.47 21.76
N GLY C 330 -49.80 3.99 22.98
CA GLY C 330 -49.12 4.77 24.00
C GLY C 330 -47.70 4.25 24.18
N ARG C 331 -47.01 4.86 25.16
CA ARG C 331 -45.64 4.45 25.44
C ARG C 331 -45.62 3.05 26.05
N ALA C 332 -44.85 2.16 25.45
CA ALA C 332 -44.80 0.77 25.86
C ALA C 332 -43.83 0.62 27.04
N TYR C 333 -44.13 -0.33 27.93
CA TYR C 333 -43.27 -0.53 29.09
C TYR C 333 -43.29 -1.94 29.66
N SER C 334 -44.31 -2.75 29.35
CA SER C 334 -44.50 -4.00 30.06
C SER C 334 -44.08 -5.20 29.23
N LYS C 335 -43.94 -6.35 29.91
CA LYS C 335 -43.63 -7.59 29.21
C LYS C 335 -44.75 -8.00 28.25
N ASP C 336 -46.01 -7.70 28.58
CA ASP C 336 -47.11 -7.96 27.66
C ASP C 336 -46.91 -7.20 26.36
N HIS C 337 -46.61 -5.90 26.46
CA HIS C 337 -46.39 -5.07 25.27
C HIS C 337 -45.30 -5.65 24.41
N ALA C 338 -44.16 -5.99 25.03
CA ALA C 338 -43.03 -6.53 24.29
C ALA C 338 -43.40 -7.84 23.61
N HIS C 339 -44.11 -8.71 24.30
CA HIS C 339 -44.40 -10.02 23.72
C HIS C 339 -45.34 -9.90 22.53
N THR C 340 -46.31 -8.98 22.58
CA THR C 340 -47.20 -8.80 21.44
C THR C 340 -46.42 -8.33 20.22
N LEU C 341 -45.62 -7.27 20.36
CA LEU C 341 -44.88 -6.75 19.21
C LEU C 341 -43.89 -7.78 18.69
N LEU C 342 -43.15 -8.43 19.58
CA LEU C 342 -42.16 -9.41 19.14
C LEU C 342 -42.82 -10.63 18.53
N SER C 343 -44.06 -10.95 18.93
CA SER C 343 -44.73 -12.08 18.30
C SER C 343 -45.09 -11.76 16.85
N TRP C 344 -45.40 -10.50 16.57
CA TRP C 344 -45.57 -10.07 15.18
C TRP C 344 -44.27 -10.19 14.41
N ALA C 345 -43.17 -9.74 15.00
CA ALA C 345 -41.88 -9.86 14.32
C ALA C 345 -41.51 -11.32 14.10
N LYS C 346 -41.91 -12.19 15.03
CA LYS C 346 -41.65 -13.62 14.87
C LYS C 346 -42.41 -14.19 13.67
N GLU C 347 -43.70 -13.86 13.56
CA GLU C 347 -44.49 -14.31 12.43
C GLU C 347 -43.95 -13.76 11.11
N LEU C 348 -43.40 -12.54 11.14
CA LEU C 348 -42.81 -11.92 9.96
C LEU C 348 -41.54 -12.64 9.50
N GLY C 349 -40.97 -13.47 10.35
CA GLY C 349 -39.76 -14.19 10.02
C GLY C 349 -38.47 -13.53 10.43
N CYS C 350 -38.51 -12.57 11.35
CA CYS C 350 -37.31 -11.86 11.72
C CYS C 350 -36.47 -12.66 12.71
N ASN C 351 -35.16 -12.40 12.67
CA ASN C 351 -34.23 -12.81 13.70
C ASN C 351 -33.56 -11.61 14.34
N PHE C 352 -34.09 -10.40 14.12
CA PHE C 352 -33.42 -9.15 14.46
C PHE C 352 -34.49 -8.06 14.55
N VAL C 353 -34.36 -7.19 15.54
CA VAL C 353 -35.22 -6.00 15.63
C VAL C 353 -34.33 -4.78 15.86
N ARG C 354 -34.59 -3.71 15.11
CA ARG C 354 -33.99 -2.41 15.37
C ARG C 354 -34.92 -1.66 16.32
N LEU C 355 -34.46 -1.43 17.55
CA LEU C 355 -35.24 -0.69 18.54
C LEU C 355 -34.87 0.78 18.39
N ALA C 356 -35.75 1.55 17.74
CA ALA C 356 -35.49 2.96 17.43
C ALA C 356 -36.34 3.86 18.32
N HIS C 357 -35.94 5.13 18.47
CA HIS C 357 -34.66 5.75 18.11
C HIS C 357 -33.92 6.13 19.41
N TYR C 358 -34.07 5.29 20.42
CA TYR C 358 -33.72 5.61 21.80
C TYR C 358 -33.74 4.29 22.59
N PRO C 359 -33.11 4.24 23.75
CA PRO C 359 -33.16 2.99 24.53
C PRO C 359 -34.59 2.63 24.89
N HIS C 360 -35.00 1.40 24.59
CA HIS C 360 -36.33 0.97 25.00
C HIS C 360 -36.30 0.50 26.46
N ASN C 361 -37.49 0.27 27.01
CA ASN C 361 -37.59 -0.27 28.36
C ASN C 361 -36.92 -1.64 28.42
N GLU C 362 -36.46 -2.00 29.61
CA GLU C 362 -35.66 -3.22 29.76
C GLU C 362 -36.48 -4.46 29.45
N GLU C 363 -37.81 -4.38 29.62
CA GLU C 363 -38.64 -5.54 29.36
C GLU C 363 -38.60 -5.93 27.89
N MET C 364 -38.53 -4.95 27.01
CA MET C 364 -38.45 -5.21 25.58
C MET C 364 -37.15 -5.91 25.22
N VAL C 365 -36.03 -5.40 25.71
CA VAL C 365 -34.73 -6.02 25.42
C VAL C 365 -34.69 -7.45 25.99
N ARG C 366 -35.22 -7.64 27.20
CA ARG C 366 -35.20 -8.97 27.81
C ARG C 366 -36.07 -9.96 27.05
N GLU C 367 -37.23 -9.50 26.57
CA GLU C 367 -38.12 -10.40 25.85
C GLU C 367 -37.54 -10.75 24.49
N ALA C 368 -36.85 -9.80 23.86
CA ALA C 368 -36.14 -10.09 22.62
C ALA C 368 -35.02 -11.11 22.88
N GLU C 369 -34.34 -10.98 24.02
CA GLU C 369 -33.31 -11.93 24.41
C GLU C 369 -33.89 -13.33 24.58
N ARG C 370 -35.02 -13.44 25.29
CA ARG C 370 -35.62 -14.74 25.56
C ARG C 370 -36.18 -15.39 24.30
N MET C 371 -36.77 -14.59 23.40
CA MET C 371 -37.45 -15.14 22.22
C MET C 371 -36.51 -15.38 21.05
N GLY C 372 -35.33 -14.78 21.03
CA GLY C 372 -34.38 -15.03 19.97
C GLY C 372 -34.33 -13.96 18.89
N PHE C 373 -34.27 -12.70 19.28
CA PHE C 373 -34.06 -11.61 18.34
C PHE C 373 -32.75 -10.91 18.68
N LEU C 374 -31.84 -10.85 17.71
CA LEU C 374 -30.72 -9.92 17.75
C LEU C 374 -31.26 -8.49 17.81
N VAL C 375 -30.46 -7.57 18.36
CA VAL C 375 -30.96 -6.22 18.66
C VAL C 375 -29.95 -5.15 18.27
N TRP C 376 -30.46 -4.11 17.60
CA TRP C 376 -29.80 -2.83 17.43
C TRP C 376 -30.37 -1.85 18.46
N SER C 377 -29.50 -1.24 19.26
CA SER C 377 -29.88 -0.35 20.35
C SER C 377 -29.30 1.03 20.09
N GLU C 378 -30.15 2.07 20.21
CA GLU C 378 -29.84 3.40 19.69
C GLU C 378 -30.08 4.49 20.73
N ILE C 379 -29.33 5.59 20.62
CA ILE C 379 -29.60 6.83 21.36
C ILE C 379 -30.14 7.90 20.42
N PRO C 380 -31.02 8.87 20.93
CA PRO C 380 -31.76 9.79 20.05
C PRO C 380 -30.92 10.96 19.54
N VAL C 381 -29.71 10.66 19.06
CA VAL C 381 -28.87 11.67 18.44
C VAL C 381 -29.39 11.78 17.02
N TYR C 382 -30.42 12.60 16.83
CA TYR C 382 -31.34 12.47 15.72
C TYR C 382 -31.51 13.80 15.01
N TRP C 383 -31.26 13.83 13.70
CA TRP C 383 -31.43 15.02 12.85
C TRP C 383 -30.53 16.14 13.37
N THR C 384 -31.07 17.34 13.63
CA THR C 384 -30.27 18.57 13.71
C THR C 384 -29.82 18.89 15.15
N ILE C 385 -29.14 17.92 15.76
CA ILE C 385 -28.54 18.11 17.09
C ILE C 385 -27.55 19.27 17.07
N HIS C 386 -27.41 19.96 18.20
CA HIS C 386 -26.50 21.11 18.32
C HIS C 386 -25.09 20.61 18.59
N TRP C 387 -24.36 20.32 17.50
CA TRP C 387 -23.06 19.66 17.60
C TRP C 387 -22.04 20.52 18.33
N GLU C 388 -22.19 21.85 18.29
CA GLU C 388 -21.22 22.76 18.86
C GLU C 388 -21.40 22.96 20.36
N ASN C 389 -22.52 22.53 20.90
CA ASN C 389 -22.88 22.78 22.30
C ASN C 389 -22.27 21.70 23.19
N LYS C 390 -21.43 22.11 24.14
CA LYS C 390 -20.74 21.14 24.99
C LYS C 390 -21.70 20.45 25.95
N ASP C 391 -22.74 21.15 26.43
CA ASP C 391 -23.75 20.50 27.25
C ASP C 391 -24.52 19.46 26.46
N THR C 392 -24.78 19.74 25.18
CA THR C 392 -25.43 18.76 24.31
C THR C 392 -24.60 17.49 24.18
N TYR C 393 -23.28 17.63 24.05
CA TYR C 393 -22.45 16.44 23.95
C TYR C 393 -22.46 15.67 25.25
N GLN C 394 -22.28 16.36 26.37
CA GLN C 394 -22.31 15.68 27.67
C GLN C 394 -23.60 14.91 27.85
N ASN C 395 -24.72 15.49 27.41
CA ASN C 395 -26.01 14.79 27.46
C ASN C 395 -25.98 13.55 26.59
N ALA C 396 -25.57 13.69 25.33
CA ALA C 396 -25.51 12.55 24.42
C ALA C 396 -24.61 11.45 24.99
N GLU C 397 -23.41 11.81 25.45
CA GLU C 397 -22.51 10.79 25.99
C GLU C 397 -23.06 10.16 27.25
N GLN C 398 -23.78 10.93 28.08
CA GLN C 398 -24.37 10.34 29.28
C GLN C 398 -25.43 9.31 28.90
N GLN C 399 -26.28 9.63 27.90
CA GLN C 399 -27.27 8.66 27.45
C GLN C 399 -26.61 7.42 26.85
N LEU C 400 -25.50 7.61 26.12
CA LEU C 400 -24.76 6.47 25.57
C LEU C 400 -24.22 5.60 26.71
N CYS C 401 -23.63 6.21 27.72
CA CYS C 401 -23.09 5.46 28.84
C CYS C 401 -24.18 4.69 29.57
N ASP C 402 -25.32 5.34 29.80
CA ASP C 402 -26.41 4.67 30.51
C ASP C 402 -26.99 3.53 29.68
N MET C 403 -27.07 3.73 28.36
CA MET C 403 -27.60 2.67 27.51
C MET C 403 -26.76 1.42 27.60
N ILE C 404 -25.44 1.58 27.50
CA ILE C 404 -24.55 0.42 27.54
C ILE C 404 -24.51 -0.17 28.94
N ALA C 405 -24.49 0.69 29.96
CA ALA C 405 -24.37 0.19 31.33
C ALA C 405 -25.52 -0.74 31.69
N ARG C 406 -26.73 -0.41 31.26
CA ARG C 406 -27.88 -1.23 31.64
C ARG C 406 -27.86 -2.58 30.94
N ASP C 407 -27.49 -2.64 29.67
CA ASP C 407 -27.73 -3.82 28.85
C ASP C 407 -26.46 -4.53 28.40
N LYS C 408 -25.32 -4.24 29.04
CA LYS C 408 -24.07 -4.81 28.56
C LYS C 408 -24.02 -6.33 28.66
N ASN C 409 -24.88 -6.93 29.49
CA ASN C 409 -24.91 -8.38 29.65
C ASN C 409 -25.97 -9.05 28.78
N ARG C 410 -26.59 -8.30 27.86
CA ARG C 410 -27.63 -8.83 26.98
C ARG C 410 -26.97 -9.23 25.67
N CYS C 411 -26.73 -10.54 25.51
CA CYS C 411 -25.94 -11.01 24.38
C CYS C 411 -26.65 -10.85 23.04
N ASN C 412 -27.97 -10.73 23.04
CA ASN C 412 -28.68 -10.53 21.78
C ASN C 412 -28.39 -9.16 21.16
N ILE C 413 -27.98 -8.16 21.95
CA ILE C 413 -27.60 -6.87 21.37
C ILE C 413 -26.26 -7.02 20.69
N ILE C 414 -26.20 -6.74 19.39
CA ILE C 414 -24.96 -6.80 18.64
C ILE C 414 -24.53 -5.47 18.04
N ILE C 415 -25.39 -4.44 18.06
CA ILE C 415 -25.09 -3.15 17.45
C ILE C 415 -25.51 -2.03 18.40
N TRP C 416 -24.57 -1.16 18.76
CA TRP C 416 -24.89 0.12 19.37
C TRP C 416 -24.94 1.17 18.26
N SER C 417 -26.04 1.91 18.19
CA SER C 417 -26.21 2.96 17.18
C SER C 417 -26.10 4.31 17.86
N ILE C 418 -25.26 5.20 17.30
CA ILE C 418 -24.95 6.48 17.92
C ILE C 418 -25.65 7.66 17.26
N ALA C 419 -26.36 7.47 16.16
CA ALA C 419 -26.98 8.60 15.45
C ALA C 419 -27.97 8.08 14.42
N ASN C 420 -28.81 9.00 13.95
CA ASN C 420 -29.77 8.71 12.87
C ASN C 420 -29.97 9.96 12.01
N GLU C 421 -29.57 9.88 10.74
CA GLU C 421 -29.89 10.89 9.73
C GLU C 421 -29.44 12.29 10.16
N THR C 422 -28.17 12.40 10.53
CA THR C 422 -27.62 13.67 10.97
C THR C 422 -26.89 14.36 9.82
N PRO C 423 -27.08 15.67 9.67
CA PRO C 423 -26.45 16.38 8.55
C PRO C 423 -24.94 16.40 8.68
N HIS C 424 -24.27 16.40 7.53
CA HIS C 424 -22.82 16.33 7.49
C HIS C 424 -22.21 17.68 7.83
N SER C 425 -21.25 17.68 8.75
CA SER C 425 -20.45 18.85 9.06
C SER C 425 -19.23 18.40 9.82
N LYS C 426 -18.23 19.28 9.89
CA LYS C 426 -17.01 18.92 10.60
C LYS C 426 -17.28 18.68 12.08
N THR C 427 -18.04 19.59 12.70
CA THR C 427 -18.33 19.47 14.13
C THR C 427 -19.24 18.28 14.41
N ARG C 428 -20.16 17.98 13.49
CA ARG C 428 -20.98 16.77 13.65
C ARG C 428 -20.11 15.51 13.58
N LEU C 429 -19.12 15.49 12.69
CA LEU C 429 -18.23 14.33 12.62
C LEU C 429 -17.40 14.16 13.88
N THR C 430 -16.93 15.26 14.47
CA THR C 430 -16.16 15.17 15.71
C THR C 430 -17.01 14.67 16.86
N PHE C 431 -18.21 15.25 17.01
CA PHE C 431 -19.20 14.82 17.97
C PHE C 431 -19.42 13.31 17.90
N LEU C 432 -19.77 12.81 16.72
CA LEU C 432 -20.05 11.38 16.58
C LEU C 432 -18.80 10.54 16.75
N SER C 433 -17.64 11.04 16.32
CA SER C 433 -16.39 10.31 16.53
C SER C 433 -16.13 10.07 18.01
N ASN C 434 -16.39 11.09 18.83
CA ASN C 434 -16.18 10.94 20.28
C ASN C 434 -17.16 9.95 20.88
N LEU C 435 -18.40 9.95 20.40
CA LEU C 435 -19.36 8.95 20.88
C LEU C 435 -18.90 7.54 20.51
N ALA C 436 -18.48 7.35 19.26
CA ALA C 436 -18.03 6.03 18.83
C ALA C 436 -16.81 5.59 19.64
N ASN C 437 -15.85 6.50 19.81
CA ASN C 437 -14.70 6.18 20.65
C ASN C 437 -15.14 5.80 22.06
N LYS C 438 -16.11 6.53 22.62
CA LYS C 438 -16.58 6.22 23.97
C LYS C 438 -17.22 4.84 24.01
N ALA C 439 -18.08 4.53 23.03
CA ALA C 439 -18.74 3.24 22.99
C ALA C 439 -17.72 2.11 22.96
N ARG C 440 -16.74 2.19 22.07
CA ARG C 440 -15.72 1.15 21.98
C ARG C 440 -14.89 1.08 23.25
N SER C 441 -14.68 2.22 23.93
CA SER C 441 -13.97 2.19 25.20
C SER C 441 -14.77 1.47 26.28
N LEU C 442 -16.10 1.48 26.17
CA LEU C 442 -16.99 0.79 27.10
C LEU C 442 -17.27 -0.65 26.71
N ASP C 443 -17.11 -1.01 25.43
CA ASP C 443 -17.55 -2.31 24.94
C ASP C 443 -16.70 -2.65 23.72
N SER C 444 -15.75 -3.56 23.89
CA SER C 444 -14.85 -3.93 22.80
C SER C 444 -15.43 -4.96 21.86
N VAL C 445 -16.62 -5.49 22.15
CA VAL C 445 -17.17 -6.63 21.41
C VAL C 445 -18.21 -6.20 20.38
N ARG C 446 -19.18 -5.39 20.79
CA ARG C 446 -20.32 -5.13 19.92
C ARG C 446 -19.97 -4.19 18.78
N LEU C 447 -20.76 -4.27 17.73
CA LEU C 447 -20.54 -3.45 16.54
C LEU C 447 -21.12 -2.05 16.75
N ILE C 448 -20.45 -1.06 16.16
CA ILE C 448 -20.90 0.33 16.19
C ILE C 448 -21.55 0.68 14.86
N GLY C 449 -22.77 1.22 14.92
CA GLY C 449 -23.47 1.68 13.74
C GLY C 449 -24.08 3.06 13.93
N ALA C 450 -24.71 3.54 12.86
CA ALA C 450 -25.50 4.76 12.81
C ALA C 450 -26.22 4.81 11.47
N ALA C 451 -27.45 5.31 11.48
CA ALA C 451 -28.23 5.41 10.26
C ALA C 451 -27.71 6.60 9.45
N MET C 452 -26.95 6.30 8.39
CA MET C 452 -26.51 7.28 7.42
C MET C 452 -27.58 7.42 6.33
N GLU C 453 -27.29 8.21 5.31
CA GLU C 453 -28.21 8.43 4.20
C GLU C 453 -27.45 8.27 2.88
N LYS C 454 -28.22 8.06 1.82
CA LYS C 454 -27.63 7.77 0.51
C LYS C 454 -27.62 9.01 -0.37
N GLU C 455 -26.91 8.91 -1.50
CA GLU C 455 -26.81 9.98 -2.46
C GLU C 455 -26.85 9.41 -3.87
N GLU C 456 -27.41 10.18 -4.80
CA GLU C 456 -27.42 9.81 -6.21
C GLU C 456 -26.31 10.63 -6.87
N VAL C 457 -25.10 10.06 -6.83
CA VAL C 457 -23.91 10.76 -7.30
C VAL C 457 -23.97 10.98 -8.81
N GLN C 458 -24.61 10.08 -9.54
CA GLN C 458 -24.82 10.24 -10.97
C GLN C 458 -26.13 9.54 -11.31
N PRO C 459 -26.84 9.99 -12.34
CA PRO C 459 -28.16 9.40 -12.64
C PRO C 459 -28.13 7.88 -12.62
N GLY C 460 -29.00 7.30 -11.79
CA GLY C 460 -29.12 5.87 -11.67
C GLY C 460 -28.10 5.19 -10.76
N VAL C 461 -27.15 5.92 -10.20
CA VAL C 461 -26.09 5.34 -9.36
C VAL C 461 -26.23 5.90 -7.96
N LEU C 462 -26.50 5.01 -7.00
CA LEU C 462 -26.73 5.37 -5.61
C LEU C 462 -25.60 4.85 -4.73
N THR C 463 -25.19 5.64 -3.75
CA THR C 463 -24.13 5.22 -2.86
C THR C 463 -24.29 5.90 -1.50
N VAL C 464 -23.31 5.68 -0.63
CA VAL C 464 -23.25 6.32 0.66
C VAL C 464 -21.86 6.95 0.76
N ASN C 465 -21.83 8.25 0.94
CA ASN C 465 -20.62 9.06 0.83
C ASN C 465 -20.16 9.60 2.17
N ASP C 466 -20.85 9.25 3.25
CA ASP C 466 -20.70 9.87 4.55
C ASP C 466 -19.36 9.55 5.20
N PRO C 467 -18.54 10.54 5.56
CA PRO C 467 -17.26 10.24 6.23
C PRO C 467 -17.43 9.61 7.60
N LEU C 468 -18.65 9.62 8.15
CA LEU C 468 -18.92 8.85 9.35
C LEU C 468 -18.73 7.36 9.13
N GLY C 469 -18.83 6.88 7.90
CA GLY C 469 -18.72 5.46 7.64
C GLY C 469 -17.41 4.88 8.14
N GLU C 470 -16.33 5.66 8.06
CA GLU C 470 -15.03 5.19 8.53
C GLU C 470 -15.06 4.81 10.00
N LEU C 471 -15.94 5.44 10.80
CA LEU C 471 -16.00 5.18 12.23
C LEU C 471 -16.86 3.98 12.59
N LEU C 472 -17.60 3.42 11.63
CA LEU C 472 -18.55 2.36 11.92
C LEU C 472 -18.04 1.01 11.42
N ASP C 473 -18.58 -0.05 12.02
CA ASP C 473 -18.26 -1.41 11.57
C ASP C 473 -19.10 -1.86 10.39
N ILE C 474 -20.19 -1.15 10.07
CA ILE C 474 -21.09 -1.52 9.00
C ILE C 474 -21.45 -0.27 8.20
N ILE C 475 -21.84 -0.47 6.94
CA ILE C 475 -22.34 0.64 6.10
C ILE C 475 -23.86 0.65 6.30
N SER C 476 -24.28 1.29 7.38
CA SER C 476 -25.69 1.30 7.79
C SER C 476 -26.35 2.61 7.37
N PHE C 477 -27.49 2.52 6.70
CA PHE C 477 -28.11 3.74 6.18
C PHE C 477 -29.59 3.53 5.89
N ASN C 478 -30.33 4.62 5.89
CA ASN C 478 -31.74 4.64 5.55
C ASN C 478 -31.87 4.95 4.06
N GLU C 479 -32.84 4.33 3.39
CA GLU C 479 -33.13 4.71 2.02
C GLU C 479 -34.59 4.47 1.71
N TYR C 480 -35.18 5.39 0.95
CA TYR C 480 -36.60 5.34 0.62
C TYR C 480 -36.80 5.42 -0.89
N VAL C 481 -36.00 4.67 -1.64
CA VAL C 481 -36.29 4.54 -3.07
C VAL C 481 -37.69 3.96 -3.22
N GLY C 482 -38.52 4.63 -3.99
CA GLY C 482 -39.86 4.16 -4.28
C GLY C 482 -40.93 4.74 -3.38
N TRP C 483 -40.56 5.50 -2.35
CA TRP C 483 -41.54 6.21 -1.54
C TRP C 483 -41.24 7.71 -1.56
N TYR C 484 -40.13 8.14 -0.95
CA TYR C 484 -39.72 9.53 -1.02
C TYR C 484 -38.93 9.85 -2.27
N ASP C 485 -38.22 8.87 -2.83
CA ASP C 485 -37.33 9.06 -3.98
C ASP C 485 -37.87 8.24 -5.14
N GLY C 486 -38.75 8.84 -5.94
CA GLY C 486 -39.37 8.18 -7.07
C GLY C 486 -40.59 7.35 -6.68
N ASP C 487 -41.30 6.88 -7.71
CA ASP C 487 -42.33 5.88 -7.56
C ASP C 487 -41.70 4.50 -7.52
N SER C 488 -42.51 3.47 -7.32
CA SER C 488 -41.98 2.12 -7.11
C SER C 488 -41.07 1.65 -8.26
N GLU C 489 -41.33 2.14 -9.47
CA GLU C 489 -40.53 1.77 -10.64
C GLU C 489 -39.06 2.05 -10.41
N LYS C 490 -38.73 3.07 -9.62
CA LYS C 490 -37.32 3.43 -9.49
C LYS C 490 -36.52 2.29 -8.85
N CYS C 491 -37.16 1.45 -8.03
CA CYS C 491 -36.46 0.28 -7.50
C CYS C 491 -35.97 -0.63 -8.61
N ASP C 492 -36.65 -0.60 -9.76
CA ASP C 492 -36.33 -1.50 -10.86
C ASP C 492 -35.08 -1.11 -11.63
N ARG C 493 -34.64 0.14 -11.56
CA ARG C 493 -33.65 0.65 -12.50
C ARG C 493 -32.39 1.24 -11.87
N VAL C 494 -32.42 1.61 -10.60
CA VAL C 494 -31.24 2.20 -9.96
C VAL C 494 -30.22 1.11 -9.67
N ASN C 495 -28.94 1.49 -9.61
CA ASN C 495 -27.87 0.60 -9.21
C ASN C 495 -27.13 1.18 -8.00
N TRP C 496 -26.45 0.30 -7.25
CA TRP C 496 -25.77 0.64 -6.00
C TRP C 496 -24.30 0.26 -6.05
N THR C 497 -23.45 1.15 -5.53
CA THR C 497 -22.05 0.84 -5.35
C THR C 497 -21.57 1.45 -4.03
N PHE C 498 -20.51 0.85 -3.46
CA PHE C 498 -19.97 1.30 -2.18
C PHE C 498 -18.45 1.37 -2.25
N ASP C 499 -17.89 2.42 -1.65
CA ASP C 499 -16.46 2.70 -1.70
C ASP C 499 -15.64 1.91 -0.68
N THR C 500 -16.28 1.08 0.14
CA THR C 500 -15.62 0.29 1.17
C THR C 500 -16.21 -1.11 1.18
N GLN C 501 -15.43 -2.07 1.66
CA GLN C 501 -15.89 -3.47 1.78
C GLN C 501 -16.21 -3.83 3.23
N LYS C 502 -17.18 -3.13 3.78
CA LYS C 502 -17.80 -3.49 5.05
C LYS C 502 -19.21 -4.03 4.78
N PRO C 503 -19.79 -4.78 5.72
CA PRO C 503 -21.17 -5.21 5.54
C PRO C 503 -22.11 -4.01 5.37
N VAL C 504 -23.04 -4.14 4.43
CA VAL C 504 -24.05 -3.13 4.20
C VAL C 504 -25.30 -3.50 4.99
N PHE C 505 -25.86 -2.53 5.71
CA PHE C 505 -27.05 -2.72 6.54
C PHE C 505 -28.02 -1.60 6.21
N ILE C 506 -29.22 -1.95 5.76
CA ILE C 506 -30.22 -0.94 5.43
C ILE C 506 -31.16 -0.85 6.62
N SER C 507 -30.99 0.21 7.41
CA SER C 507 -31.63 0.35 8.70
C SER C 507 -33.05 0.92 8.62
N GLU C 508 -33.47 1.42 7.45
CA GLU C 508 -34.84 1.80 7.18
C GLU C 508 -35.06 1.70 5.69
N LEU C 509 -36.25 1.23 5.31
CA LEU C 509 -36.75 1.32 3.94
C LEU C 509 -38.26 1.10 4.02
N GLY C 510 -38.98 1.51 2.96
CA GLY C 510 -40.40 1.24 2.93
C GLY C 510 -41.34 2.35 2.49
N GLY C 511 -42.61 2.30 2.91
CA GLY C 511 -43.61 3.26 2.45
C GLY C 511 -44.90 3.06 3.21
N GLY C 512 -45.80 4.03 3.07
CA GLY C 512 -46.98 4.10 3.91
C GLY C 512 -48.21 3.50 3.25
N ALA C 513 -49.11 2.97 4.08
CA ALA C 513 -50.41 2.48 3.64
C ALA C 513 -51.37 2.46 4.83
N LEU C 514 -52.65 2.67 4.55
CA LEU C 514 -53.68 2.54 5.55
C LEU C 514 -54.33 1.17 5.39
N TYR C 515 -54.35 0.37 6.46
CA TYR C 515 -54.99 -0.94 6.40
C TYR C 515 -56.47 -0.81 6.07
N GLY C 516 -56.92 -1.63 5.12
CA GLY C 516 -58.29 -1.59 4.65
C GLY C 516 -58.56 -0.56 3.58
N HIS C 517 -57.54 0.17 3.15
CA HIS C 517 -57.65 1.22 2.14
C HIS C 517 -57.04 0.66 0.87
N HIS C 518 -57.87 0.44 -0.15
CA HIS C 518 -57.49 -0.30 -1.33
C HIS C 518 -57.63 0.54 -2.60
N GLY C 519 -56.88 0.17 -3.62
CA GLY C 519 -56.97 0.86 -4.88
C GLY C 519 -55.94 0.32 -5.85
N SER C 520 -55.64 1.13 -6.87
CA SER C 520 -54.64 0.72 -7.84
C SER C 520 -53.27 0.68 -7.20
N PRO C 521 -52.37 -0.19 -7.69
CA PRO C 521 -51.00 -0.19 -7.16
C PRO C 521 -50.25 1.09 -7.45
N LYS C 522 -50.80 1.97 -8.28
CA LYS C 522 -50.20 3.27 -8.52
C LYS C 522 -50.62 4.32 -7.50
N GLU C 523 -51.61 4.03 -6.66
CA GLU C 523 -52.17 5.06 -5.78
C GLU C 523 -51.50 5.00 -4.42
N ARG C 524 -50.78 6.06 -4.06
CA ARG C 524 -50.09 6.07 -2.78
C ARG C 524 -51.06 5.98 -1.61
N PHE C 525 -50.61 5.28 -0.57
CA PHE C 525 -51.26 5.04 0.72
C PHE C 525 -52.27 3.88 0.66
N THR C 526 -52.55 3.30 -0.50
CA THR C 526 -53.29 2.05 -0.55
C THR C 526 -52.40 0.88 -0.12
N GLU C 527 -53.04 -0.21 0.31
CA GLU C 527 -52.25 -1.43 0.56
C GLU C 527 -51.59 -1.93 -0.71
N GLU C 528 -52.21 -1.67 -1.86
CA GLU C 528 -51.68 -2.22 -3.10
C GLU C 528 -50.40 -1.51 -3.53
N TYR C 529 -50.31 -0.20 -3.30
CA TYR C 529 -49.06 0.48 -3.63
C TYR C 529 -47.95 0.01 -2.73
N GLN C 530 -48.23 -0.15 -1.44
CA GLN C 530 -47.20 -0.58 -0.51
C GLN C 530 -46.74 -1.99 -0.86
N GLU C 531 -47.68 -2.86 -1.25
CA GLU C 531 -47.33 -4.21 -1.68
C GLU C 531 -46.41 -4.18 -2.90
N ASP C 532 -46.82 -3.47 -3.94
CA ASP C 532 -46.02 -3.37 -5.16
C ASP C 532 -44.64 -2.82 -4.82
N LEU C 533 -44.60 -1.81 -3.96
CA LEU C 533 -43.34 -1.24 -3.54
C LEU C 533 -42.42 -2.28 -2.93
N TYR C 534 -42.94 -3.06 -1.99
CA TYR C 534 -42.10 -4.06 -1.33
C TYR C 534 -41.66 -5.15 -2.29
N ILE C 535 -42.54 -5.56 -3.22
CA ILE C 535 -42.12 -6.52 -4.23
C ILE C 535 -40.91 -6.01 -5.00
N ARG C 536 -41.00 -4.77 -5.51
CA ARG C 536 -39.91 -4.24 -6.34
C ARG C 536 -38.70 -3.89 -5.48
N HIS C 537 -38.93 -3.42 -4.26
CA HIS C 537 -37.81 -3.10 -3.37
C HIS C 537 -37.05 -4.35 -2.97
N VAL C 538 -37.77 -5.44 -2.66
CA VAL C 538 -37.08 -6.68 -2.31
C VAL C 538 -36.22 -7.15 -3.47
N ASN C 539 -36.71 -7.06 -4.70
CA ASN C 539 -35.88 -7.47 -5.83
C ASN C 539 -34.64 -6.60 -5.93
N MET C 540 -34.76 -5.30 -5.64
CA MET C 540 -33.60 -4.42 -5.61
C MET C 540 -32.60 -4.88 -4.55
N LEU C 541 -33.08 -5.14 -3.33
CA LEU C 541 -32.21 -5.59 -2.25
C LEU C 541 -31.34 -6.76 -2.67
N LYS C 542 -31.89 -7.67 -3.47
CA LYS C 542 -31.16 -8.88 -3.86
C LYS C 542 -29.91 -8.58 -4.68
N ARG C 543 -29.79 -7.36 -5.21
CA ARG C 543 -28.65 -7.00 -6.07
C ARG C 543 -27.79 -5.91 -5.46
N ILE C 544 -27.97 -5.59 -4.18
CA ILE C 544 -27.13 -4.62 -3.48
C ILE C 544 -25.89 -5.35 -2.97
N PRO C 545 -24.70 -5.06 -3.51
CA PRO C 545 -23.52 -5.85 -3.13
C PRO C 545 -23.15 -5.63 -1.68
N GLY C 546 -22.93 -6.74 -0.97
CA GLY C 546 -22.54 -6.71 0.43
C GLY C 546 -23.67 -6.57 1.43
N LEU C 547 -24.92 -6.63 0.99
CA LEU C 547 -26.05 -6.52 1.91
C LEU C 547 -26.04 -7.67 2.91
N ALA C 548 -26.06 -7.34 4.20
CA ALA C 548 -26.07 -8.37 5.23
C ALA C 548 -27.16 -8.17 6.28
N GLY C 549 -27.98 -7.15 6.14
CA GLY C 549 -29.05 -6.93 7.10
C GLY C 549 -30.01 -5.86 6.63
N THR C 550 -31.28 -5.98 7.03
CA THR C 550 -32.29 -4.98 6.72
C THR C 550 -33.26 -4.91 7.89
N THR C 551 -33.63 -3.69 8.29
CA THR C 551 -34.67 -3.47 9.29
C THR C 551 -35.66 -2.47 8.71
N PRO C 552 -36.62 -2.92 7.92
CA PRO C 552 -37.54 -1.98 7.26
C PRO C 552 -38.32 -1.15 8.28
N TRP C 553 -38.71 0.04 7.82
CA TRP C 553 -39.46 1.00 8.61
C TRP C 553 -40.92 0.87 8.16
N ILE C 554 -41.79 0.23 8.95
CA ILE C 554 -41.55 -0.12 10.34
C ILE C 554 -42.51 -1.27 10.71
N LEU C 555 -42.37 -1.86 11.90
CA LEU C 555 -43.28 -2.94 12.28
C LEU C 555 -44.72 -2.45 12.41
N LYS C 556 -44.94 -1.41 13.21
CA LYS C 556 -46.30 -0.99 13.53
C LYS C 556 -46.46 0.49 13.29
N ASP C 557 -47.60 0.88 12.69
CA ASP C 557 -47.95 2.30 12.58
C ASP C 557 -47.79 2.97 13.93
N PHE C 558 -47.22 4.18 13.94
CA PHE C 558 -46.94 4.87 15.21
C PHE C 558 -47.28 6.35 15.09
N ARG C 559 -47.41 7.01 16.24
CA ARG C 559 -47.88 8.39 16.29
C ARG C 559 -46.78 9.35 15.86
N SER C 560 -47.11 10.30 14.99
CA SER C 560 -46.15 11.33 14.61
C SER C 560 -46.93 12.62 14.36
N PRO C 561 -46.43 13.75 14.84
CA PRO C 561 -47.10 15.03 14.59
C PRO C 561 -46.79 15.63 13.21
N ARG C 562 -46.03 14.92 12.37
CA ARG C 562 -45.68 15.38 11.03
C ARG C 562 -46.44 14.65 9.94
N ARG C 563 -47.58 14.03 10.27
CA ARG C 563 -48.31 13.16 9.35
C ARG C 563 -49.77 13.62 9.33
N HIS C 564 -50.15 14.37 8.30
CA HIS C 564 -51.35 15.19 8.40
C HIS C 564 -52.42 14.88 7.36
N VAL C 565 -52.26 13.85 6.54
CA VAL C 565 -53.30 13.53 5.56
C VAL C 565 -54.55 13.07 6.31
N PRO C 566 -55.68 13.77 6.21
CA PRO C 566 -56.87 13.36 6.93
C PRO C 566 -57.42 12.03 6.42
N GLU C 567 -57.94 11.25 7.35
CA GLU C 567 -58.54 9.94 7.09
C GLU C 567 -57.55 8.96 6.45
N ILE C 568 -56.26 9.30 6.42
CA ILE C 568 -55.24 8.36 5.97
C ILE C 568 -54.18 8.25 7.06
N GLN C 569 -53.52 9.36 7.37
CA GLN C 569 -52.51 9.33 8.42
C GLN C 569 -53.12 9.66 9.78
N ASP C 570 -53.86 10.76 9.89
CA ASP C 570 -54.47 11.16 11.15
C ASP C 570 -53.47 11.08 12.30
N ASP C 571 -52.33 11.75 12.13
CA ASP C 571 -51.29 11.88 13.14
C ASP C 571 -50.54 10.57 13.40
N PHE C 572 -50.58 9.65 12.43
CA PHE C 572 -49.83 8.41 12.45
C PHE C 572 -48.95 8.32 11.21
N ASN C 573 -47.70 7.92 11.42
CA ASN C 573 -46.83 7.41 10.36
C ASN C 573 -47.38 6.06 9.94
N ARG C 574 -47.67 5.89 8.64
CA ARG C 574 -48.41 4.72 8.19
C ARG C 574 -47.49 3.69 7.54
N LYS C 575 -46.18 3.75 7.79
CA LYS C 575 -45.25 2.82 7.16
C LYS C 575 -45.21 1.45 7.85
N GLY C 576 -46.08 1.21 8.83
CA GLY C 576 -46.11 -0.11 9.43
C GLY C 576 -46.40 -1.17 8.37
N LEU C 577 -45.76 -2.33 8.52
CA LEU C 577 -46.27 -3.53 7.87
C LEU C 577 -47.48 -4.10 8.61
N VAL C 578 -47.66 -3.71 9.88
CA VAL C 578 -48.84 -4.02 10.68
C VAL C 578 -49.49 -2.70 11.07
N SER C 579 -50.83 -2.64 11.02
CA SER C 579 -51.49 -1.42 11.47
C SER C 579 -51.32 -1.26 12.97
N ASP C 580 -51.62 -0.04 13.46
CA ASP C 580 -51.65 0.19 14.90
C ASP C 580 -52.64 -0.74 15.61
N LYS C 581 -53.58 -1.33 14.87
CA LYS C 581 -54.55 -2.26 15.45
C LYS C 581 -54.19 -3.72 15.20
N GLY C 582 -52.93 -4.01 14.87
CA GLY C 582 -52.46 -5.38 14.75
C GLY C 582 -52.82 -6.12 13.48
N GLN C 583 -53.17 -5.42 12.40
CA GLN C 583 -53.62 -6.04 11.17
C GLN C 583 -52.48 -6.10 10.16
N LYS C 584 -52.22 -7.28 9.60
CA LYS C 584 -51.14 -7.45 8.64
C LYS C 584 -51.57 -6.89 7.29
N LYS C 585 -50.85 -5.88 6.82
CA LYS C 585 -51.11 -5.32 5.50
C LYS C 585 -50.54 -6.24 4.43
N LYS C 586 -50.95 -6.04 3.18
CA LYS C 586 -50.49 -6.93 2.13
C LYS C 586 -48.97 -7.02 2.08
N ALA C 587 -48.27 -5.87 2.25
CA ALA C 587 -46.81 -5.88 2.14
C ALA C 587 -46.14 -6.70 3.25
N PHE C 588 -46.81 -6.87 4.40
CA PHE C 588 -46.28 -7.76 5.42
C PHE C 588 -45.89 -9.11 4.83
N PHE C 589 -46.70 -9.63 3.91
CA PHE C 589 -46.46 -10.97 3.41
C PHE C 589 -45.37 -11.03 2.35
N VAL C 590 -45.11 -9.92 1.67
CA VAL C 590 -43.99 -9.85 0.73
C VAL C 590 -42.66 -9.99 1.48
N LEU C 591 -42.47 -9.19 2.53
CA LEU C 591 -41.25 -9.29 3.32
C LEU C 591 -41.16 -10.64 4.02
N GLN C 592 -42.30 -11.15 4.52
CA GLN C 592 -42.30 -12.47 5.13
C GLN C 592 -41.79 -13.52 4.15
N LYS C 593 -42.25 -13.45 2.91
CA LYS C 593 -41.82 -14.42 1.89
C LYS C 593 -40.30 -14.36 1.69
N TRP C 594 -39.74 -13.16 1.56
CA TRP C 594 -38.29 -13.03 1.36
C TRP C 594 -37.53 -13.52 2.60
N TYR C 595 -38.03 -13.20 3.79
CA TYR C 595 -37.34 -13.67 5.00
C TYR C 595 -37.35 -15.19 5.10
N LYS C 596 -38.44 -15.83 4.69
CA LYS C 596 -38.46 -17.29 4.62
C LYS C 596 -37.41 -17.82 3.65
N GLU C 597 -37.21 -17.13 2.52
CA GLU C 597 -36.18 -17.55 1.57
C GLU C 597 -34.78 -17.33 2.13
N LEU C 598 -34.58 -16.21 2.83
CA LEU C 598 -33.28 -15.94 3.42
C LEU C 598 -32.94 -16.93 4.52
N THR C 599 -33.95 -17.35 5.28
CA THR C 599 -33.69 -18.33 6.33
C THR C 599 -33.12 -19.62 5.74
N GLU C 600 -33.73 -20.11 4.65
CA GLU C 600 -33.22 -21.32 4.01
C GLU C 600 -31.84 -21.07 3.41
N ALA C 601 -31.67 -19.94 2.73
CA ALA C 601 -30.41 -19.65 2.06
C ALA C 601 -29.25 -19.61 3.03
N TYR C 602 -29.47 -19.19 4.27
CA TYR C 602 -28.40 -19.00 5.24
C TYR C 602 -28.29 -20.15 6.24
N LYS C 603 -29.04 -21.23 6.03
CA LYS C 603 -28.97 -22.38 6.92
C LYS C 603 -27.54 -22.81 7.17
N ALA D 25 -23.13 -11.25 -64.70
CA ALA D 25 -22.14 -11.58 -63.67
C ALA D 25 -22.24 -10.68 -62.44
N PRO D 26 -22.44 -9.38 -62.62
CA PRO D 26 -22.67 -8.50 -61.47
C PRO D 26 -24.05 -8.72 -60.85
N GLN D 27 -24.20 -8.31 -59.59
CA GLN D 27 -25.50 -8.38 -58.93
C GLN D 27 -26.53 -7.56 -59.69
N ILE D 28 -27.78 -8.02 -59.66
CA ILE D 28 -28.91 -7.29 -60.23
C ILE D 28 -29.82 -6.85 -59.09
N MET D 29 -30.08 -5.55 -59.02
CA MET D 29 -30.98 -5.01 -58.02
C MET D 29 -32.42 -5.44 -58.30
N ASN D 30 -33.12 -5.86 -57.25
CA ASN D 30 -34.59 -6.01 -57.29
C ASN D 30 -34.99 -7.03 -58.36
N VAL D 31 -34.50 -8.26 -58.19
CA VAL D 31 -34.72 -9.30 -59.19
C VAL D 31 -36.21 -9.55 -59.38
N SER D 32 -36.97 -9.57 -58.29
CA SER D 32 -38.38 -9.97 -58.37
C SER D 32 -39.19 -9.05 -59.28
N ALA D 33 -38.77 -7.79 -59.43
CA ALA D 33 -39.49 -6.84 -60.26
C ALA D 33 -39.11 -6.92 -61.73
N ARG D 34 -38.22 -7.84 -62.10
CA ARG D 34 -37.78 -7.98 -63.50
C ARG D 34 -38.68 -8.97 -64.24
N GLN D 35 -38.38 -9.19 -65.52
CA GLN D 35 -39.06 -10.23 -66.29
C GLN D 35 -38.44 -11.56 -65.90
N THR D 36 -39.11 -12.30 -65.02
CA THR D 36 -38.56 -13.51 -64.44
C THR D 36 -39.34 -14.74 -64.91
N THR D 37 -38.61 -15.85 -65.02
CA THR D 37 -39.20 -17.17 -65.21
C THR D 37 -38.52 -18.12 -64.24
N SER D 38 -39.30 -18.92 -63.54
CA SER D 38 -38.74 -19.79 -62.52
C SER D 38 -38.30 -21.13 -63.11
N LEU D 39 -37.15 -21.62 -62.66
CA LEU D 39 -36.69 -22.97 -62.96
C LEU D 39 -36.89 -23.92 -61.78
N ASP D 40 -37.67 -23.52 -60.77
CA ASP D 40 -37.85 -24.33 -59.57
C ASP D 40 -38.75 -25.54 -59.86
N GLY D 41 -38.73 -26.49 -58.94
CA GLY D 41 -39.53 -27.69 -59.07
C GLY D 41 -38.80 -28.88 -58.49
N GLN D 42 -38.63 -29.93 -59.27
CA GLN D 42 -37.83 -31.08 -58.84
C GLN D 42 -36.82 -31.37 -59.93
N TRP D 43 -35.55 -31.54 -59.54
CA TRP D 43 -34.47 -31.76 -60.49
C TRP D 43 -33.85 -33.13 -60.27
N LYS D 44 -33.25 -33.68 -61.33
CA LYS D 44 -32.52 -34.94 -61.19
C LYS D 44 -31.19 -34.67 -60.47
N THR D 45 -30.76 -35.65 -59.66
CA THR D 45 -29.63 -35.45 -58.76
C THR D 45 -28.79 -36.72 -58.70
N ILE D 46 -27.51 -36.53 -58.35
CA ILE D 46 -26.59 -37.63 -58.09
C ILE D 46 -25.79 -37.28 -56.85
N VAL D 47 -25.91 -38.10 -55.80
CA VAL D 47 -25.07 -37.92 -54.61
C VAL D 47 -23.71 -38.52 -54.88
N ASP D 48 -22.64 -37.75 -54.66
CA ASP D 48 -21.32 -38.10 -55.17
C ASP D 48 -20.26 -37.82 -54.11
N PRO D 49 -20.21 -38.64 -53.06
CA PRO D 49 -19.35 -38.28 -51.91
C PRO D 49 -17.87 -38.21 -52.23
N PHE D 50 -17.36 -39.07 -53.12
CA PHE D 50 -15.94 -39.04 -53.47
C PHE D 50 -15.67 -38.22 -54.73
N GLU D 51 -16.66 -37.46 -55.18
CA GLU D 51 -16.54 -36.55 -56.31
C GLU D 51 -16.03 -37.27 -57.54
N ASN D 52 -16.56 -38.48 -57.76
CA ASN D 52 -16.26 -39.27 -58.94
C ASN D 52 -16.67 -38.54 -60.22
N GLY D 53 -17.67 -37.67 -60.14
CA GLY D 53 -18.12 -36.95 -61.31
C GLY D 53 -17.23 -35.80 -61.72
N TYR D 54 -16.21 -35.51 -60.93
CA TYR D 54 -15.33 -34.38 -61.17
C TYR D 54 -13.87 -34.78 -61.28
N TYR D 55 -13.43 -35.76 -60.50
CA TYR D 55 -12.05 -36.24 -60.49
C TYR D 55 -11.98 -37.68 -60.96
N ASP D 56 -10.94 -38.00 -61.74
CA ASP D 56 -10.65 -39.40 -62.06
C ASP D 56 -9.79 -40.00 -60.95
N TYR D 57 -9.41 -41.28 -61.10
CA TYR D 57 -8.73 -41.98 -60.01
C TYR D 57 -7.31 -41.48 -59.79
N ARG D 58 -6.79 -40.62 -60.66
CA ARG D 58 -5.55 -39.90 -60.41
C ARG D 58 -5.82 -38.56 -59.76
N LEU D 59 -7.07 -38.31 -59.37
CA LEU D 59 -7.47 -37.05 -58.72
C LEU D 59 -7.26 -35.88 -59.66
N LYS D 60 -7.51 -36.11 -60.95
CA LYS D 60 -7.40 -35.10 -61.98
C LYS D 60 -8.76 -34.80 -62.58
N PRO D 61 -9.13 -33.54 -62.76
CA PRO D 61 -10.31 -33.24 -63.58
C PRO D 61 -10.28 -34.01 -64.88
N TYR D 62 -11.43 -34.48 -65.33
CA TYR D 62 -11.51 -35.19 -66.59
C TYR D 62 -12.72 -34.71 -67.37
N ASP D 63 -12.60 -34.70 -68.69
CA ASP D 63 -13.76 -34.44 -69.51
C ASP D 63 -14.62 -35.70 -69.56
N GLY D 64 -15.91 -35.53 -69.84
CA GLY D 64 -16.79 -36.67 -69.70
C GLY D 64 -17.26 -36.93 -68.29
N GLY D 65 -16.98 -36.02 -67.36
CA GLY D 65 -17.60 -36.07 -66.06
C GLY D 65 -19.08 -35.69 -66.17
N TYR D 66 -19.73 -35.61 -65.00
CA TYR D 66 -21.17 -35.46 -64.95
C TYR D 66 -21.66 -34.14 -65.51
N ALA D 67 -20.82 -33.12 -65.54
CA ALA D 67 -21.21 -31.83 -66.09
C ALA D 67 -21.74 -31.94 -67.51
N GLN D 68 -21.35 -32.99 -68.23
CA GLN D 68 -21.76 -33.14 -69.61
C GLN D 68 -23.19 -33.65 -69.72
N ASP D 69 -23.77 -34.15 -68.64
CA ASP D 69 -25.19 -34.55 -68.60
C ASP D 69 -25.55 -35.42 -69.80
N LYS D 70 -24.73 -36.43 -70.07
CA LYS D 70 -25.00 -37.35 -71.18
C LYS D 70 -26.01 -38.40 -70.75
N THR D 71 -27.16 -38.45 -71.41
CA THR D 71 -28.12 -39.48 -71.06
C THR D 71 -27.58 -40.84 -71.50
N TYR D 72 -27.66 -41.84 -70.61
CA TYR D 72 -27.08 -43.16 -70.87
C TYR D 72 -28.02 -43.97 -71.76
N SER D 73 -28.09 -43.56 -73.03
CA SER D 73 -28.97 -44.16 -74.03
C SER D 73 -28.36 -45.37 -74.72
N ASP D 74 -27.06 -45.31 -75.00
CA ASP D 74 -26.39 -46.32 -75.81
C ASP D 74 -25.60 -47.23 -74.87
N LYS D 75 -26.23 -48.33 -74.47
CA LYS D 75 -25.58 -49.22 -73.51
C LYS D 75 -24.42 -50.01 -74.11
N THR D 76 -24.15 -49.91 -75.41
CA THR D 76 -22.94 -50.53 -75.92
C THR D 76 -21.68 -49.76 -75.52
N LYS D 77 -21.82 -48.57 -74.96
CA LYS D 77 -20.70 -47.83 -74.42
C LYS D 77 -20.79 -47.81 -72.89
N LEU D 78 -19.64 -47.66 -72.24
CA LEU D 78 -19.57 -47.62 -70.78
C LEU D 78 -19.60 -46.19 -70.25
N GLN D 79 -20.51 -45.92 -69.30
CA GLN D 79 -20.32 -44.80 -68.39
C GLN D 79 -20.92 -45.19 -67.04
N GLU D 80 -20.68 -44.36 -66.02
CA GLU D 80 -20.93 -44.73 -64.64
C GLU D 80 -22.07 -43.95 -63.98
N TYR D 81 -22.88 -43.22 -64.76
CA TYR D 81 -23.92 -42.37 -64.23
C TYR D 81 -25.02 -42.17 -65.27
N ASP D 82 -26.19 -41.72 -64.82
CA ASP D 82 -27.28 -41.36 -65.73
C ASP D 82 -28.23 -40.45 -64.95
N PHE D 83 -28.15 -39.13 -65.20
CA PHE D 83 -29.13 -38.22 -64.58
C PHE D 83 -30.56 -38.64 -64.93
N GLU D 84 -30.78 -39.06 -66.18
CA GLU D 84 -32.13 -39.26 -66.68
C GLU D 84 -32.93 -40.24 -65.82
N THR D 85 -32.29 -41.25 -65.25
CA THR D 85 -33.00 -42.27 -64.49
C THR D 85 -32.70 -42.20 -62.99
N ASP D 86 -32.10 -41.12 -62.51
CA ASP D 86 -31.76 -41.03 -61.10
C ASP D 86 -32.89 -40.35 -60.33
N LYS D 87 -32.64 -40.04 -59.06
CA LYS D 87 -33.67 -39.56 -58.14
C LYS D 87 -33.80 -38.04 -58.21
N LEU D 88 -34.92 -37.54 -57.70
CA LEU D 88 -35.23 -36.13 -57.66
C LEU D 88 -34.88 -35.51 -56.32
N LEU D 89 -34.62 -34.19 -56.34
CA LEU D 89 -34.69 -33.36 -55.14
C LEU D 89 -35.54 -32.13 -55.43
N PHE D 90 -36.21 -31.62 -54.41
CA PHE D 90 -36.88 -30.35 -54.56
C PHE D 90 -35.86 -29.21 -54.65
N VAL D 91 -36.15 -28.26 -55.54
CA VAL D 91 -35.39 -27.02 -55.67
C VAL D 91 -36.45 -25.93 -55.66
N PRO D 92 -36.39 -24.97 -54.74
CA PRO D 92 -35.34 -24.78 -53.73
C PRO D 92 -35.49 -25.68 -52.50
N GLY D 93 -34.39 -25.87 -51.78
CA GLY D 93 -34.47 -26.51 -50.47
C GLY D 93 -33.13 -27.06 -50.05
N ASP D 94 -32.98 -27.20 -48.74
CA ASP D 94 -31.93 -28.04 -48.20
C ASP D 94 -32.18 -29.48 -48.60
N TRP D 95 -31.09 -30.23 -48.78
CA TRP D 95 -31.27 -31.66 -49.08
C TRP D 95 -31.49 -32.49 -47.82
N ASN D 96 -31.09 -31.96 -46.66
CA ASN D 96 -31.03 -32.77 -45.45
C ASN D 96 -32.40 -33.30 -45.03
N THR D 97 -33.43 -32.45 -45.07
CA THR D 97 -34.75 -32.89 -44.65
C THR D 97 -35.50 -33.68 -45.72
N GLN D 98 -34.90 -33.86 -46.90
CA GLN D 98 -35.61 -34.49 -48.00
C GLN D 98 -35.46 -36.00 -48.03
N ARG D 99 -34.31 -36.51 -47.57
CA ARG D 99 -34.08 -37.93 -47.47
C ARG D 99 -33.37 -38.24 -46.16
N PRO D 100 -33.71 -39.33 -45.52
CA PRO D 100 -32.95 -39.75 -44.32
C PRO D 100 -31.47 -39.88 -44.57
N GLN D 101 -31.07 -40.46 -45.72
CA GLN D 101 -29.65 -40.62 -46.03
C GLN D 101 -28.93 -39.29 -46.13
N LEU D 102 -29.64 -38.20 -46.41
CA LEU D 102 -29.00 -36.91 -46.57
C LEU D 102 -29.07 -36.05 -45.31
N TYR D 103 -29.64 -36.57 -44.23
CA TYR D 103 -29.80 -35.80 -42.98
C TYR D 103 -28.49 -35.16 -42.53
N TYR D 104 -27.43 -35.96 -42.42
CA TYR D 104 -26.10 -35.50 -42.01
C TYR D 104 -25.18 -35.22 -43.18
N TYR D 105 -25.66 -35.26 -44.41
CA TYR D 105 -24.72 -35.37 -45.53
C TYR D 105 -23.93 -34.08 -45.75
N GLU D 106 -22.61 -34.25 -45.82
CA GLU D 106 -21.65 -33.19 -46.10
C GLU D 106 -20.78 -33.67 -47.25
N GLY D 107 -20.93 -33.04 -48.40
CA GLY D 107 -20.21 -33.45 -49.59
C GLY D 107 -20.91 -32.89 -50.80
N THR D 108 -20.70 -33.55 -51.93
CA THR D 108 -21.22 -33.11 -53.23
C THR D 108 -22.54 -33.81 -53.59
N VAL D 109 -23.49 -33.02 -54.05
CA VAL D 109 -24.69 -33.50 -54.75
C VAL D 109 -24.77 -32.76 -56.09
N TRP D 110 -24.92 -33.52 -57.16
CA TRP D 110 -25.10 -32.97 -58.50
C TRP D 110 -26.59 -32.75 -58.75
N TYR D 111 -26.93 -31.55 -59.25
CA TYR D 111 -28.30 -31.22 -59.67
C TYR D 111 -28.32 -30.97 -61.16
N ARG D 112 -29.42 -31.37 -61.81
CA ARG D 112 -29.54 -31.20 -63.24
C ARG D 112 -30.97 -30.83 -63.63
N LYS D 113 -31.10 -29.81 -64.46
CA LYS D 113 -32.39 -29.36 -64.97
C LYS D 113 -32.29 -29.22 -66.49
N HIS D 114 -33.32 -29.67 -67.19
CA HIS D 114 -33.51 -29.36 -68.61
C HIS D 114 -34.57 -28.29 -68.77
N PHE D 115 -34.37 -27.36 -69.71
CA PHE D 115 -35.36 -26.29 -69.87
C PHE D 115 -35.30 -25.75 -71.29
N GLU D 116 -36.39 -25.09 -71.69
CA GLU D 116 -36.42 -24.37 -72.95
C GLU D 116 -36.76 -22.91 -72.67
N TYR D 117 -36.29 -22.03 -73.55
CA TYR D 117 -36.59 -20.61 -73.41
C TYR D 117 -36.45 -19.96 -74.78
N SER D 118 -37.43 -19.15 -75.14
CA SER D 118 -37.41 -18.45 -76.42
C SER D 118 -36.98 -17.01 -76.13
N LEU D 119 -35.72 -16.71 -76.44
CA LEU D 119 -35.16 -15.38 -76.24
C LEU D 119 -35.17 -14.64 -77.57
N GLN D 120 -35.94 -13.57 -77.66
CA GLN D 120 -35.97 -12.80 -78.89
C GLN D 120 -34.60 -12.19 -79.15
N PRO D 121 -34.14 -12.20 -80.40
CA PRO D 121 -32.83 -11.61 -80.71
C PRO D 121 -32.67 -10.20 -80.13
N GLY D 122 -31.53 -9.94 -79.50
CA GLY D 122 -31.24 -8.64 -78.94
C GLY D 122 -31.52 -8.53 -77.45
N LYS D 123 -32.41 -9.37 -76.93
CA LYS D 123 -32.65 -9.39 -75.50
C LYS D 123 -31.57 -10.21 -74.80
N ARG D 124 -31.42 -9.98 -73.50
CA ARG D 124 -30.40 -10.65 -72.72
C ARG D 124 -31.03 -11.51 -71.64
N LEU D 125 -30.33 -12.57 -71.26
CA LEU D 125 -30.86 -13.56 -70.32
C LEU D 125 -29.81 -13.86 -69.26
N PHE D 126 -30.22 -13.77 -68.00
CA PHE D 126 -29.34 -14.07 -66.88
C PHE D 126 -29.92 -15.21 -66.06
N LEU D 127 -29.03 -16.03 -65.52
CA LEU D 127 -29.40 -17.10 -64.60
C LEU D 127 -29.02 -16.64 -63.20
N ASN D 128 -30.02 -16.60 -62.29
CA ASN D 128 -29.83 -16.07 -60.95
C ASN D 128 -30.10 -17.15 -59.92
N PHE D 129 -29.13 -17.37 -59.03
CA PHE D 129 -29.29 -18.27 -57.88
C PHE D 129 -29.47 -17.42 -56.62
N GLY D 130 -30.61 -17.59 -55.96
CA GLY D 130 -30.83 -16.89 -54.71
C GLY D 130 -29.82 -17.25 -53.64
N ALA D 131 -29.37 -18.52 -53.64
CA ALA D 131 -28.35 -19.02 -52.73
C ALA D 131 -28.10 -20.51 -52.95
N VAL D 132 -26.85 -20.93 -52.80
CA VAL D 132 -26.48 -22.34 -52.80
C VAL D 132 -25.41 -22.52 -51.72
N ASN D 133 -25.61 -23.48 -50.82
CA ASN D 133 -24.65 -23.73 -49.75
C ASN D 133 -23.92 -25.05 -50.02
N TYR D 134 -22.58 -25.00 -50.07
CA TYR D 134 -21.75 -23.83 -49.84
C TYR D 134 -21.01 -23.38 -51.10
N GLU D 135 -20.49 -24.36 -51.84
CA GLU D 135 -19.79 -24.10 -53.10
C GLU D 135 -20.65 -24.61 -54.24
N ALA D 136 -20.79 -23.78 -55.26
CA ALA D 136 -21.54 -24.14 -56.45
C ALA D 136 -20.64 -23.97 -57.67
N ILE D 137 -20.57 -25.01 -58.51
CA ILE D 137 -20.00 -24.91 -59.83
C ILE D 137 -21.11 -25.18 -60.82
N VAL D 138 -21.19 -24.35 -61.87
CA VAL D 138 -22.36 -24.30 -62.74
C VAL D 138 -21.94 -24.45 -64.19
N TRP D 139 -22.64 -25.31 -64.91
CA TRP D 139 -22.45 -25.55 -66.34
C TRP D 139 -23.77 -25.36 -67.07
N LEU D 140 -23.69 -24.84 -68.29
CA LEU D 140 -24.84 -24.80 -69.19
C LEU D 140 -24.42 -25.44 -70.50
N ASN D 141 -25.15 -26.48 -70.93
CA ASN D 141 -24.81 -27.20 -72.15
C ASN D 141 -23.35 -27.65 -72.17
N GLY D 142 -22.89 -28.16 -71.02
CA GLY D 142 -21.56 -28.71 -70.87
C GLY D 142 -20.44 -27.69 -70.77
N LYS D 143 -20.76 -26.40 -70.79
CA LYS D 143 -19.77 -25.33 -70.72
C LYS D 143 -19.81 -24.71 -69.33
N ARG D 144 -18.65 -24.60 -68.69
CA ARG D 144 -18.63 -24.10 -67.33
C ARG D 144 -18.92 -22.61 -67.32
N LEU D 145 -19.89 -22.20 -66.50
CA LEU D 145 -20.24 -20.80 -66.35
C LEU D 145 -19.43 -20.09 -65.27
N GLY D 146 -19.11 -20.80 -64.19
CA GLY D 146 -18.37 -20.20 -63.10
C GLY D 146 -18.61 -20.95 -61.82
N ARG D 147 -18.19 -20.33 -60.73
CA ARG D 147 -18.13 -20.96 -59.41
C ARG D 147 -18.43 -19.90 -58.36
N HIS D 148 -19.10 -20.32 -57.28
CA HIS D 148 -19.44 -19.40 -56.20
C HIS D 148 -19.19 -20.08 -54.86
N ILE D 149 -18.66 -19.30 -53.92
CA ILE D 149 -18.49 -19.71 -52.53
C ILE D 149 -19.26 -18.72 -51.66
N GLY D 150 -19.79 -19.22 -50.54
CA GLY D 150 -20.70 -18.44 -49.72
C GLY D 150 -22.13 -18.95 -49.84
N GLY D 151 -22.67 -19.52 -48.77
CA GLY D 151 -23.95 -20.22 -48.84
C GLY D 151 -25.21 -19.39 -48.74
N PHE D 152 -25.12 -18.07 -48.54
CA PHE D 152 -26.30 -17.26 -48.26
C PHE D 152 -26.38 -15.99 -49.11
N THR D 153 -25.66 -15.93 -50.22
CA THR D 153 -25.67 -14.73 -51.03
C THR D 153 -25.93 -15.08 -52.49
N PRO D 154 -26.64 -14.22 -53.21
CA PRO D 154 -27.04 -14.54 -54.58
C PRO D 154 -25.88 -14.34 -55.56
N PHE D 155 -26.02 -14.99 -56.71
CA PHE D 155 -25.02 -14.85 -57.76
C PHE D 155 -25.67 -15.14 -59.11
N ASN D 156 -25.13 -14.49 -60.16
CA ASN D 156 -25.72 -14.47 -61.49
C ASN D 156 -24.71 -14.90 -62.55
N PHE D 157 -25.23 -15.48 -63.64
CA PHE D 157 -24.47 -15.70 -64.86
C PHE D 157 -25.30 -15.21 -66.05
N GLU D 158 -24.67 -14.51 -66.99
CA GLU D 158 -25.35 -14.19 -68.24
C GLU D 158 -25.22 -15.36 -69.20
N ILE D 159 -26.35 -15.81 -69.76
CA ILE D 159 -26.37 -16.95 -70.67
C ILE D 159 -26.89 -16.58 -72.06
N THR D 160 -27.05 -15.28 -72.34
CA THR D 160 -27.56 -14.78 -73.63
C THR D 160 -27.04 -15.54 -74.84
N ASN D 161 -25.72 -15.62 -74.99
CA ASN D 161 -25.15 -16.19 -76.18
C ASN D 161 -24.87 -17.68 -76.07
N LEU D 162 -25.17 -18.29 -74.91
CA LEU D 162 -25.01 -19.73 -74.70
C LEU D 162 -26.31 -20.50 -74.85
N LEU D 163 -27.45 -19.81 -74.77
CA LEU D 163 -28.74 -20.46 -74.90
C LEU D 163 -28.88 -21.07 -76.29
N LYS D 164 -29.38 -22.30 -76.35
CA LYS D 164 -29.62 -22.95 -77.62
C LYS D 164 -31.12 -23.17 -77.80
N GLU D 165 -31.53 -23.30 -79.06
CA GLU D 165 -32.90 -23.70 -79.34
C GLU D 165 -33.12 -25.14 -78.90
N GLY D 166 -34.34 -25.43 -78.47
CA GLY D 166 -34.64 -26.76 -77.98
C GLY D 166 -34.19 -26.91 -76.54
N THR D 167 -33.77 -28.12 -76.20
CA THR D 167 -33.45 -28.46 -74.82
C THR D 167 -32.10 -27.87 -74.41
N ASN D 168 -32.08 -27.23 -73.25
CA ASN D 168 -30.85 -26.77 -72.62
C ASN D 168 -30.61 -27.58 -71.35
N SER D 169 -29.34 -27.81 -71.04
CA SER D 169 -28.94 -28.60 -69.88
C SER D 169 -28.21 -27.71 -68.88
N LEU D 170 -28.74 -27.62 -67.66
CA LEU D 170 -28.12 -26.86 -66.58
C LEU D 170 -27.71 -27.85 -65.50
N VAL D 171 -26.43 -27.87 -65.18
CA VAL D 171 -25.89 -28.74 -64.13
C VAL D 171 -25.22 -27.88 -63.07
N VAL D 172 -25.46 -28.22 -61.81
CA VAL D 172 -24.87 -27.49 -60.70
C VAL D 172 -24.25 -28.52 -59.76
N LYS D 173 -22.95 -28.40 -59.53
CA LYS D 173 -22.27 -29.23 -58.55
C LYS D 173 -22.28 -28.48 -57.22
N VAL D 174 -22.98 -29.04 -56.24
CA VAL D 174 -23.17 -28.37 -54.96
C VAL D 174 -22.41 -29.16 -53.89
N ASP D 175 -21.55 -28.46 -53.13
CA ASP D 175 -20.79 -29.08 -52.06
C ASP D 175 -20.88 -28.26 -50.78
N ASN D 176 -21.23 -28.93 -49.67
CA ASN D 176 -21.30 -28.25 -48.38
C ASN D 176 -20.29 -28.80 -47.39
N LYS D 177 -19.19 -29.39 -47.86
CA LYS D 177 -18.11 -29.74 -46.95
C LYS D 177 -17.73 -28.54 -46.08
N ARG D 178 -17.51 -28.79 -44.79
CA ARG D 178 -17.00 -27.73 -43.92
C ARG D 178 -15.50 -27.57 -44.13
N LEU D 179 -15.06 -26.33 -44.36
CA LEU D 179 -13.66 -26.04 -44.59
C LEU D 179 -13.11 -25.17 -43.47
N PRO D 180 -11.94 -25.49 -42.91
CA PRO D 180 -11.33 -24.62 -41.90
C PRO D 180 -11.30 -23.15 -42.31
N GLU D 181 -10.99 -22.86 -43.58
CA GLU D 181 -10.77 -21.52 -44.09
C GLU D 181 -12.05 -20.84 -44.58
N ALA D 182 -13.19 -21.53 -44.54
CA ALA D 182 -14.44 -21.00 -45.07
C ALA D 182 -15.06 -19.97 -44.12
N VAL D 183 -16.09 -19.29 -44.61
CA VAL D 183 -16.91 -18.37 -43.82
C VAL D 183 -18.36 -18.81 -43.96
N PRO D 184 -18.94 -19.51 -42.98
CA PRO D 184 -18.39 -19.88 -41.67
C PRO D 184 -17.38 -21.05 -41.70
N THR D 185 -16.75 -21.36 -40.56
CA THR D 185 -15.70 -22.36 -40.50
C THR D 185 -16.29 -23.71 -40.02
N VAL D 186 -15.44 -24.58 -39.47
CA VAL D 186 -15.84 -25.97 -39.22
C VAL D 186 -16.70 -26.16 -37.98
N ASN D 187 -17.01 -25.09 -37.26
CA ASN D 187 -17.82 -25.17 -36.05
C ASN D 187 -18.82 -24.02 -36.05
N ALA D 188 -20.10 -24.36 -35.88
CA ALA D 188 -21.19 -23.40 -35.72
C ALA D 188 -22.35 -24.15 -35.06
N ASP D 189 -23.27 -23.40 -34.45
CA ASP D 189 -24.37 -24.02 -33.71
C ASP D 189 -25.66 -24.08 -34.51
N TRP D 190 -25.59 -24.36 -35.82
CA TRP D 190 -26.77 -24.61 -36.63
C TRP D 190 -26.45 -25.65 -37.69
N TRP D 191 -27.52 -26.25 -38.24
CA TRP D 191 -27.38 -27.39 -39.14
C TRP D 191 -26.70 -27.00 -40.44
N ASN D 192 -25.86 -27.89 -40.95
CA ASN D 192 -25.19 -27.69 -42.23
C ASN D 192 -26.14 -28.10 -43.35
N PHE D 193 -27.06 -27.20 -43.67
CA PHE D 193 -28.07 -27.39 -44.71
C PHE D 193 -27.39 -27.19 -46.06
N GLY D 194 -27.24 -28.26 -46.83
CA GLY D 194 -26.67 -28.17 -48.16
C GLY D 194 -27.74 -28.10 -49.24
N GLY D 195 -27.35 -27.57 -50.41
CA GLY D 195 -28.17 -27.67 -51.61
C GLY D 195 -28.49 -26.32 -52.23
N ILE D 196 -29.38 -26.36 -53.22
CA ILE D 196 -29.86 -25.13 -53.87
C ILE D 196 -31.04 -24.67 -53.00
N THR D 197 -30.73 -23.80 -52.05
CA THR D 197 -31.61 -23.51 -50.91
C THR D 197 -32.60 -22.38 -51.18
N ARG D 198 -32.38 -21.59 -52.21
CA ARG D 198 -33.30 -20.53 -52.60
C ARG D 198 -33.58 -20.64 -54.09
N PRO D 199 -34.65 -20.00 -54.56
CA PRO D 199 -35.11 -20.20 -55.94
C PRO D 199 -34.06 -19.88 -56.99
N VAL D 200 -34.24 -20.51 -58.15
CA VAL D 200 -33.42 -20.32 -59.34
C VAL D 200 -34.28 -19.61 -60.38
N THR D 201 -33.75 -18.51 -60.92
CA THR D 201 -34.56 -17.61 -61.74
C THR D 201 -33.85 -17.25 -63.04
N LEU D 202 -34.59 -17.32 -64.14
CA LEU D 202 -34.18 -16.73 -65.41
C LEU D 202 -34.67 -15.30 -65.49
N ILE D 203 -33.76 -14.36 -65.73
CA ILE D 203 -34.08 -12.94 -65.80
C ILE D 203 -33.78 -12.45 -67.21
N GLU D 204 -34.82 -12.00 -67.92
CA GLU D 204 -34.64 -11.38 -69.24
C GLU D 204 -34.54 -9.86 -69.10
N MET D 205 -33.61 -9.26 -69.85
CA MET D 205 -33.33 -7.85 -69.80
C MET D 205 -33.26 -7.27 -71.20
N PRO D 206 -33.55 -5.97 -71.35
CA PRO D 206 -33.19 -5.27 -72.59
C PRO D 206 -31.68 -5.25 -72.78
N ALA D 207 -31.26 -4.88 -73.99
CA ALA D 207 -29.83 -4.92 -74.32
C ALA D 207 -29.02 -3.99 -73.41
N THR D 208 -29.57 -2.83 -73.06
CA THR D 208 -29.03 -1.96 -72.03
C THR D 208 -30.06 -1.86 -70.92
N TYR D 209 -29.65 -2.13 -69.69
CA TYR D 209 -30.63 -2.28 -68.62
C TYR D 209 -30.16 -1.55 -67.38
N ILE D 210 -31.14 -1.24 -66.52
CA ILE D 210 -30.87 -0.67 -65.20
C ILE D 210 -30.44 -1.82 -64.29
N ARG D 211 -29.16 -1.87 -63.94
CA ARG D 211 -28.69 -3.00 -63.14
C ARG D 211 -28.81 -2.74 -61.64
N ASP D 212 -28.50 -1.52 -61.21
CA ASP D 212 -28.38 -1.21 -59.80
C ASP D 212 -28.90 0.20 -59.57
N TYR D 213 -29.37 0.45 -58.35
CA TYR D 213 -29.83 1.80 -58.01
C TYR D 213 -29.98 1.88 -56.51
N TYR D 214 -29.96 3.11 -56.01
CA TYR D 214 -30.06 3.40 -54.60
C TYR D 214 -30.97 4.61 -54.44
N VAL D 215 -31.93 4.53 -53.52
CA VAL D 215 -32.87 5.62 -53.27
C VAL D 215 -33.25 5.61 -51.80
N GLN D 216 -32.68 6.54 -51.02
CA GLN D 216 -32.89 6.64 -49.58
C GLN D 216 -32.73 8.09 -49.16
N LEU D 217 -33.15 8.40 -47.94
CA LEU D 217 -32.86 9.73 -47.41
C LEU D 217 -31.35 9.91 -47.28
N ALA D 218 -30.89 11.15 -47.49
CA ALA D 218 -29.53 11.46 -47.12
C ALA D 218 -29.36 11.29 -45.61
N LYS D 219 -28.11 11.22 -45.17
CA LYS D 219 -27.83 10.92 -43.77
C LYS D 219 -28.39 12.01 -42.85
N ASP D 220 -29.22 11.61 -41.90
CA ASP D 220 -29.76 12.51 -40.86
C ASP D 220 -30.59 13.64 -41.45
N ASP D 221 -31.19 13.45 -42.63
CA ASP D 221 -31.92 14.53 -43.30
C ASP D 221 -33.29 14.04 -43.77
N LYS D 222 -34.33 14.41 -43.01
CA LYS D 222 -35.70 14.04 -43.35
C LYS D 222 -36.22 14.75 -44.58
N ASN D 223 -35.48 15.71 -45.14
CA ASN D 223 -36.00 16.56 -46.21
C ASN D 223 -35.26 16.39 -47.53
N MET D 224 -34.35 15.43 -47.63
CA MET D 224 -33.56 15.26 -48.85
C MET D 224 -33.45 13.77 -49.19
N ILE D 225 -33.90 13.41 -50.38
CA ILE D 225 -33.70 12.07 -50.93
C ILE D 225 -32.44 12.09 -51.79
N GLU D 226 -31.53 11.15 -51.55
CA GLU D 226 -30.37 10.99 -52.41
C GLU D 226 -30.36 9.59 -53.01
N GLY D 227 -29.61 9.44 -54.10
CA GLY D 227 -29.56 8.15 -54.75
C GLY D 227 -28.72 8.21 -56.00
N TRP D 228 -28.66 7.08 -56.68
CA TRP D 228 -27.90 6.95 -57.91
C TRP D 228 -28.48 5.78 -58.69
N VAL D 229 -28.04 5.66 -59.94
CA VAL D 229 -28.51 4.61 -60.82
C VAL D 229 -27.34 4.18 -61.69
N GLN D 230 -27.31 2.89 -62.04
CA GLN D 230 -26.19 2.33 -62.78
C GLN D 230 -26.73 1.47 -63.91
N LEU D 231 -26.40 1.85 -65.14
CA LEU D 231 -26.83 1.13 -66.33
C LEU D 231 -25.74 0.15 -66.77
N GLU D 232 -26.18 -0.90 -67.47
CA GLU D 232 -25.28 -1.91 -67.99
C GLU D 232 -25.64 -2.18 -69.45
N GLY D 233 -24.63 -2.08 -70.33
CA GLY D 233 -24.87 -2.32 -71.75
C GLY D 233 -24.18 -1.33 -72.67
N SER D 234 -24.39 -1.47 -73.99
CA SER D 234 -23.67 -0.63 -74.95
C SER D 234 -24.23 0.79 -75.05
N ASP D 235 -25.46 1.01 -74.58
CA ASP D 235 -26.04 2.34 -74.59
C ASP D 235 -26.07 2.95 -73.19
N LYS D 236 -24.90 3.15 -72.60
CA LYS D 236 -24.82 3.57 -71.20
C LYS D 236 -25.10 5.05 -70.98
N GLU D 237 -25.15 5.86 -72.03
CA GLU D 237 -25.47 7.28 -71.87
C GLU D 237 -26.93 7.49 -72.25
N GLN D 238 -27.80 7.60 -71.24
CA GLN D 238 -29.22 7.77 -71.47
C GLN D 238 -29.82 8.78 -70.51
N LYS D 239 -31.00 9.28 -70.88
CA LYS D 239 -31.83 10.06 -69.98
C LYS D 239 -32.61 9.12 -69.08
N ILE D 240 -32.58 9.40 -67.78
CA ILE D 240 -33.19 8.54 -66.76
C ILE D 240 -34.12 9.39 -65.91
N THR D 241 -35.34 8.89 -65.68
CA THR D 241 -36.31 9.57 -64.83
C THR D 241 -36.62 8.74 -63.59
N LEU D 242 -36.49 9.37 -62.42
CA LEU D 242 -36.95 8.80 -61.17
C LEU D 242 -38.33 9.36 -60.86
N ASP D 243 -39.32 8.48 -60.71
CA ASP D 243 -40.69 8.87 -60.46
C ASP D 243 -41.16 8.33 -59.12
N ILE D 244 -41.59 9.22 -58.23
CA ILE D 244 -42.30 8.81 -57.02
C ILE D 244 -43.64 9.52 -57.01
N PRO D 245 -44.69 8.93 -57.58
CA PRO D 245 -45.91 9.70 -57.85
C PRO D 245 -46.60 10.25 -56.60
N GLU D 246 -46.76 9.41 -55.57
CA GLU D 246 -47.40 9.89 -54.35
C GLU D 246 -46.68 11.10 -53.79
N LEU D 247 -45.39 11.24 -54.09
CA LEU D 247 -44.58 12.38 -53.64
C LEU D 247 -44.50 13.49 -54.68
N LYS D 248 -45.13 13.34 -55.85
CA LYS D 248 -45.05 14.39 -56.87
C LYS D 248 -43.60 14.60 -57.32
N VAL D 249 -42.76 13.57 -57.20
CA VAL D 249 -41.36 13.62 -57.60
C VAL D 249 -41.21 13.03 -59.00
N LYS D 250 -40.75 13.87 -59.93
CA LYS D 250 -40.39 13.44 -61.29
C LYS D 250 -39.04 14.10 -61.58
N LYS D 251 -37.97 13.31 -61.52
CA LYS D 251 -36.61 13.82 -61.54
C LYS D 251 -35.85 13.17 -62.68
N GLU D 252 -35.38 13.98 -63.63
CA GLU D 252 -34.70 13.46 -64.82
C GLU D 252 -33.23 13.85 -64.77
N VAL D 253 -32.37 12.87 -65.00
CA VAL D 253 -30.93 13.05 -65.02
C VAL D 253 -30.39 12.36 -66.28
N THR D 254 -29.07 12.43 -66.46
CA THR D 254 -28.42 11.82 -67.61
C THR D 254 -27.16 11.11 -67.16
N THR D 255 -27.06 9.80 -67.43
CA THR D 255 -25.91 9.01 -67.03
C THR D 255 -24.66 9.47 -67.76
N ASP D 256 -23.51 9.30 -67.10
CA ASP D 256 -22.23 9.63 -67.71
C ASP D 256 -21.80 8.49 -68.64
N ALA D 257 -20.55 8.54 -69.13
CA ALA D 257 -20.07 7.54 -70.07
C ALA D 257 -19.95 6.16 -69.45
N ASN D 258 -19.95 6.06 -68.12
CA ASN D 258 -19.91 4.79 -67.44
C ASN D 258 -21.29 4.29 -67.04
N GLY D 259 -22.35 4.95 -67.50
CA GLY D 259 -23.69 4.53 -67.19
C GLY D 259 -24.16 4.90 -65.80
N TYR D 260 -23.52 5.85 -65.15
CA TYR D 260 -23.79 6.20 -63.77
C TYR D 260 -24.40 7.59 -63.69
N ALA D 261 -25.33 7.77 -62.76
CA ALA D 261 -25.89 9.08 -62.47
C ALA D 261 -26.27 9.13 -61.00
N SER D 262 -26.06 10.28 -60.38
CA SER D 262 -26.48 10.52 -59.01
C SER D 262 -27.53 11.62 -59.00
N PHE D 263 -28.24 11.75 -57.88
CA PHE D 263 -29.25 12.79 -57.79
C PHE D 263 -29.53 13.13 -56.33
N LEU D 264 -29.94 14.38 -56.11
CA LEU D 264 -30.44 14.86 -54.83
C LEU D 264 -31.81 15.48 -55.09
N ILE D 265 -32.78 15.12 -54.24
CA ILE D 265 -34.18 15.47 -54.44
C ILE D 265 -34.73 15.96 -53.10
N LYS D 266 -35.05 17.25 -53.03
CA LYS D 266 -35.69 17.79 -51.84
C LYS D 266 -37.14 17.33 -51.77
N SER D 267 -37.47 16.61 -50.69
CA SER D 267 -38.81 16.07 -50.50
C SER D 267 -39.02 15.83 -49.01
N LYS D 268 -40.29 15.71 -48.62
CA LYS D 268 -40.68 15.46 -47.23
C LYS D 268 -41.59 14.24 -47.16
N PRO D 269 -41.07 13.05 -47.36
CA PRO D 269 -41.91 11.86 -47.32
C PRO D 269 -42.39 11.56 -45.91
N ILE D 270 -43.57 10.91 -45.84
CA ILE D 270 -43.97 10.27 -44.60
C ILE D 270 -42.91 9.22 -44.26
N LEU D 271 -42.44 9.23 -43.02
CA LEU D 271 -41.29 8.40 -42.65
C LEU D 271 -41.75 7.06 -42.08
N TRP D 272 -41.01 6.02 -42.46
CA TRP D 272 -41.32 4.64 -42.09
C TRP D 272 -41.06 4.41 -40.60
N THR D 273 -42.01 3.79 -39.94
CA THR D 273 -41.88 3.35 -38.56
C THR D 273 -42.48 1.96 -38.43
N PRO D 274 -42.11 1.21 -37.39
CA PRO D 274 -42.78 -0.08 -37.16
C PRO D 274 -44.29 0.03 -37.05
N GLU D 275 -44.77 1.12 -36.42
CA GLU D 275 -46.21 1.31 -36.27
C GLU D 275 -46.89 1.72 -37.57
N ASN D 276 -46.18 2.46 -38.42
CA ASN D 276 -46.69 2.84 -39.74
C ASN D 276 -45.57 2.61 -40.74
N PRO D 277 -45.43 1.38 -41.25
CA PRO D 277 -44.32 1.04 -42.17
C PRO D 277 -44.61 1.52 -43.59
N LYS D 278 -44.55 2.84 -43.76
CA LYS D 278 -44.94 3.48 -45.02
C LYS D 278 -43.92 3.23 -46.11
N LEU D 279 -44.39 2.71 -47.24
CA LEU D 279 -43.57 2.42 -48.41
C LEU D 279 -44.12 3.20 -49.60
N TYR D 280 -43.22 3.77 -50.39
CA TYR D 280 -43.59 4.52 -51.59
C TYR D 280 -43.30 3.72 -52.85
N ALA D 281 -44.22 3.81 -53.81
CA ALA D 281 -43.98 3.28 -55.14
C ALA D 281 -42.96 4.17 -55.86
N VAL D 282 -41.81 3.60 -56.16
CA VAL D 282 -40.72 4.29 -56.87
C VAL D 282 -40.59 3.64 -58.24
N ASN D 283 -40.60 4.46 -59.29
CA ASN D 283 -40.44 3.98 -60.66
C ASN D 283 -39.21 4.60 -61.28
N LEU D 284 -38.28 3.76 -61.72
CA LEU D 284 -37.13 4.21 -62.49
C LEU D 284 -37.34 3.84 -63.95
N ALA D 285 -37.00 4.76 -64.85
CA ALA D 285 -37.25 4.56 -66.27
C ALA D 285 -36.15 5.25 -67.06
N SER D 286 -35.37 4.47 -67.80
CA SER D 286 -34.39 4.99 -68.73
C SER D 286 -34.95 4.89 -70.15
N GLU D 287 -34.13 5.24 -71.14
CA GLU D 287 -34.59 5.10 -72.52
C GLU D 287 -34.86 3.66 -72.89
N THR D 288 -34.17 2.70 -72.25
CA THR D 288 -34.17 1.31 -72.67
C THR D 288 -34.68 0.34 -71.61
N ASP D 289 -35.02 0.80 -70.41
CA ASP D 289 -35.40 -0.12 -69.34
C ASP D 289 -36.33 0.62 -68.39
N LYS D 290 -37.09 -0.16 -67.61
CA LYS D 290 -37.86 0.43 -66.53
C LYS D 290 -38.08 -0.63 -65.45
N VAL D 291 -38.13 -0.18 -64.20
CA VAL D 291 -38.27 -1.08 -63.06
C VAL D 291 -38.99 -0.33 -61.96
N SER D 292 -39.87 -1.03 -61.24
CA SER D 292 -40.61 -0.46 -60.12
C SER D 292 -40.20 -1.12 -58.82
N ASP D 293 -40.24 -0.35 -57.74
CA ASP D 293 -39.85 -0.81 -56.41
C ASP D 293 -40.80 -0.21 -55.40
N GLU D 294 -40.76 -0.75 -54.18
CA GLU D 294 -41.44 -0.16 -53.03
C GLU D 294 -40.37 0.16 -52.00
N ILE D 295 -40.21 1.45 -51.68
CA ILE D 295 -39.09 1.92 -50.87
C ILE D 295 -39.61 2.89 -49.81
N GLY D 296 -39.14 2.72 -48.57
CA GLY D 296 -39.48 3.62 -47.49
C GLY D 296 -38.30 4.51 -47.13
N PHE D 297 -38.59 5.50 -46.28
CA PHE D 297 -37.63 6.54 -45.91
C PHE D 297 -37.65 6.72 -44.40
N ARG D 298 -36.47 6.75 -43.80
CA ARG D 298 -36.33 6.95 -42.35
C ARG D 298 -34.92 7.39 -42.05
N THR D 299 -34.75 8.15 -40.98
CA THR D 299 -33.43 8.46 -40.48
C THR D 299 -33.11 7.57 -39.28
N ILE D 300 -31.82 7.34 -39.04
CA ILE D 300 -31.40 6.48 -37.94
C ILE D 300 -30.06 6.97 -37.41
N ARG D 301 -29.98 7.19 -36.09
CA ARG D 301 -28.70 7.51 -35.48
C ARG D 301 -28.75 7.19 -34.00
N THR D 302 -27.58 7.21 -33.39
CA THR D 302 -27.44 7.13 -31.95
C THR D 302 -27.08 8.50 -31.39
N GLU D 303 -27.48 8.73 -30.14
CA GLU D 303 -27.16 9.97 -29.43
C GLU D 303 -26.95 9.56 -27.99
N GLY D 304 -25.69 9.55 -27.53
CA GLY D 304 -25.43 8.98 -26.22
C GLY D 304 -25.91 7.54 -26.19
N ILE D 305 -26.74 7.20 -25.19
CA ILE D 305 -27.21 5.84 -25.03
C ILE D 305 -28.53 5.62 -25.76
N LYS D 306 -28.98 6.60 -26.52
CA LYS D 306 -30.25 6.52 -27.21
C LYS D 306 -30.04 6.06 -28.65
N ILE D 307 -30.97 5.25 -29.16
CA ILE D 307 -31.12 4.98 -30.59
C ILE D 307 -32.32 5.79 -31.08
N LEU D 308 -32.11 6.62 -32.10
CA LEU D 308 -33.11 7.58 -32.57
C LEU D 308 -33.57 7.19 -33.97
N LEU D 309 -34.84 6.81 -34.09
CA LEU D 309 -35.47 6.55 -35.39
C LEU D 309 -36.36 7.75 -35.74
N ASN D 310 -36.03 8.43 -36.83
CA ASN D 310 -36.79 9.59 -37.24
C ASN D 310 -36.80 10.64 -36.13
N ASP D 311 -35.66 10.75 -35.43
CA ASP D 311 -35.43 11.70 -34.34
C ASP D 311 -36.12 11.32 -33.04
N LYS D 312 -36.76 10.15 -32.97
CA LYS D 312 -37.47 9.74 -31.76
C LYS D 312 -36.72 8.60 -31.06
N GLU D 313 -36.58 8.69 -29.75
CA GLU D 313 -36.00 7.59 -28.99
C GLU D 313 -36.88 6.37 -29.12
N ILE D 314 -36.27 5.24 -29.49
CA ILE D 314 -36.98 3.97 -29.63
C ILE D 314 -36.26 2.91 -28.79
N PHE D 315 -36.99 1.85 -28.46
CA PHE D 315 -36.41 0.64 -27.89
C PHE D 315 -36.62 -0.47 -28.90
N CYS D 316 -35.57 -1.26 -29.15
CA CYS D 316 -35.66 -2.36 -30.09
C CYS D 316 -36.18 -3.57 -29.32
N ARG D 317 -37.50 -3.76 -29.37
CA ARG D 317 -38.19 -4.89 -28.75
C ARG D 317 -38.10 -6.01 -29.76
N GLY D 318 -37.05 -6.84 -29.64
CA GLY D 318 -36.66 -7.72 -30.71
C GLY D 318 -36.75 -9.20 -30.38
N ILE D 319 -36.56 -10.00 -31.41
CA ILE D 319 -36.39 -11.44 -31.25
C ILE D 319 -35.48 -11.91 -32.38
N SER D 320 -34.62 -12.90 -32.07
CA SER D 320 -33.73 -13.47 -33.08
C SER D 320 -34.45 -14.57 -33.85
N ILE D 321 -34.02 -14.80 -35.09
CA ILE D 321 -34.65 -15.80 -35.95
C ILE D 321 -33.59 -16.41 -36.87
N HIS D 322 -33.55 -17.73 -36.93
CA HIS D 322 -32.81 -18.42 -38.00
C HIS D 322 -33.68 -18.54 -39.25
N GLU D 323 -33.04 -18.83 -40.39
CA GLU D 323 -33.74 -19.02 -41.66
C GLU D 323 -34.23 -20.47 -41.77
N GLU D 324 -35.20 -20.80 -40.93
CA GLU D 324 -35.67 -22.18 -40.83
C GLU D 324 -37.18 -22.17 -40.70
N THR D 325 -37.84 -23.17 -41.31
CA THR D 325 -39.29 -23.09 -41.49
C THR D 325 -40.05 -23.62 -40.28
N PRO D 326 -41.22 -23.02 -40.03
CA PRO D 326 -42.19 -23.61 -39.11
C PRO D 326 -42.50 -25.07 -39.46
N TYR D 327 -42.68 -25.88 -38.42
CA TYR D 327 -43.18 -27.25 -38.49
C TYR D 327 -42.15 -28.26 -38.98
N TYR D 328 -41.64 -28.13 -40.22
CA TYR D 328 -40.73 -29.14 -40.74
C TYR D 328 -39.26 -28.75 -40.67
N SER D 329 -38.95 -27.51 -40.31
CA SER D 329 -37.58 -27.11 -39.94
C SER D 329 -36.57 -27.36 -41.05
N GLY D 330 -36.93 -26.96 -42.28
CA GLY D 330 -35.99 -26.88 -43.36
C GLY D 330 -35.58 -25.43 -43.60
N ARG D 331 -34.74 -25.24 -44.62
CA ARG D 331 -34.33 -23.89 -44.99
C ARG D 331 -35.52 -23.09 -45.51
N ALA D 332 -35.70 -21.90 -44.97
CA ALA D 332 -36.83 -21.06 -45.35
C ALA D 332 -36.49 -20.29 -46.62
N TYR D 333 -37.50 -20.06 -47.46
CA TYR D 333 -37.25 -19.31 -48.69
C TYR D 333 -38.45 -18.51 -49.20
N SER D 334 -39.67 -18.84 -48.77
CA SER D 334 -40.87 -18.28 -49.38
C SER D 334 -41.51 -17.18 -48.53
N LYS D 335 -42.41 -16.44 -49.18
CA LYS D 335 -43.16 -15.41 -48.46
C LYS D 335 -44.07 -16.04 -47.40
N ASP D 336 -44.65 -17.22 -47.69
CA ASP D 336 -45.39 -17.97 -46.67
C ASP D 336 -44.53 -18.19 -45.43
N HIS D 337 -43.31 -18.70 -45.62
CA HIS D 337 -42.43 -18.95 -44.48
C HIS D 337 -42.20 -17.68 -43.70
N ALA D 338 -41.89 -16.60 -44.41
CA ALA D 338 -41.60 -15.34 -43.73
C ALA D 338 -42.83 -14.82 -43.00
N HIS D 339 -44.00 -14.89 -43.61
CA HIS D 339 -45.18 -14.33 -42.97
C HIS D 339 -45.52 -15.09 -41.69
N THR D 340 -45.33 -16.40 -41.68
CA THR D 340 -45.63 -17.20 -40.49
C THR D 340 -44.71 -16.83 -39.34
N LEU D 341 -43.39 -16.84 -39.57
CA LEU D 341 -42.45 -16.50 -38.50
C LEU D 341 -42.70 -15.07 -37.99
N LEU D 342 -42.88 -14.13 -38.91
CA LEU D 342 -43.07 -12.74 -38.50
C LEU D 342 -44.40 -12.54 -37.80
N SER D 343 -45.40 -13.39 -38.07
CA SER D 343 -46.65 -13.24 -37.34
C SER D 343 -46.50 -13.69 -35.89
N TRP D 344 -45.61 -14.64 -35.65
CA TRP D 344 -45.26 -15.01 -34.27
C TRP D 344 -44.55 -13.86 -33.58
N ALA D 345 -43.60 -13.22 -34.25
CA ALA D 345 -42.90 -12.08 -33.66
C ALA D 345 -43.87 -10.90 -33.46
N LYS D 346 -44.82 -10.73 -34.38
CA LYS D 346 -45.85 -9.71 -34.16
C LYS D 346 -46.63 -9.97 -32.88
N GLU D 347 -47.11 -11.20 -32.70
CA GLU D 347 -47.86 -11.54 -31.48
C GLU D 347 -47.01 -11.37 -30.23
N LEU D 348 -45.72 -11.66 -30.34
CA LEU D 348 -44.78 -11.48 -29.23
C LEU D 348 -44.63 -10.02 -28.84
N GLY D 349 -45.01 -9.08 -29.71
CA GLY D 349 -44.89 -7.68 -29.42
C GLY D 349 -43.63 -7.03 -29.94
N CYS D 350 -42.96 -7.64 -30.90
CA CYS D 350 -41.70 -7.13 -31.40
C CYS D 350 -41.90 -5.98 -32.39
N ASN D 351 -40.96 -5.06 -32.39
CA ASN D 351 -40.81 -4.11 -33.48
C ASN D 351 -39.49 -4.32 -34.20
N PHE D 352 -38.80 -5.43 -33.95
CA PHE D 352 -37.44 -5.61 -34.39
C PHE D 352 -37.16 -7.11 -34.46
N VAL D 353 -36.46 -7.53 -35.53
CA VAL D 353 -36.01 -8.91 -35.65
C VAL D 353 -34.52 -8.93 -35.97
N ARG D 354 -33.77 -9.76 -35.24
CA ARG D 354 -32.39 -10.07 -35.57
C ARG D 354 -32.38 -11.30 -36.48
N LEU D 355 -31.98 -11.13 -37.73
CA LEU D 355 -31.92 -12.23 -38.67
C LEU D 355 -30.50 -12.80 -38.61
N ALA D 356 -30.33 -13.92 -37.90
CA ALA D 356 -29.02 -14.51 -37.70
C ALA D 356 -28.88 -15.77 -38.56
N HIS D 357 -27.65 -16.22 -38.79
CA HIS D 357 -26.39 -15.53 -38.56
C HIS D 357 -25.74 -15.18 -39.90
N TYR D 358 -26.55 -14.87 -40.88
CA TYR D 358 -26.15 -14.78 -42.28
C TYR D 358 -27.27 -14.05 -43.00
N PRO D 359 -27.07 -13.58 -44.23
CA PRO D 359 -28.17 -12.93 -44.93
C PRO D 359 -29.31 -13.91 -45.19
N HIS D 360 -30.53 -13.50 -44.84
CA HIS D 360 -31.69 -14.33 -45.15
C HIS D 360 -32.17 -14.05 -46.57
N ASN D 361 -33.06 -14.93 -47.04
CA ASN D 361 -33.65 -14.74 -48.35
C ASN D 361 -34.35 -13.39 -48.39
N GLU D 362 -34.44 -12.81 -49.59
CA GLU D 362 -34.99 -11.47 -49.74
C GLU D 362 -36.46 -11.42 -49.37
N GLU D 363 -37.15 -12.56 -49.39
CA GLU D 363 -38.57 -12.56 -49.02
C GLU D 363 -38.75 -12.22 -47.55
N MET D 364 -37.86 -12.71 -46.69
CA MET D 364 -37.93 -12.41 -45.27
C MET D 364 -37.71 -10.93 -45.02
N VAL D 365 -36.66 -10.35 -45.60
CA VAL D 365 -36.39 -8.93 -45.43
C VAL D 365 -37.58 -8.10 -45.92
N ARG D 366 -38.15 -8.46 -47.08
CA ARG D 366 -39.26 -7.68 -47.65
C ARG D 366 -40.53 -7.77 -46.82
N GLU D 367 -40.80 -8.92 -46.22
CA GLU D 367 -41.99 -9.05 -45.40
C GLU D 367 -41.80 -8.34 -44.07
N ALA D 368 -40.58 -8.36 -43.51
CA ALA D 368 -40.28 -7.52 -42.36
C ALA D 368 -40.53 -6.06 -42.68
N GLU D 369 -40.10 -5.62 -43.86
CA GLU D 369 -40.29 -4.23 -44.27
C GLU D 369 -41.76 -3.87 -44.38
N ARG D 370 -42.57 -4.76 -44.96
CA ARG D 370 -43.98 -4.48 -45.18
C ARG D 370 -44.79 -4.55 -43.88
N MET D 371 -44.45 -5.51 -43.00
CA MET D 371 -45.18 -5.70 -41.75
C MET D 371 -44.72 -4.77 -40.64
N GLY D 372 -43.52 -4.22 -40.73
CA GLY D 372 -43.09 -3.23 -39.75
C GLY D 372 -42.12 -3.72 -38.71
N PHE D 373 -41.08 -4.42 -39.13
CA PHE D 373 -40.02 -4.85 -38.21
C PHE D 373 -38.71 -4.23 -38.65
N LEU D 374 -38.07 -3.50 -37.75
CA LEU D 374 -36.68 -3.12 -37.92
C LEU D 374 -35.82 -4.38 -37.94
N VAL D 375 -34.68 -4.33 -38.65
CA VAL D 375 -33.90 -5.53 -38.93
C VAL D 375 -32.42 -5.32 -38.64
N TRP D 376 -31.81 -6.35 -38.06
CA TRP D 376 -30.36 -6.52 -37.92
C TRP D 376 -29.97 -7.61 -38.90
N SER D 377 -29.04 -7.30 -39.80
CA SER D 377 -28.64 -8.15 -40.93
C SER D 377 -27.16 -8.49 -40.78
N GLU D 378 -26.83 -9.78 -40.87
CA GLU D 378 -25.53 -10.27 -40.41
C GLU D 378 -24.87 -11.16 -41.45
N ILE D 379 -23.55 -11.16 -41.46
CA ILE D 379 -22.78 -12.17 -42.22
C ILE D 379 -22.16 -13.18 -41.26
N PRO D 380 -21.94 -14.46 -41.71
CA PRO D 380 -21.51 -15.55 -40.82
C PRO D 380 -20.02 -15.55 -40.45
N VAL D 381 -19.51 -14.39 -40.03
CA VAL D 381 -18.17 -14.31 -39.47
C VAL D 381 -18.31 -14.71 -38.01
N TYR D 382 -18.23 -16.01 -37.76
CA TYR D 382 -18.83 -16.66 -36.61
C TYR D 382 -17.79 -17.57 -35.97
N TRP D 383 -17.51 -17.36 -34.68
CA TRP D 383 -16.57 -18.15 -33.88
C TRP D 383 -15.19 -18.11 -34.53
N THR D 384 -14.54 -19.26 -34.75
CA THR D 384 -13.08 -19.33 -34.92
C THR D 384 -12.64 -19.19 -36.38
N ILE D 385 -13.05 -18.07 -36.99
CA ILE D 385 -12.66 -17.76 -38.36
C ILE D 385 -11.14 -17.62 -38.46
N HIS D 386 -10.58 -17.99 -39.61
CA HIS D 386 -9.14 -17.92 -39.84
C HIS D 386 -8.73 -16.50 -40.20
N TRP D 387 -8.46 -15.70 -39.16
CA TRP D 387 -8.21 -14.27 -39.32
C TRP D 387 -6.95 -13.97 -40.11
N GLU D 388 -5.99 -14.89 -40.16
CA GLU D 388 -4.74 -14.64 -40.85
C GLU D 388 -4.78 -15.05 -42.31
N ASN D 389 -5.85 -15.73 -42.75
CA ASN D 389 -5.96 -16.22 -44.11
C ASN D 389 -6.54 -15.13 -44.99
N LYS D 390 -5.76 -14.67 -45.97
CA LYS D 390 -6.20 -13.54 -46.78
C LYS D 390 -7.35 -13.92 -47.70
N ASP D 391 -7.42 -15.18 -48.15
CA ASP D 391 -8.59 -15.65 -48.89
C ASP D 391 -9.85 -15.62 -48.03
N THR D 392 -9.71 -15.98 -46.76
CA THR D 392 -10.84 -15.94 -45.84
C THR D 392 -11.37 -14.52 -45.70
N TYR D 393 -10.47 -13.54 -45.62
CA TYR D 393 -10.92 -12.16 -45.55
C TYR D 393 -11.65 -11.75 -46.82
N GLN D 394 -11.07 -12.06 -47.99
CA GLN D 394 -11.75 -11.70 -49.23
C GLN D 394 -13.15 -12.30 -49.28
N ASN D 395 -13.30 -13.52 -48.79
CA ASN D 395 -14.61 -14.16 -48.75
C ASN D 395 -15.55 -13.39 -47.85
N ALA D 396 -15.13 -13.12 -46.62
CA ALA D 396 -15.95 -12.35 -45.69
C ALA D 396 -16.35 -11.00 -46.28
N GLU D 397 -15.38 -10.27 -46.86
CA GLU D 397 -15.70 -8.96 -47.37
C GLU D 397 -16.63 -9.03 -48.57
N GLN D 398 -16.50 -10.06 -49.42
CA GLN D 398 -17.42 -10.21 -50.54
C GLN D 398 -18.84 -10.46 -50.05
N GLN D 399 -19.00 -11.28 -49.00
CA GLN D 399 -20.32 -11.52 -48.44
C GLN D 399 -20.90 -10.24 -47.83
N LEU D 400 -20.05 -9.45 -47.18
CA LEU D 400 -20.49 -8.15 -46.68
C LEU D 400 -20.96 -7.26 -47.83
N CYS D 401 -20.14 -7.14 -48.88
CA CYS D 401 -20.51 -6.33 -50.03
C CYS D 401 -21.83 -6.78 -50.63
N ASP D 402 -22.00 -8.10 -50.80
CA ASP D 402 -23.21 -8.63 -51.41
C ASP D 402 -24.42 -8.43 -50.52
N MET D 403 -24.23 -8.56 -49.21
CA MET D 403 -25.35 -8.33 -48.29
C MET D 403 -25.87 -6.91 -48.41
N ILE D 404 -24.96 -5.94 -48.38
CA ILE D 404 -25.36 -4.55 -48.41
C ILE D 404 -25.92 -4.18 -49.78
N ALA D 405 -25.32 -4.72 -50.85
CA ALA D 405 -25.73 -4.34 -52.20
C ALA D 405 -27.16 -4.76 -52.50
N ARG D 406 -27.57 -5.94 -52.04
CA ARG D 406 -28.92 -6.42 -52.31
C ARG D 406 -29.96 -5.60 -51.56
N ASP D 407 -29.70 -5.25 -50.30
CA ASP D 407 -30.73 -4.73 -49.42
C ASP D 407 -30.53 -3.26 -49.07
N LYS D 408 -29.67 -2.54 -49.80
CA LYS D 408 -29.37 -1.17 -49.39
C LYS D 408 -30.59 -0.25 -49.42
N ASN D 409 -31.66 -0.61 -50.11
CA ASN D 409 -32.87 0.20 -50.19
C ASN D 409 -33.97 -0.25 -49.24
N ARG D 410 -33.68 -1.18 -48.32
CA ARG D 410 -34.70 -1.63 -47.37
C ARG D 410 -34.52 -0.79 -46.11
N CYS D 411 -35.41 0.17 -45.90
CA CYS D 411 -35.23 1.14 -44.83
C CYS D 411 -35.41 0.52 -43.46
N ASN D 412 -36.04 -0.65 -43.38
CA ASN D 412 -36.22 -1.28 -42.08
C ASN D 412 -34.93 -1.85 -41.52
N ILE D 413 -33.91 -2.12 -42.34
CA ILE D 413 -32.60 -2.52 -41.82
C ILE D 413 -31.91 -1.29 -41.25
N ILE D 414 -31.55 -1.36 -39.97
CA ILE D 414 -30.80 -0.27 -39.33
C ILE D 414 -29.44 -0.69 -38.80
N ILE D 415 -29.15 -2.00 -38.71
CA ILE D 415 -27.88 -2.48 -38.18
C ILE D 415 -27.31 -3.52 -39.15
N TRP D 416 -26.09 -3.29 -39.60
CA TRP D 416 -25.29 -4.34 -40.26
C TRP D 416 -24.38 -4.94 -39.20
N SER D 417 -24.39 -6.27 -39.09
CA SER D 417 -23.57 -6.98 -38.11
C SER D 417 -22.45 -7.71 -38.83
N ILE D 418 -21.22 -7.48 -38.38
CA ILE D 418 -20.05 -8.03 -39.05
C ILE D 418 -19.47 -9.27 -38.37
N ALA D 419 -19.98 -9.68 -37.20
CA ALA D 419 -19.40 -10.86 -36.55
C ALA D 419 -20.29 -11.31 -35.40
N ASN D 420 -20.02 -12.52 -34.91
CA ASN D 420 -20.72 -13.07 -33.74
C ASN D 420 -19.77 -13.96 -32.95
N GLU D 421 -19.55 -13.61 -31.68
CA GLU D 421 -18.80 -14.41 -30.71
C GLU D 421 -17.45 -14.88 -31.26
N THR D 422 -16.65 -13.90 -31.66
CA THR D 422 -15.33 -14.24 -32.17
C THR D 422 -14.28 -14.03 -31.11
N PRO D 423 -13.28 -14.91 -31.02
CA PRO D 423 -12.29 -14.79 -29.94
C PRO D 423 -11.39 -13.58 -30.14
N HIS D 424 -10.98 -12.97 -29.03
CA HIS D 424 -10.15 -11.78 -29.07
C HIS D 424 -8.72 -12.14 -29.45
N SER D 425 -8.17 -11.42 -30.42
CA SER D 425 -6.76 -11.50 -30.78
C SER D 425 -6.46 -10.31 -31.68
N LYS D 426 -5.17 -10.01 -31.84
CA LYS D 426 -4.79 -8.86 -32.67
C LYS D 426 -5.24 -9.07 -34.11
N THR D 427 -4.98 -10.25 -34.67
CA THR D 427 -5.36 -10.49 -36.06
C THR D 427 -6.87 -10.43 -36.23
N ARG D 428 -7.62 -10.91 -35.23
CA ARG D 428 -9.07 -10.84 -35.28
C ARG D 428 -9.56 -9.39 -35.30
N LEU D 429 -8.95 -8.53 -34.48
CA LEU D 429 -9.37 -7.13 -34.45
C LEU D 429 -9.06 -6.43 -35.77
N THR D 430 -7.90 -6.71 -36.38
CA THR D 430 -7.58 -6.13 -37.68
C THR D 430 -8.61 -6.54 -38.71
N PHE D 431 -8.91 -7.84 -38.77
CA PHE D 431 -9.88 -8.41 -39.71
C PHE D 431 -11.23 -7.71 -39.57
N LEU D 432 -11.79 -7.64 -38.36
CA LEU D 432 -13.10 -7.05 -38.20
C LEU D 432 -13.06 -5.53 -38.38
N SER D 433 -11.94 -4.91 -38.05
CA SER D 433 -11.80 -3.48 -38.30
C SER D 433 -11.94 -3.16 -39.78
N ASN D 434 -11.32 -3.98 -40.64
CA ASN D 434 -11.41 -3.76 -42.08
C ASN D 434 -12.83 -3.96 -42.59
N LEU D 435 -13.53 -4.98 -42.07
CA LEU D 435 -14.94 -5.13 -42.43
C LEU D 435 -15.75 -3.91 -42.00
N ALA D 436 -15.53 -3.43 -40.78
CA ALA D 436 -16.27 -2.25 -40.32
C ALA D 436 -16.01 -1.06 -41.23
N ASN D 437 -14.74 -0.83 -41.58
CA ASN D 437 -14.41 0.27 -42.48
C ASN D 437 -15.08 0.10 -43.83
N LYS D 438 -15.03 -1.12 -44.38
CA LYS D 438 -15.70 -1.39 -45.65
C LYS D 438 -17.19 -1.13 -45.55
N ALA D 439 -17.81 -1.53 -44.43
CA ALA D 439 -19.25 -1.33 -44.28
C ALA D 439 -19.59 0.16 -44.28
N ARG D 440 -18.85 0.95 -43.50
CA ARG D 440 -19.13 2.38 -43.45
C ARG D 440 -18.84 3.06 -44.79
N SER D 441 -17.85 2.55 -45.54
CA SER D 441 -17.57 3.09 -46.86
C SER D 441 -18.68 2.77 -47.85
N LEU D 442 -19.44 1.69 -47.61
CA LEU D 442 -20.56 1.34 -48.46
C LEU D 442 -21.88 1.95 -48.00
N ASP D 443 -22.01 2.26 -46.70
CA ASP D 443 -23.29 2.74 -46.17
C ASP D 443 -22.98 3.65 -44.98
N SER D 444 -23.10 4.95 -45.17
CA SER D 444 -22.82 5.92 -44.12
C SER D 444 -24.03 6.21 -43.25
N VAL D 445 -25.15 5.51 -43.44
CA VAL D 445 -26.35 5.78 -42.67
C VAL D 445 -26.54 4.75 -41.56
N ARG D 446 -26.58 3.47 -41.93
CA ARG D 446 -26.97 2.45 -40.97
C ARG D 446 -25.90 2.25 -39.89
N LEU D 447 -26.32 1.67 -38.77
CA LEU D 447 -25.42 1.41 -37.65
C LEU D 447 -24.64 0.12 -37.89
N ILE D 448 -23.41 0.08 -37.41
CA ILE D 448 -22.55 -1.09 -37.47
C ILE D 448 -22.52 -1.75 -36.10
N GLY D 449 -22.91 -3.03 -36.03
CA GLY D 449 -22.77 -3.79 -34.80
C GLY D 449 -22.08 -5.13 -35.00
N ALA D 450 -22.05 -5.93 -33.95
CA ALA D 450 -21.43 -7.26 -33.95
C ALA D 450 -21.68 -7.88 -32.59
N ALA D 451 -21.94 -9.18 -32.53
CA ALA D 451 -22.25 -9.80 -31.24
C ALA D 451 -20.96 -10.04 -30.49
N MET D 452 -20.71 -9.23 -29.46
CA MET D 452 -19.60 -9.43 -28.54
C MET D 452 -20.04 -10.31 -27.37
N GLU D 453 -19.18 -10.46 -26.37
CA GLU D 453 -19.44 -11.31 -25.23
C GLU D 453 -19.09 -10.56 -23.95
N LYS D 454 -19.64 -11.03 -22.83
CA LYS D 454 -19.46 -10.36 -21.55
C LYS D 454 -18.36 -11.01 -20.73
N GLU D 455 -17.92 -10.29 -19.70
CA GLU D 455 -16.89 -10.74 -18.78
C GLU D 455 -17.31 -10.38 -17.36
N GLU D 456 -16.85 -11.18 -16.40
CA GLU D 456 -17.11 -10.92 -14.98
C GLU D 456 -15.79 -10.46 -14.37
N VAL D 457 -15.51 -9.16 -14.52
CA VAL D 457 -14.21 -8.62 -14.11
C VAL D 457 -14.00 -8.78 -12.61
N GLN D 458 -15.04 -8.52 -11.82
CA GLN D 458 -14.99 -8.76 -10.39
C GLN D 458 -16.20 -9.60 -10.00
N PRO D 459 -16.12 -10.35 -8.90
CA PRO D 459 -17.27 -11.15 -8.49
C PRO D 459 -18.56 -10.34 -8.43
N GLY D 460 -19.52 -10.69 -9.28
CA GLY D 460 -20.80 -10.02 -9.35
C GLY D 460 -20.86 -8.80 -10.25
N VAL D 461 -19.78 -8.48 -10.97
CA VAL D 461 -19.72 -7.28 -11.80
C VAL D 461 -19.47 -7.71 -13.24
N LEU D 462 -20.44 -7.45 -14.12
CA LEU D 462 -20.37 -7.89 -15.51
C LEU D 462 -20.19 -6.68 -16.43
N THR D 463 -19.36 -6.85 -17.46
CA THR D 463 -19.13 -5.77 -18.40
C THR D 463 -18.76 -6.36 -19.76
N VAL D 464 -18.44 -5.47 -20.70
CA VAL D 464 -18.01 -5.83 -22.05
C VAL D 464 -16.77 -4.98 -22.35
N ASN D 465 -15.60 -5.62 -22.33
CA ASN D 465 -14.33 -4.91 -22.45
C ASN D 465 -13.72 -4.99 -23.85
N ASP D 466 -14.26 -5.83 -24.73
CA ASP D 466 -13.79 -6.12 -26.08
C ASP D 466 -13.37 -4.86 -26.83
N PRO D 467 -12.11 -4.76 -27.27
CA PRO D 467 -11.67 -3.60 -28.08
C PRO D 467 -12.42 -3.45 -29.40
N LEU D 468 -13.10 -4.48 -29.89
CA LEU D 468 -13.94 -4.32 -31.06
C LEU D 468 -15.01 -3.27 -30.83
N GLY D 469 -15.43 -3.08 -29.58
CA GLY D 469 -16.52 -2.16 -29.30
C GLY D 469 -16.26 -0.75 -29.78
N GLU D 470 -14.99 -0.36 -29.86
CA GLU D 470 -14.65 0.96 -30.35
C GLU D 470 -15.06 1.17 -31.80
N LEU D 471 -15.20 0.09 -32.57
CA LEU D 471 -15.55 0.19 -33.98
C LEU D 471 -17.06 0.10 -34.23
N LEU D 472 -17.85 -0.20 -33.21
CA LEU D 472 -19.29 -0.34 -33.38
C LEU D 472 -20.02 0.90 -32.88
N ASP D 473 -21.25 1.08 -33.35
CA ASP D 473 -22.09 2.19 -32.90
C ASP D 473 -22.88 1.86 -31.65
N ILE D 474 -22.94 0.58 -31.26
CA ILE D 474 -23.72 0.12 -30.12
C ILE D 474 -22.87 -0.87 -29.35
N ILE D 475 -23.21 -1.07 -28.08
CA ILE D 475 -22.54 -2.08 -27.25
C ILE D 475 -23.40 -3.33 -27.35
N SER D 476 -23.23 -4.05 -28.45
CA SER D 476 -24.05 -5.22 -28.76
C SER D 476 -23.32 -6.47 -28.31
N PHE D 477 -24.00 -7.34 -27.57
CA PHE D 477 -23.32 -8.54 -27.06
C PHE D 477 -24.34 -9.59 -26.65
N ASN D 478 -23.85 -10.82 -26.55
CA ASN D 478 -24.63 -11.97 -26.12
C ASN D 478 -24.34 -12.24 -24.65
N GLU D 479 -25.37 -12.59 -23.90
CA GLU D 479 -25.15 -13.01 -22.52
C GLU D 479 -26.17 -14.07 -22.17
N TYR D 480 -25.76 -15.04 -21.37
CA TYR D 480 -26.62 -16.15 -20.97
C TYR D 480 -26.57 -16.35 -19.47
N VAL D 481 -26.61 -15.26 -18.70
CA VAL D 481 -26.82 -15.37 -17.26
C VAL D 481 -28.07 -16.19 -16.99
N GLY D 482 -27.94 -17.21 -16.13
CA GLY D 482 -29.08 -18.00 -15.74
C GLY D 482 -29.31 -19.24 -16.55
N TRP D 483 -28.54 -19.44 -17.61
CA TRP D 483 -28.58 -20.69 -18.37
C TRP D 483 -27.18 -21.27 -18.44
N TYR D 484 -26.27 -20.66 -19.22
CA TYR D 484 -24.87 -21.10 -19.29
C TYR D 484 -24.03 -20.60 -18.13
N ASP D 485 -24.40 -19.45 -17.55
CA ASP D 485 -23.63 -18.78 -16.51
C ASP D 485 -24.53 -18.69 -15.28
N GLY D 486 -24.53 -19.74 -14.46
CA GLY D 486 -25.32 -19.79 -13.25
C GLY D 486 -26.73 -20.32 -13.49
N ASP D 487 -27.41 -20.62 -12.39
CA ASP D 487 -28.85 -20.86 -12.42
C ASP D 487 -29.59 -19.53 -12.48
N SER D 488 -30.91 -19.58 -12.63
CA SER D 488 -31.70 -18.36 -12.82
C SER D 488 -31.46 -17.32 -11.72
N GLU D 489 -31.17 -17.78 -10.49
CA GLU D 489 -30.96 -16.86 -9.37
C GLU D 489 -29.84 -15.86 -9.64
N LYS D 490 -28.89 -16.19 -10.52
CA LYS D 490 -27.78 -15.28 -10.74
C LYS D 490 -28.27 -14.01 -11.42
N CYS D 491 -29.40 -14.08 -12.11
CA CYS D 491 -30.01 -12.88 -12.65
C CYS D 491 -30.37 -11.90 -11.54
N ASP D 492 -30.69 -12.40 -10.35
CA ASP D 492 -31.17 -11.53 -9.28
C ASP D 492 -30.07 -10.73 -8.60
N ARG D 493 -28.81 -11.12 -8.74
CA ARG D 493 -27.76 -10.51 -7.93
C ARG D 493 -26.61 -9.88 -8.70
N VAL D 494 -26.44 -10.14 -9.98
CA VAL D 494 -25.31 -9.54 -10.67
C VAL D 494 -25.64 -8.10 -11.04
N ASN D 495 -24.60 -7.30 -11.24
CA ASN D 495 -24.76 -5.93 -11.72
C ASN D 495 -23.87 -5.72 -12.95
N TRP D 496 -24.21 -4.68 -13.71
CA TRP D 496 -23.67 -4.42 -15.05
C TRP D 496 -23.10 -3.00 -15.14
N THR D 497 -21.87 -2.88 -15.62
CA THR D 497 -21.28 -1.57 -15.87
C THR D 497 -20.70 -1.50 -17.28
N PHE D 498 -20.61 -0.28 -17.82
CA PHE D 498 -20.06 -0.11 -19.15
C PHE D 498 -19.14 1.09 -19.19
N ASP D 499 -18.03 0.97 -19.93
CA ASP D 499 -16.98 1.97 -19.95
C ASP D 499 -17.22 3.11 -20.94
N THR D 500 -18.25 3.00 -21.77
CA THR D 500 -18.55 4.01 -22.77
C THR D 500 -20.05 4.25 -22.78
N GLN D 501 -20.44 5.45 -23.24
CA GLN D 501 -21.85 5.84 -23.27
C GLN D 501 -22.44 5.69 -24.67
N LYS D 502 -22.40 4.45 -25.16
CA LYS D 502 -23.11 4.06 -26.38
C LYS D 502 -24.33 3.25 -25.99
N PRO D 503 -25.34 3.20 -26.86
CA PRO D 503 -26.53 2.38 -26.54
C PRO D 503 -26.14 0.91 -26.41
N VAL D 504 -26.72 0.25 -25.40
CA VAL D 504 -26.40 -1.15 -25.10
C VAL D 504 -27.47 -2.03 -25.75
N PHE D 505 -27.04 -3.08 -26.44
CA PHE D 505 -27.96 -3.93 -27.18
C PHE D 505 -27.60 -5.38 -26.89
N ILE D 506 -28.47 -6.11 -26.22
CA ILE D 506 -28.20 -7.52 -25.93
C ILE D 506 -28.74 -8.34 -27.10
N SER D 507 -27.83 -8.88 -27.92
CA SER D 507 -28.20 -9.53 -29.17
C SER D 507 -28.61 -10.99 -29.01
N GLU D 508 -28.36 -11.60 -27.85
CA GLU D 508 -28.90 -12.90 -27.51
C GLU D 508 -28.98 -13.01 -25.99
N LEU D 509 -29.98 -13.75 -25.53
CA LEU D 509 -30.16 -14.18 -24.14
C LEU D 509 -31.23 -15.27 -24.13
N GLY D 510 -31.30 -16.03 -23.02
CA GLY D 510 -32.41 -16.96 -22.89
C GLY D 510 -31.97 -18.32 -22.39
N GLY D 511 -32.78 -19.34 -22.69
CA GLY D 511 -32.53 -20.69 -22.22
C GLY D 511 -33.46 -21.66 -22.90
N GLY D 512 -33.16 -22.94 -22.74
CA GLY D 512 -33.88 -23.99 -23.46
C GLY D 512 -35.02 -24.62 -22.69
N ALA D 513 -35.99 -25.13 -23.44
CA ALA D 513 -37.17 -25.79 -22.89
C ALA D 513 -37.84 -26.58 -24.00
N LEU D 514 -38.35 -27.76 -23.65
CA LEU D 514 -39.14 -28.56 -24.60
C LEU D 514 -40.61 -28.30 -24.33
N TYR D 515 -41.35 -27.90 -25.37
CA TYR D 515 -42.78 -27.66 -25.19
C TYR D 515 -43.46 -28.94 -24.74
N GLY D 516 -44.30 -28.83 -23.70
CA GLY D 516 -45.04 -29.96 -23.17
C GLY D 516 -44.28 -30.72 -22.11
N HIS D 517 -43.07 -30.29 -21.79
CA HIS D 517 -42.23 -30.93 -20.78
C HIS D 517 -42.25 -30.05 -19.53
N HIS D 518 -42.84 -30.56 -18.46
CA HIS D 518 -43.13 -29.75 -17.28
C HIS D 518 -42.47 -30.34 -16.05
N GLY D 519 -42.21 -29.48 -15.08
CA GLY D 519 -41.64 -29.93 -13.84
C GLY D 519 -41.42 -28.75 -12.94
N SER D 520 -40.46 -28.89 -12.03
CA SER D 520 -40.14 -27.81 -11.12
C SER D 520 -39.43 -26.70 -11.88
N PRO D 521 -39.61 -25.44 -11.44
CA PRO D 521 -38.86 -24.33 -12.05
C PRO D 521 -37.36 -24.44 -11.86
N LYS D 522 -36.91 -25.37 -11.01
CA LYS D 522 -35.50 -25.70 -10.85
C LYS D 522 -35.00 -26.71 -11.86
N GLU D 523 -35.89 -27.41 -12.57
CA GLU D 523 -35.50 -28.47 -13.49
C GLU D 523 -35.24 -27.89 -14.88
N ARG D 524 -33.98 -27.95 -15.29
CA ARG D 524 -33.63 -27.43 -16.60
C ARG D 524 -34.31 -28.21 -17.71
N PHE D 525 -34.66 -27.48 -18.78
CA PHE D 525 -35.33 -27.90 -20.00
C PHE D 525 -36.85 -28.02 -19.83
N THR D 526 -37.39 -27.86 -18.62
CA THR D 526 -38.83 -27.74 -18.48
C THR D 526 -39.28 -26.34 -18.91
N GLU D 527 -40.56 -26.23 -19.27
CA GLU D 527 -41.11 -24.91 -19.56
C GLU D 527 -41.06 -24.03 -18.32
N GLU D 528 -41.12 -24.63 -17.13
CA GLU D 528 -41.18 -23.83 -15.90
C GLU D 528 -39.85 -23.18 -15.59
N TYR D 529 -38.74 -23.88 -15.86
CA TYR D 529 -37.43 -23.26 -15.68
C TYR D 529 -37.27 -22.09 -16.64
N GLN D 530 -37.56 -22.31 -17.92
CA GLN D 530 -37.44 -21.23 -18.90
C GLN D 530 -38.31 -20.04 -18.53
N GLU D 531 -39.53 -20.28 -18.06
CA GLU D 531 -40.39 -19.19 -17.63
C GLU D 531 -39.75 -18.42 -16.47
N ASP D 532 -39.33 -19.15 -15.43
CA ASP D 532 -38.73 -18.51 -14.27
C ASP D 532 -37.46 -17.77 -14.65
N LEU D 533 -36.67 -18.35 -15.54
CA LEU D 533 -35.47 -17.68 -16.05
C LEU D 533 -35.81 -16.34 -16.68
N TYR D 534 -36.83 -16.29 -17.54
CA TYR D 534 -37.19 -15.04 -18.22
C TYR D 534 -37.79 -14.02 -17.26
N ILE D 535 -38.53 -14.47 -16.26
CA ILE D 535 -39.05 -13.52 -15.26
C ILE D 535 -37.91 -12.80 -14.59
N ARG D 536 -36.91 -13.55 -14.10
CA ARG D 536 -35.78 -12.95 -13.40
C ARG D 536 -34.83 -12.23 -14.35
N HIS D 537 -34.69 -12.73 -15.59
CA HIS D 537 -33.79 -12.09 -16.55
C HIS D 537 -34.36 -10.76 -17.03
N VAL D 538 -35.67 -10.70 -17.29
CA VAL D 538 -36.30 -9.43 -17.63
C VAL D 538 -36.13 -8.42 -16.51
N ASN D 539 -36.27 -8.87 -15.25
CA ASN D 539 -36.05 -7.95 -14.14
C ASN D 539 -34.62 -7.43 -14.12
N MET D 540 -33.65 -8.29 -14.45
CA MET D 540 -32.27 -7.82 -14.58
C MET D 540 -32.14 -6.78 -15.69
N LEU D 541 -32.78 -7.01 -16.84
CA LEU D 541 -32.64 -6.11 -17.98
C LEU D 541 -33.06 -4.69 -17.63
N LYS D 542 -34.05 -4.54 -16.76
CA LYS D 542 -34.52 -3.20 -16.40
C LYS D 542 -33.47 -2.39 -15.66
N ARG D 543 -32.45 -3.04 -15.09
CA ARG D 543 -31.43 -2.34 -14.32
C ARG D 543 -30.11 -2.24 -15.06
N ILE D 544 -30.10 -2.58 -16.35
CA ILE D 544 -28.88 -2.50 -17.16
C ILE D 544 -28.79 -1.09 -17.73
N PRO D 545 -27.85 -0.27 -17.25
CA PRO D 545 -27.79 1.13 -17.69
C PRO D 545 -27.47 1.19 -19.18
N GLY D 546 -28.25 1.98 -19.91
CA GLY D 546 -28.05 2.19 -21.33
C GLY D 546 -28.73 1.20 -22.24
N LEU D 547 -29.48 0.24 -21.71
CA LEU D 547 -30.11 -0.76 -22.57
C LEU D 547 -31.09 -0.09 -23.53
N ALA D 548 -30.95 -0.40 -24.81
CA ALA D 548 -31.78 0.18 -25.85
C ALA D 548 -32.36 -0.86 -26.81
N GLY D 549 -31.98 -2.11 -26.68
CA GLY D 549 -32.55 -3.13 -27.52
C GLY D 549 -32.23 -4.51 -26.99
N THR D 550 -33.12 -5.47 -27.18
CA THR D 550 -32.86 -6.87 -26.88
C THR D 550 -33.44 -7.73 -28.01
N THR D 551 -32.69 -8.73 -28.48
CA THR D 551 -33.21 -9.75 -29.39
C THR D 551 -32.97 -11.14 -28.80
N PRO D 552 -33.83 -11.59 -27.85
CA PRO D 552 -33.57 -12.90 -27.21
C PRO D 552 -33.42 -14.04 -28.21
N TRP D 553 -32.72 -15.07 -27.79
CA TRP D 553 -32.40 -16.25 -28.60
C TRP D 553 -33.26 -17.36 -28.01
N ILE D 554 -34.33 -17.74 -28.72
CA ILE D 554 -34.58 -17.39 -30.12
C ILE D 554 -36.09 -17.51 -30.34
N LEU D 555 -36.59 -17.13 -31.51
CA LEU D 555 -38.03 -17.21 -31.74
C LEU D 555 -38.51 -18.66 -31.81
N LYS D 556 -37.85 -19.49 -32.64
CA LYS D 556 -38.30 -20.85 -32.91
C LYS D 556 -37.16 -21.84 -32.70
N ASP D 557 -37.43 -22.96 -32.00
CA ASP D 557 -36.47 -24.05 -31.93
C ASP D 557 -35.92 -24.35 -33.32
N PHE D 558 -34.62 -24.65 -33.42
CA PHE D 558 -34.02 -24.86 -34.73
C PHE D 558 -33.00 -25.99 -34.68
N ARG D 559 -32.65 -26.50 -35.86
CA ARG D 559 -31.77 -27.67 -35.93
C ARG D 559 -30.34 -27.30 -35.59
N SER D 560 -29.68 -28.15 -34.80
CA SER D 560 -28.28 -27.96 -34.49
C SER D 560 -27.66 -29.31 -34.17
N PRO D 561 -26.50 -29.65 -34.76
CA PRO D 561 -25.84 -30.91 -34.44
C PRO D 561 -25.02 -30.89 -33.17
N ARG D 562 -25.18 -29.86 -32.33
CA ARG D 562 -24.47 -29.75 -31.06
C ARG D 562 -25.41 -29.93 -29.88
N ARG D 563 -26.58 -30.51 -30.10
CA ARG D 563 -27.64 -30.58 -29.09
C ARG D 563 -28.12 -32.03 -29.03
N HIS D 564 -27.62 -32.77 -28.04
CA HIS D 564 -27.71 -34.23 -28.05
C HIS D 564 -28.50 -34.84 -26.88
N VAL D 565 -29.22 -34.06 -26.08
CA VAL D 565 -30.00 -34.68 -25.01
C VAL D 565 -31.18 -35.44 -25.62
N PRO D 566 -31.25 -36.77 -25.46
CA PRO D 566 -32.35 -37.52 -26.09
C PRO D 566 -33.72 -37.18 -25.50
N GLU D 567 -34.72 -37.15 -26.37
CA GLU D 567 -36.11 -36.87 -25.98
C GLU D 567 -36.30 -35.46 -25.45
N ILE D 568 -35.24 -34.67 -25.42
CA ILE D 568 -35.35 -33.27 -25.00
C ILE D 568 -34.93 -32.37 -26.15
N GLN D 569 -33.66 -32.47 -26.57
CA GLN D 569 -33.17 -31.72 -27.74
C GLN D 569 -33.36 -32.47 -29.06
N ASP D 570 -32.85 -33.70 -29.16
CA ASP D 570 -32.99 -34.50 -30.39
C ASP D 570 -32.54 -33.70 -31.62
N ASP D 571 -31.36 -33.10 -31.51
CA ASP D 571 -30.73 -32.37 -32.60
C ASP D 571 -31.40 -31.03 -32.86
N PHE D 572 -32.08 -30.49 -31.85
CA PHE D 572 -32.65 -29.15 -31.89
C PHE D 572 -32.11 -28.31 -30.75
N ASN D 573 -31.75 -27.08 -31.06
CA ASN D 573 -31.55 -26.06 -30.02
C ASN D 573 -32.93 -25.67 -29.53
N ARG D 574 -33.16 -25.78 -28.23
CA ARG D 574 -34.48 -25.64 -27.65
C ARG D 574 -34.70 -24.28 -27.00
N LYS D 575 -33.92 -23.27 -27.39
CA LYS D 575 -34.07 -21.96 -26.77
C LYS D 575 -35.20 -21.14 -27.40
N GLY D 576 -36.01 -21.74 -28.28
CA GLY D 576 -37.13 -21.00 -28.82
C GLY D 576 -38.13 -20.63 -27.75
N LEU D 577 -38.73 -19.45 -27.89
CA LEU D 577 -39.95 -19.13 -27.16
C LEU D 577 -41.16 -19.77 -27.81
N VAL D 578 -41.01 -20.24 -29.05
CA VAL D 578 -42.00 -21.03 -29.76
C VAL D 578 -41.32 -22.34 -30.13
N SER D 579 -42.04 -23.47 -30.00
CA SER D 579 -41.49 -24.74 -30.43
C SER D 579 -41.34 -24.77 -31.95
N ASP D 580 -40.58 -25.75 -32.45
CA ASP D 580 -40.53 -25.93 -33.89
C ASP D 580 -41.90 -26.22 -34.48
N LYS D 581 -42.87 -26.63 -33.65
CA LYS D 581 -44.24 -26.88 -34.10
C LYS D 581 -45.17 -25.71 -33.81
N GLY D 582 -44.63 -24.51 -33.60
CA GLY D 582 -45.46 -23.32 -33.51
C GLY D 582 -46.24 -23.16 -32.23
N GLN D 583 -45.82 -23.82 -31.14
CA GLN D 583 -46.52 -23.74 -29.87
C GLN D 583 -45.80 -22.77 -28.93
N LYS D 584 -46.55 -21.82 -28.36
CA LYS D 584 -45.97 -20.82 -27.47
C LYS D 584 -45.68 -21.42 -26.10
N LYS D 585 -44.41 -21.46 -25.71
CA LYS D 585 -44.04 -21.92 -24.38
C LYS D 585 -44.37 -20.84 -23.35
N LYS D 586 -44.36 -21.27 -22.08
CA LYS D 586 -44.73 -20.35 -21.01
C LYS D 586 -43.90 -19.08 -21.07
N ALA D 587 -42.59 -19.20 -21.35
CA ALA D 587 -41.74 -18.02 -21.34
C ALA D 587 -42.13 -17.02 -22.42
N PHE D 588 -42.77 -17.48 -23.51
CA PHE D 588 -43.23 -16.55 -24.54
C PHE D 588 -43.99 -15.38 -23.93
N PHE D 589 -44.87 -15.66 -22.97
CA PHE D 589 -45.77 -14.66 -22.44
C PHE D 589 -45.08 -13.74 -21.44
N VAL D 590 -43.97 -14.18 -20.85
CA VAL D 590 -43.17 -13.29 -20.02
C VAL D 590 -42.55 -12.19 -20.86
N LEU D 591 -41.90 -12.55 -21.98
CA LEU D 591 -41.34 -11.52 -22.84
C LEU D 591 -42.44 -10.66 -23.47
N GLN D 592 -43.55 -11.28 -23.87
CA GLN D 592 -44.66 -10.51 -24.43
C GLN D 592 -45.14 -9.45 -23.44
N LYS D 593 -45.34 -9.86 -22.18
CA LYS D 593 -45.75 -8.89 -21.16
C LYS D 593 -44.79 -7.72 -21.10
N TRP D 594 -43.47 -8.00 -21.01
CA TRP D 594 -42.49 -6.93 -20.91
C TRP D 594 -42.51 -6.07 -22.16
N TYR D 595 -42.65 -6.69 -23.35
CA TYR D 595 -42.70 -5.90 -24.57
C TYR D 595 -43.93 -5.00 -24.62
N LYS D 596 -45.06 -5.45 -24.09
CA LYS D 596 -46.23 -4.58 -24.00
C LYS D 596 -45.94 -3.35 -23.15
N GLU D 597 -45.18 -3.53 -22.07
CA GLU D 597 -44.87 -2.42 -21.16
C GLU D 597 -43.91 -1.43 -21.80
N LEU D 598 -42.90 -1.93 -22.53
CA LEU D 598 -41.99 -1.05 -23.25
C LEU D 598 -42.70 -0.27 -24.34
N THR D 599 -43.70 -0.90 -24.96
CA THR D 599 -44.47 -0.21 -25.99
C THR D 599 -45.16 1.02 -25.39
N GLU D 600 -45.81 0.86 -24.25
CA GLU D 600 -46.45 2.01 -23.60
C GLU D 600 -45.41 3.01 -23.10
N ALA D 601 -44.29 2.51 -22.55
CA ALA D 601 -43.30 3.39 -21.94
C ALA D 601 -42.62 4.29 -22.96
N TYR D 602 -42.46 3.83 -24.20
CA TYR D 602 -41.80 4.62 -25.23
C TYR D 602 -42.78 5.32 -26.16
N LYS D 603 -44.06 5.36 -25.82
CA LYS D 603 -45.10 5.94 -26.68
C LYS D 603 -44.68 7.29 -27.22
#